data_1ZOX
# 
_entry.id   1ZOX 
# 
_audit_conform.dict_name       mmcif_pdbx.dic 
_audit_conform.dict_version    5.398 
_audit_conform.dict_location   http://mmcif.pdb.org/dictionaries/ascii/mmcif_pdbx.dic 
# 
loop_
_database_2.database_id 
_database_2.database_code 
_database_2.pdbx_database_accession 
_database_2.pdbx_DOI 
PDB   1ZOX         pdb_00001zox 10.2210/pdb1zox/pdb 
RCSB  RCSB032970   ?            ?                   
WWPDB D_1000032970 ?            ?                   
# 
loop_
_pdbx_audit_revision_history.ordinal 
_pdbx_audit_revision_history.data_content_type 
_pdbx_audit_revision_history.major_revision 
_pdbx_audit_revision_history.minor_revision 
_pdbx_audit_revision_history.revision_date 
1 'Structure model' 1 0 2005-05-24 
2 'Structure model' 1 1 2008-04-30 
3 'Structure model' 1 2 2011-07-13 
4 'Structure model' 1 3 2017-10-11 
5 'Structure model' 1 4 2023-08-23 
6 'Structure model' 1 5 2024-10-30 
# 
_pdbx_audit_revision_details.ordinal             1 
_pdbx_audit_revision_details.revision_ordinal    1 
_pdbx_audit_revision_details.data_content_type   'Structure model' 
_pdbx_audit_revision_details.provider            repository 
_pdbx_audit_revision_details.type                'Initial release' 
_pdbx_audit_revision_details.description         ? 
_pdbx_audit_revision_details.details             ? 
# 
loop_
_pdbx_audit_revision_group.ordinal 
_pdbx_audit_revision_group.revision_ordinal 
_pdbx_audit_revision_group.data_content_type 
_pdbx_audit_revision_group.group 
1 2 'Structure model' 'Version format compliance' 
2 3 'Structure model' 'Version format compliance' 
3 4 'Structure model' 'Refinement description'    
4 5 'Structure model' 'Data collection'           
5 5 'Structure model' 'Database references'       
6 5 'Structure model' 'Refinement description'    
7 6 'Structure model' 'Structure summary'         
# 
loop_
_pdbx_audit_revision_category.ordinal 
_pdbx_audit_revision_category.revision_ordinal 
_pdbx_audit_revision_category.data_content_type 
_pdbx_audit_revision_category.category 
1 4 'Structure model' software                      
2 5 'Structure model' chem_comp_atom                
3 5 'Structure model' chem_comp_bond                
4 5 'Structure model' database_2                    
5 5 'Structure model' pdbx_initial_refinement_model 
6 5 'Structure model' struct_ref_seq_dif            
7 6 'Structure model' pdbx_entry_details            
8 6 'Structure model' pdbx_modification_feature     
# 
loop_
_pdbx_audit_revision_item.ordinal 
_pdbx_audit_revision_item.revision_ordinal 
_pdbx_audit_revision_item.data_content_type 
_pdbx_audit_revision_item.item 
1 5 'Structure model' '_database_2.pdbx_DOI'                
2 5 'Structure model' '_database_2.pdbx_database_accession' 
3 5 'Structure model' '_struct_ref_seq_dif.details'         
# 
_pdbx_database_status.entry_id                        1ZOX 
_pdbx_database_status.deposit_site                    RCSB 
_pdbx_database_status.process_site                    RCSB 
_pdbx_database_status.recvd_initial_deposition_date   2005-05-15 
_pdbx_database_status.status_code                     REL 
_pdbx_database_status.status_code_sf                  REL 
_pdbx_database_status.status_code_mr                  ? 
_pdbx_database_status.SG_entry                        Y 
_pdbx_database_status.pdb_format_compatible           Y 
_pdbx_database_status.status_code_cs                  ? 
_pdbx_database_status.methods_development_category    ? 
_pdbx_database_status.status_code_nmr_data            ? 
# 
_pdbx_database_related.db_name        TargetDB 
_pdbx_database_related.db_id          APC35384 
_pdbx_database_related.details        . 
_pdbx_database_related.content_type   unspecified 
# 
loop_
_audit_author.name 
_audit_author.pdbx_ordinal 
'Nelson, C.N.'                                  1 
'Burton, R.L.'                                  2 
'Fremont, D.H.'                                 3 
'Midwest Center for Structural Genomics (MCSG)' 4 
# 
_citation.id                        primary 
_citation.title                     'Crystal Structure of the Mouse CLM-1 Ectodomain' 
_citation.journal_abbrev            'To be Published' 
_citation.journal_volume            ? 
_citation.page_first                ? 
_citation.page_last                 ? 
_citation.year                      ? 
_citation.journal_id_ASTM           ? 
_citation.country                   ? 
_citation.journal_id_ISSN           ? 
_citation.journal_id_CSD            0353 
_citation.book_publisher            ? 
_citation.pdbx_database_id_PubMed   ? 
_citation.pdbx_database_id_DOI      ? 
# 
loop_
_citation_author.citation_id 
_citation_author.name 
_citation_author.ordinal 
_citation_author.identifier_ORCID 
primary 'Burton, R.L.'  1 ? 
primary 'Nelson, C.N.'  2 ? 
primary 'Fremont, D.H.' 3 ? 
# 
loop_
_entity.id 
_entity.type 
_entity.src_method 
_entity.pdbx_description 
_entity.formula_weight 
_entity.pdbx_number_of_molecules 
_entity.pdbx_ec 
_entity.pdbx_mutation 
_entity.pdbx_fragment 
_entity.details 
1 polymer man CLM-1 12786.489 1   ? ? 'Ectodomain (residues 20-131)' ? 
2 water   nat water 18.015    132 ? ? ?                              ? 
# 
_entity_name_com.entity_id   1 
_entity_name_com.name        
'CMRF-35-like molecule-1, DC-derived Ig-like receptor 2, Digr2, polymeric immunoglobulin receptor 3, Pigr3' 
# 
_entity_poly.entity_id                      1 
_entity_poly.type                           'polypeptide(L)' 
_entity_poly.nstd_linkage                   no 
_entity_poly.nstd_monomer                   no 
_entity_poly.pdbx_seq_one_letter_code       
;MEDPVTGPEEVSGQEQGSLTVQCRYTSGWKDYKKYWCQGVPQRSCKTLVETDASEQLVKKNRVSIRDNQRDFIFTVTMED
LRMSDAGIYWCGITKGGLDPMFKVTVNIGPVPT
;
_entity_poly.pdbx_seq_one_letter_code_can   
;MEDPVTGPEEVSGQEQGSLTVQCRYTSGWKDYKKYWCQGVPQRSCKTLVETDASEQLVKKNRVSIRDNQRDFIFTVTMED
LRMSDAGIYWCGITKGGLDPMFKVTVNIGPVPT
;
_entity_poly.pdbx_strand_id                 A 
_entity_poly.pdbx_target_identifier         APC35384 
# 
_pdbx_entity_nonpoly.entity_id   2 
_pdbx_entity_nonpoly.name        water 
_pdbx_entity_nonpoly.comp_id     HOH 
# 
loop_
_entity_poly_seq.entity_id 
_entity_poly_seq.num 
_entity_poly_seq.mon_id 
_entity_poly_seq.hetero 
1 1   MET n 
1 2   GLU n 
1 3   ASP n 
1 4   PRO n 
1 5   VAL n 
1 6   THR n 
1 7   GLY n 
1 8   PRO n 
1 9   GLU n 
1 10  GLU n 
1 11  VAL n 
1 12  SER n 
1 13  GLY n 
1 14  GLN n 
1 15  GLU n 
1 16  GLN n 
1 17  GLY n 
1 18  SER n 
1 19  LEU n 
1 20  THR n 
1 21  VAL n 
1 22  GLN n 
1 23  CYS n 
1 24  ARG n 
1 25  TYR n 
1 26  THR n 
1 27  SER n 
1 28  GLY n 
1 29  TRP n 
1 30  LYS n 
1 31  ASP n 
1 32  TYR n 
1 33  LYS n 
1 34  LYS n 
1 35  TYR n 
1 36  TRP n 
1 37  CYS n 
1 38  GLN n 
1 39  GLY n 
1 40  VAL n 
1 41  PRO n 
1 42  GLN n 
1 43  ARG n 
1 44  SER n 
1 45  CYS n 
1 46  LYS n 
1 47  THR n 
1 48  LEU n 
1 49  VAL n 
1 50  GLU n 
1 51  THR n 
1 52  ASP n 
1 53  ALA n 
1 54  SER n 
1 55  GLU n 
1 56  GLN n 
1 57  LEU n 
1 58  VAL n 
1 59  LYS n 
1 60  LYS n 
1 61  ASN n 
1 62  ARG n 
1 63  VAL n 
1 64  SER n 
1 65  ILE n 
1 66  ARG n 
1 67  ASP n 
1 68  ASN n 
1 69  GLN n 
1 70  ARG n 
1 71  ASP n 
1 72  PHE n 
1 73  ILE n 
1 74  PHE n 
1 75  THR n 
1 76  VAL n 
1 77  THR n 
1 78  MET n 
1 79  GLU n 
1 80  ASP n 
1 81  LEU n 
1 82  ARG n 
1 83  MET n 
1 84  SER n 
1 85  ASP n 
1 86  ALA n 
1 87  GLY n 
1 88  ILE n 
1 89  TYR n 
1 90  TRP n 
1 91  CYS n 
1 92  GLY n 
1 93  ILE n 
1 94  THR n 
1 95  LYS n 
1 96  GLY n 
1 97  GLY n 
1 98  LEU n 
1 99  ASP n 
1 100 PRO n 
1 101 MET n 
1 102 PHE n 
1 103 LYS n 
1 104 VAL n 
1 105 THR n 
1 106 VAL n 
1 107 ASN n 
1 108 ILE n 
1 109 GLY n 
1 110 PRO n 
1 111 VAL n 
1 112 PRO n 
1 113 THR n 
# 
_entity_src_gen.entity_id                          1 
_entity_src_gen.pdbx_src_id                        1 
_entity_src_gen.pdbx_alt_source_flag               sample 
_entity_src_gen.pdbx_seq_type                      ? 
_entity_src_gen.pdbx_beg_seq_num                   ? 
_entity_src_gen.pdbx_end_seq_num                   ? 
_entity_src_gen.gene_src_common_name               'house mouse' 
_entity_src_gen.gene_src_genus                     Mus 
_entity_src_gen.pdbx_gene_src_gene                 CLM-1 
_entity_src_gen.gene_src_species                   ? 
_entity_src_gen.gene_src_strain                    ? 
_entity_src_gen.gene_src_tissue                    ? 
_entity_src_gen.gene_src_tissue_fraction           ? 
_entity_src_gen.gene_src_details                   ? 
_entity_src_gen.pdbx_gene_src_fragment             ? 
_entity_src_gen.pdbx_gene_src_scientific_name      'Mus musculus' 
_entity_src_gen.pdbx_gene_src_ncbi_taxonomy_id     10090 
_entity_src_gen.pdbx_gene_src_variant              ? 
_entity_src_gen.pdbx_gene_src_cell_line            ? 
_entity_src_gen.pdbx_gene_src_atcc                 ? 
_entity_src_gen.pdbx_gene_src_organ                ? 
_entity_src_gen.pdbx_gene_src_organelle            ? 
_entity_src_gen.pdbx_gene_src_cell                 ? 
_entity_src_gen.pdbx_gene_src_cellular_location    ? 
_entity_src_gen.host_org_common_name               ? 
_entity_src_gen.pdbx_host_org_scientific_name      'Escherichia coli' 
_entity_src_gen.pdbx_host_org_ncbi_taxonomy_id     562 
_entity_src_gen.host_org_genus                     Escherichia 
_entity_src_gen.pdbx_host_org_gene                 ? 
_entity_src_gen.pdbx_host_org_organ                ? 
_entity_src_gen.host_org_species                   ? 
_entity_src_gen.pdbx_host_org_tissue               ? 
_entity_src_gen.pdbx_host_org_tissue_fraction      ? 
_entity_src_gen.pdbx_host_org_strain               'BL21(DE3)RIL' 
_entity_src_gen.pdbx_host_org_variant              ? 
_entity_src_gen.pdbx_host_org_cell_line            ? 
_entity_src_gen.pdbx_host_org_atcc                 ? 
_entity_src_gen.pdbx_host_org_culture_collection   ? 
_entity_src_gen.pdbx_host_org_cell                 ? 
_entity_src_gen.pdbx_host_org_organelle            ? 
_entity_src_gen.pdbx_host_org_cellular_location    ? 
_entity_src_gen.pdbx_host_org_vector_type          PLASMID 
_entity_src_gen.pdbx_host_org_vector               ? 
_entity_src_gen.host_org_details                   ? 
_entity_src_gen.expression_system_id               ? 
_entity_src_gen.plasmid_name                       'pET28a(+), Novagen/EMD Biosciences' 
_entity_src_gen.plasmid_details                    ? 
_entity_src_gen.pdbx_description                   ? 
# 
loop_
_chem_comp.id 
_chem_comp.type 
_chem_comp.mon_nstd_flag 
_chem_comp.name 
_chem_comp.pdbx_synonyms 
_chem_comp.formula 
_chem_comp.formula_weight 
ALA 'L-peptide linking' y ALANINE         ? 'C3 H7 N O2'     89.093  
ARG 'L-peptide linking' y ARGININE        ? 'C6 H15 N4 O2 1' 175.209 
ASN 'L-peptide linking' y ASPARAGINE      ? 'C4 H8 N2 O3'    132.118 
ASP 'L-peptide linking' y 'ASPARTIC ACID' ? 'C4 H7 N O4'     133.103 
CYS 'L-peptide linking' y CYSTEINE        ? 'C3 H7 N O2 S'   121.158 
GLN 'L-peptide linking' y GLUTAMINE       ? 'C5 H10 N2 O3'   146.144 
GLU 'L-peptide linking' y 'GLUTAMIC ACID' ? 'C5 H9 N O4'     147.129 
GLY 'peptide linking'   y GLYCINE         ? 'C2 H5 N O2'     75.067  
HOH non-polymer         . WATER           ? 'H2 O'           18.015  
ILE 'L-peptide linking' y ISOLEUCINE      ? 'C6 H13 N O2'    131.173 
LEU 'L-peptide linking' y LEUCINE         ? 'C6 H13 N O2'    131.173 
LYS 'L-peptide linking' y LYSINE          ? 'C6 H15 N2 O2 1' 147.195 
MET 'L-peptide linking' y METHIONINE      ? 'C5 H11 N O2 S'  149.211 
PHE 'L-peptide linking' y PHENYLALANINE   ? 'C9 H11 N O2'    165.189 
PRO 'L-peptide linking' y PROLINE         ? 'C5 H9 N O2'     115.130 
SER 'L-peptide linking' y SERINE          ? 'C3 H7 N O3'     105.093 
THR 'L-peptide linking' y THREONINE       ? 'C4 H9 N O3'     119.119 
TRP 'L-peptide linking' y TRYPTOPHAN      ? 'C11 H12 N2 O2'  204.225 
TYR 'L-peptide linking' y TYROSINE        ? 'C9 H11 N O3'    181.189 
VAL 'L-peptide linking' y VALINE          ? 'C5 H11 N O2'    117.146 
# 
loop_
_pdbx_poly_seq_scheme.asym_id 
_pdbx_poly_seq_scheme.entity_id 
_pdbx_poly_seq_scheme.seq_id 
_pdbx_poly_seq_scheme.mon_id 
_pdbx_poly_seq_scheme.ndb_seq_num 
_pdbx_poly_seq_scheme.pdb_seq_num 
_pdbx_poly_seq_scheme.auth_seq_num 
_pdbx_poly_seq_scheme.pdb_mon_id 
_pdbx_poly_seq_scheme.auth_mon_id 
_pdbx_poly_seq_scheme.pdb_strand_id 
_pdbx_poly_seq_scheme.pdb_ins_code 
_pdbx_poly_seq_scheme.hetero 
A 1 1   MET 1   0   ?   ?   ?   A . n 
A 1 2   GLU 2   1   1   GLU GLU A . n 
A 1 3   ASP 3   2   2   ASP ASP A . n 
A 1 4   PRO 4   3   3   PRO PRO A . n 
A 1 5   VAL 5   4   4   VAL VAL A . n 
A 1 6   THR 6   5   5   THR THR A . n 
A 1 7   GLY 7   6   6   GLY GLY A . n 
A 1 8   PRO 8   7   7   PRO PRO A . n 
A 1 9   GLU 9   8   8   GLU GLU A . n 
A 1 10  GLU 10  9   9   GLU GLU A . n 
A 1 11  VAL 11  10  10  VAL VAL A . n 
A 1 12  SER 12  11  11  SER SER A . n 
A 1 13  GLY 13  12  12  GLY GLY A . n 
A 1 14  GLN 14  13  13  GLN GLN A . n 
A 1 15  GLU 15  14  14  GLU GLU A . n 
A 1 16  GLN 16  15  15  GLN GLN A . n 
A 1 17  GLY 17  16  16  GLY GLY A . n 
A 1 18  SER 18  17  17  SER SER A . n 
A 1 19  LEU 19  18  18  LEU LEU A . n 
A 1 20  THR 20  19  19  THR THR A . n 
A 1 21  VAL 21  20  20  VAL VAL A . n 
A 1 22  GLN 22  21  21  GLN GLN A . n 
A 1 23  CYS 23  22  22  CYS CYS A . n 
A 1 24  ARG 24  23  23  ARG ARG A . n 
A 1 25  TYR 25  24  24  TYR TYR A . n 
A 1 26  THR 26  25  25  THR THR A . n 
A 1 27  SER 27  26  26  SER SER A . n 
A 1 28  GLY 28  27  27  GLY GLY A . n 
A 1 29  TRP 29  28  28  TRP TRP A . n 
A 1 30  LYS 30  29  29  LYS LYS A . n 
A 1 31  ASP 31  30  30  ASP ASP A . n 
A 1 32  TYR 32  31  31  TYR TYR A . n 
A 1 33  LYS 33  32  32  LYS LYS A . n 
A 1 34  LYS 34  33  33  LYS LYS A . n 
A 1 35  TYR 35  34  34  TYR TYR A . n 
A 1 36  TRP 36  35  35  TRP TRP A . n 
A 1 37  CYS 37  36  36  CYS CYS A . n 
A 1 38  GLN 38  37  37  GLN GLN A . n 
A 1 39  GLY 39  38  38  GLY GLY A . n 
A 1 40  VAL 40  39  39  VAL VAL A . n 
A 1 41  PRO 41  40  40  PRO PRO A . n 
A 1 42  GLN 42  41  41  GLN GLN A . n 
A 1 43  ARG 43  42  42  ARG ARG A . n 
A 1 44  SER 44  43  43  SER SER A . n 
A 1 45  CYS 45  44  44  CYS CYS A . n 
A 1 46  LYS 46  45  45  LYS LYS A . n 
A 1 47  THR 47  46  46  THR THR A . n 
A 1 48  LEU 48  47  47  LEU LEU A . n 
A 1 49  VAL 49  48  48  VAL VAL A . n 
A 1 50  GLU 50  49  49  GLU GLU A . n 
A 1 51  THR 51  50  50  THR THR A . n 
A 1 52  ASP 52  51  51  ASP ASP A . n 
A 1 53  ALA 53  52  52  ALA ALA A . n 
A 1 54  SER 54  53  53  SER SER A . n 
A 1 55  GLU 55  54  54  GLU GLU A . n 
A 1 56  GLN 56  55  55  GLN GLN A . n 
A 1 57  LEU 57  56  56  LEU LEU A . n 
A 1 58  VAL 58  57  57  VAL VAL A . n 
A 1 59  LYS 59  58  58  LYS LYS A . n 
A 1 60  LYS 60  59  59  LYS LYS A . n 
A 1 61  ASN 61  60  60  ASN ASN A . n 
A 1 62  ARG 62  61  61  ARG ARG A . n 
A 1 63  VAL 63  62  62  VAL VAL A . n 
A 1 64  SER 64  63  63  SER SER A . n 
A 1 65  ILE 65  64  64  ILE ILE A . n 
A 1 66  ARG 66  65  65  ARG ARG A . n 
A 1 67  ASP 67  66  66  ASP ASP A . n 
A 1 68  ASN 68  67  67  ASN ASN A . n 
A 1 69  GLN 69  68  68  GLN GLN A . n 
A 1 70  ARG 70  69  69  ARG ARG A . n 
A 1 71  ASP 71  70  70  ASP ASP A . n 
A 1 72  PHE 72  71  71  PHE PHE A . n 
A 1 73  ILE 73  72  72  ILE ILE A . n 
A 1 74  PHE 74  73  73  PHE PHE A . n 
A 1 75  THR 75  74  74  THR THR A . n 
A 1 76  VAL 76  75  75  VAL VAL A . n 
A 1 77  THR 77  76  76  THR THR A . n 
A 1 78  MET 78  77  77  MET MET A . n 
A 1 79  GLU 79  78  78  GLU GLU A . n 
A 1 80  ASP 80  79  79  ASP ASP A . n 
A 1 81  LEU 81  80  80  LEU LEU A . n 
A 1 82  ARG 82  81  81  ARG ARG A . n 
A 1 83  MET 83  82  82  MET MET A . n 
A 1 84  SER 84  83  83  SER SER A . n 
A 1 85  ASP 85  84  84  ASP ASP A . n 
A 1 86  ALA 86  85  85  ALA ALA A . n 
A 1 87  GLY 87  86  86  GLY GLY A . n 
A 1 88  ILE 88  87  87  ILE ILE A . n 
A 1 89  TYR 89  88  88  TYR TYR A . n 
A 1 90  TRP 90  89  89  TRP TRP A . n 
A 1 91  CYS 91  90  90  CYS CYS A . n 
A 1 92  GLY 92  91  91  GLY GLY A . n 
A 1 93  ILE 93  92  92  ILE ILE A . n 
A 1 94  THR 94  93  93  THR THR A . n 
A 1 95  LYS 95  94  94  LYS LYS A . n 
A 1 96  GLY 96  95  95  GLY GLY A . n 
A 1 97  GLY 97  96  96  GLY GLY A . n 
A 1 98  LEU 98  97  97  LEU LEU A . n 
A 1 99  ASP 99  98  98  ASP ASP A . n 
A 1 100 PRO 100 99  99  PRO PRO A . n 
A 1 101 MET 101 100 100 MET MET A . n 
A 1 102 PHE 102 101 101 PHE PHE A . n 
A 1 103 LYS 103 102 102 LYS LYS A . n 
A 1 104 VAL 104 103 103 VAL VAL A . n 
A 1 105 THR 105 104 104 THR THR A . n 
A 1 106 VAL 106 105 105 VAL VAL A . n 
A 1 107 ASN 107 106 106 ASN ASN A . n 
A 1 108 ILE 108 107 107 ILE ILE A . n 
A 1 109 GLY 109 108 108 GLY GLY A . n 
A 1 110 PRO 110 109 109 PRO PRO A . n 
A 1 111 VAL 111 110 110 VAL VAL A . n 
A 1 112 PRO 112 111 ?   ?   ?   A . n 
A 1 113 THR 113 112 ?   ?   ?   A . n 
# 
loop_
_pdbx_nonpoly_scheme.asym_id 
_pdbx_nonpoly_scheme.entity_id 
_pdbx_nonpoly_scheme.mon_id 
_pdbx_nonpoly_scheme.ndb_seq_num 
_pdbx_nonpoly_scheme.pdb_seq_num 
_pdbx_nonpoly_scheme.auth_seq_num 
_pdbx_nonpoly_scheme.pdb_mon_id 
_pdbx_nonpoly_scheme.auth_mon_id 
_pdbx_nonpoly_scheme.pdb_strand_id 
_pdbx_nonpoly_scheme.pdb_ins_code 
B 2 HOH 1   113 1   HOH HOH A . 
B 2 HOH 2   114 2   HOH HOH A . 
B 2 HOH 3   115 3   HOH HOH A . 
B 2 HOH 4   116 4   HOH HOH A . 
B 2 HOH 5   117 5   HOH HOH A . 
B 2 HOH 6   118 6   HOH HOH A . 
B 2 HOH 7   119 7   HOH HOH A . 
B 2 HOH 8   120 8   HOH HOH A . 
B 2 HOH 9   121 9   HOH HOH A . 
B 2 HOH 10  122 10  HOH HOH A . 
B 2 HOH 11  123 11  HOH HOH A . 
B 2 HOH 12  124 12  HOH HOH A . 
B 2 HOH 13  125 13  HOH HOH A . 
B 2 HOH 14  126 14  HOH HOH A . 
B 2 HOH 15  127 15  HOH HOH A . 
B 2 HOH 16  128 16  HOH HOH A . 
B 2 HOH 17  129 17  HOH HOH A . 
B 2 HOH 18  130 18  HOH HOH A . 
B 2 HOH 19  131 19  HOH HOH A . 
B 2 HOH 20  132 20  HOH HOH A . 
B 2 HOH 21  133 21  HOH HOH A . 
B 2 HOH 22  134 22  HOH HOH A . 
B 2 HOH 23  135 23  HOH HOH A . 
B 2 HOH 24  136 24  HOH HOH A . 
B 2 HOH 25  137 25  HOH HOH A . 
B 2 HOH 26  138 26  HOH HOH A . 
B 2 HOH 27  139 27  HOH HOH A . 
B 2 HOH 28  140 28  HOH HOH A . 
B 2 HOH 29  141 29  HOH HOH A . 
B 2 HOH 30  142 30  HOH HOH A . 
B 2 HOH 31  143 31  HOH HOH A . 
B 2 HOH 32  144 32  HOH HOH A . 
B 2 HOH 33  145 33  HOH HOH A . 
B 2 HOH 34  146 34  HOH HOH A . 
B 2 HOH 35  147 35  HOH HOH A . 
B 2 HOH 36  148 36  HOH HOH A . 
B 2 HOH 37  149 37  HOH HOH A . 
B 2 HOH 38  150 38  HOH HOH A . 
B 2 HOH 39  151 39  HOH HOH A . 
B 2 HOH 40  152 40  HOH HOH A . 
B 2 HOH 41  153 41  HOH HOH A . 
B 2 HOH 42  154 42  HOH HOH A . 
B 2 HOH 43  155 43  HOH HOH A . 
B 2 HOH 44  156 44  HOH HOH A . 
B 2 HOH 45  157 45  HOH HOH A . 
B 2 HOH 46  158 46  HOH HOH A . 
B 2 HOH 47  159 47  HOH HOH A . 
B 2 HOH 48  160 48  HOH HOH A . 
B 2 HOH 49  161 49  HOH HOH A . 
B 2 HOH 50  162 50  HOH HOH A . 
B 2 HOH 51  163 51  HOH HOH A . 
B 2 HOH 52  164 52  HOH HOH A . 
B 2 HOH 53  165 53  HOH HOH A . 
B 2 HOH 54  166 54  HOH HOH A . 
B 2 HOH 55  167 55  HOH HOH A . 
B 2 HOH 56  168 56  HOH HOH A . 
B 2 HOH 57  169 57  HOH HOH A . 
B 2 HOH 58  170 58  HOH HOH A . 
B 2 HOH 59  171 59  HOH HOH A . 
B 2 HOH 60  172 60  HOH HOH A . 
B 2 HOH 61  173 61  HOH HOH A . 
B 2 HOH 62  174 62  HOH HOH A . 
B 2 HOH 63  175 63  HOH HOH A . 
B 2 HOH 64  176 64  HOH HOH A . 
B 2 HOH 65  177 65  HOH HOH A . 
B 2 HOH 66  178 66  HOH HOH A . 
B 2 HOH 67  179 67  HOH HOH A . 
B 2 HOH 68  180 68  HOH HOH A . 
B 2 HOH 69  181 69  HOH HOH A . 
B 2 HOH 70  182 70  HOH HOH A . 
B 2 HOH 71  183 71  HOH HOH A . 
B 2 HOH 72  184 72  HOH HOH A . 
B 2 HOH 73  185 73  HOH HOH A . 
B 2 HOH 74  186 74  HOH HOH A . 
B 2 HOH 75  187 75  HOH HOH A . 
B 2 HOH 76  188 76  HOH HOH A . 
B 2 HOH 77  189 77  HOH HOH A . 
B 2 HOH 78  190 78  HOH HOH A . 
B 2 HOH 79  191 79  HOH HOH A . 
B 2 HOH 80  192 80  HOH HOH A . 
B 2 HOH 81  193 81  HOH HOH A . 
B 2 HOH 82  194 82  HOH HOH A . 
B 2 HOH 83  195 83  HOH HOH A . 
B 2 HOH 84  196 84  HOH HOH A . 
B 2 HOH 85  197 85  HOH HOH A . 
B 2 HOH 86  198 86  HOH HOH A . 
B 2 HOH 87  199 87  HOH HOH A . 
B 2 HOH 88  200 88  HOH HOH A . 
B 2 HOH 89  201 89  HOH HOH A . 
B 2 HOH 90  202 90  HOH HOH A . 
B 2 HOH 91  203 91  HOH HOH A . 
B 2 HOH 92  204 92  HOH HOH A . 
B 2 HOH 93  205 93  HOH HOH A . 
B 2 HOH 94  206 94  HOH HOH A . 
B 2 HOH 95  207 95  HOH HOH A . 
B 2 HOH 96  208 96  HOH HOH A . 
B 2 HOH 97  209 97  HOH HOH A . 
B 2 HOH 98  210 98  HOH HOH A . 
B 2 HOH 99  211 99  HOH HOH A . 
B 2 HOH 100 212 100 HOH HOH A . 
B 2 HOH 101 213 101 HOH HOH A . 
B 2 HOH 102 214 102 HOH HOH A . 
B 2 HOH 103 215 103 HOH HOH A . 
B 2 HOH 104 216 104 HOH HOH A . 
B 2 HOH 105 217 105 HOH HOH A . 
B 2 HOH 106 218 106 HOH HOH A . 
B 2 HOH 107 219 107 HOH HOH A . 
B 2 HOH 108 220 108 HOH HOH A . 
B 2 HOH 109 221 109 HOH HOH A . 
B 2 HOH 110 222 110 HOH HOH A . 
B 2 HOH 111 223 111 HOH HOH A . 
B 2 HOH 112 224 112 HOH HOH A . 
B 2 HOH 113 225 113 HOH HOH A . 
B 2 HOH 114 226 114 HOH HOH A . 
B 2 HOH 115 227 115 HOH HOH A . 
B 2 HOH 116 228 116 HOH HOH A . 
B 2 HOH 117 229 117 HOH HOH A . 
B 2 HOH 118 230 118 HOH HOH A . 
B 2 HOH 119 231 119 HOH HOH A . 
B 2 HOH 120 232 120 HOH HOH A . 
B 2 HOH 121 233 121 HOH HOH A . 
B 2 HOH 122 234 122 HOH HOH A . 
B 2 HOH 123 235 123 HOH HOH A . 
B 2 HOH 124 236 124 HOH HOH A . 
B 2 HOH 125 237 125 HOH HOH A . 
B 2 HOH 126 238 126 HOH HOH A . 
B 2 HOH 127 239 127 HOH HOH A . 
B 2 HOH 128 240 128 HOH HOH A . 
B 2 HOH 129 241 129 HOH HOH A . 
B 2 HOH 130 242 130 HOH HOH A . 
B 2 HOH 131 243 131 HOH HOH A . 
B 2 HOH 132 244 132 HOH HOH A . 
# 
loop_
_software.name 
_software.version 
_software.date 
_software.type 
_software.contact_author 
_software.contact_author_email 
_software.classification 
_software.location 
_software.language 
_software.citation_id 
_software.pdbx_ordinal 
DENZO     .   ? package 'Zbyszek Otwinowski' zbyszek@mix.swmed.edu       'data reduction' 
http://www.lnls.br/infra/linhasluz/denzo-hkl.htm ?          ? 1 
SCALEPACK .   ? package 'Zbyszek Otwinowski' zbyszek@mix.swmed.edu       'data scaling'   
http://www.lnls.br/infra/linhasluz/denzo-hkl.htm ?          ? 2 
PHASER    .   ? program 'R. J. Read'         cimr-phaser@lists.cam.ac.uk phasing          
http://www-structmed.cimr.cam.ac.uk/phaser/      ?          ? 3 
CNS       1.1 ? package 'Axel T. Brunger'    axel.brunger@yale.edu       refinement       http://cns.csb.yale.edu/v1.1/ Fortran_77 
? 4 
# 
_cell.entry_id           1ZOX 
_cell.length_a           27.480 
_cell.length_b           52.760 
_cell.length_c           70.350 
_cell.angle_alpha        90.00 
_cell.angle_beta         90.00 
_cell.angle_gamma        90.00 
_cell.Z_PDB              4 
_cell.pdbx_unique_axis   ? 
# 
_symmetry.entry_id                         1ZOX 
_symmetry.space_group_name_H-M             'P 21 21 21' 
_symmetry.pdbx_full_space_group_name_H-M   ? 
_symmetry.cell_setting                     ? 
_symmetry.Int_Tables_number                19 
_symmetry.space_group_name_Hall            ? 
# 
_exptl.entry_id          1ZOX 
_exptl.crystals_number   1 
_exptl.method            'X-RAY DIFFRACTION' 
# 
_exptl_crystal.id                    1 
_exptl_crystal.density_Matthews      2.056 
_exptl_crystal.density_meas          ? 
_exptl_crystal.density_percent_sol   35.4 
_exptl_crystal.description           ? 
_exptl_crystal.F_000                 ? 
_exptl_crystal.preparation           ? 
# 
_exptl_crystal_grow.crystal_id      1 
_exptl_crystal_grow.method          'VAPOR DIFFUSION, HANGING DROP' 
_exptl_crystal_grow.pH              7.25 
_exptl_crystal_grow.temp            293.15 
_exptl_crystal_grow.temp_details    ? 
_exptl_crystal_grow.pdbx_details    
'Tris-HCL, 2-methyl-2,4-pentanediol, sodium chloride, pH 7.25, VAPOR DIFFUSION, HANGING DROP, temperature 293.15K' 
_exptl_crystal_grow.pdbx_pH_range   . 
# 
_diffrn.id                     1 
_diffrn.ambient_temp           110.0 
_diffrn.ambient_temp_details   ? 
_diffrn.crystal_id             1 
# 
_diffrn_detector.diffrn_id              1 
_diffrn_detector.detector               'IMAGE PLATE' 
_diffrn_detector.type                   'RIGAKU RAXIS IV' 
_diffrn_detector.pdbx_collection_date   2005-05-02 
_diffrn_detector.details                mirrors 
# 
_diffrn_radiation.diffrn_id                        1 
_diffrn_radiation.wavelength_id                    1 
_diffrn_radiation.pdbx_diffrn_protocol             'SINGLE WAVELENGTH' 
_diffrn_radiation.monochromator                    ? 
_diffrn_radiation.pdbx_monochromatic_or_laue_m_l   M 
_diffrn_radiation.pdbx_scattering_type             x-ray 
# 
_diffrn_radiation_wavelength.id           1 
_diffrn_radiation_wavelength.wavelength   1.5418 
_diffrn_radiation_wavelength.wt           1.0 
# 
_diffrn_source.diffrn_id                   1 
_diffrn_source.source                      'ROTATING ANODE' 
_diffrn_source.type                        'RIGAKU RU200' 
_diffrn_source.pdbx_wavelength             ? 
_diffrn_source.pdbx_wavelength_list        1.5418 
_diffrn_source.pdbx_synchrotron_site       ? 
_diffrn_source.pdbx_synchrotron_beamline   ? 
# 
_reflns.entry_id                     1ZOX 
_reflns.d_resolution_low             20.00 
_reflns.d_resolution_high            2.10 
_reflns.number_obs                   6328 
_reflns.percent_possible_obs         98.900 
_reflns.pdbx_Rmerge_I_obs            0.081 
_reflns.pdbx_chi_squared             1.065 
_reflns.pdbx_redundancy              5.26 
_reflns.pdbx_scaling_rejects         ? 
_reflns.pdbx_netI_over_sigmaI        10.1 
_reflns.pdbx_Rsym_value              0.081 
_reflns.observed_criterion_sigma_F   -2 
_reflns.observed_criterion_sigma_I   -2 
_reflns.number_all                   6399 
_reflns.B_iso_Wilson_estimate        11.7 
_reflns.R_free_details               ? 
_reflns.limit_h_max                  ? 
_reflns.limit_h_min                  ? 
_reflns.limit_k_max                  ? 
_reflns.limit_k_min                  ? 
_reflns.limit_l_max                  ? 
_reflns.limit_l_min                  ? 
_reflns.observed_criterion_F_max     ? 
_reflns.observed_criterion_F_min     ? 
_reflns.pdbx_diffrn_id               1 
_reflns.pdbx_ordinal                 1 
# 
_reflns_shell.d_res_low              2.20 
_reflns_shell.d_res_high             2.10 
_reflns_shell.number_measured_obs    759 
_reflns_shell.percent_possible_obs   98.600 
_reflns_shell.Rmerge_I_obs           0.293 
_reflns_shell.pdbx_chi_squared       1.082 
_reflns_shell.pdbx_redundancy        ? 
_reflns_shell.number_unique_obs      ? 
_reflns_shell.meanI_over_sigI_obs    5.52 
_reflns_shell.pdbx_Rsym_value        ? 
_reflns_shell.percent_possible_all   98.6 
_reflns_shell.number_unique_all      759 
_reflns_shell.number_measured_all    ? 
_reflns_shell.pdbx_diffrn_id         ? 
_reflns_shell.pdbx_ordinal           1 
# 
_refine.ls_d_res_high                            2.100 
_refine.ls_d_res_low                             19.030 
_refine.pdbx_ls_sigma_F                          0.00 
_refine.pdbx_data_cutoff_high_absF               239806.484 
_refine.pdbx_data_cutoff_low_absF                0.000 
_refine.ls_percent_reflns_obs                    95.500 
_refine.ls_number_reflns_obs                     6080 
_refine.pdbx_ls_cross_valid_method               THROUGHOUT 
_refine.pdbx_R_Free_selection_details            RANDOM 
_refine.details                                  'BULK SOLVENT MODEL USED' 
_refine.ls_R_factor_R_work                       0.204 
_refine.ls_R_factor_R_free                       0.251 
_refine.ls_percent_reflns_R_free                 5.200 
_refine.ls_number_reflns_R_free                  315 
_refine.ls_R_factor_R_free_error                 0.014 
_refine.B_iso_mean                               22.700 
_refine.solvent_model_param_bsol                 84.767 
_refine.solvent_model_param_ksol                 0.442 
_refine.pdbx_isotropic_thermal_model             RESTRAINED 
_refine.aniso_B[1][1]                            0.490 
_refine.aniso_B[2][2]                            6.120 
_refine.aniso_B[3][3]                            -6.610 
_refine.aniso_B[1][2]                            0.000 
_refine.aniso_B[1][3]                            0.000 
_refine.aniso_B[2][3]                            0.000 
_refine.solvent_model_details                    'FLAT MODEL' 
_refine.entry_id                                 1ZOX 
_refine.pdbx_ls_sigma_I                          ? 
_refine.ls_number_reflns_all                     6366 
_refine.ls_R_factor_all                          ? 
_refine.ls_R_factor_obs                          ? 
_refine.ls_redundancy_reflns_obs                 ? 
_refine.ls_number_parameters                     ? 
_refine.ls_number_restraints                     ? 
_refine.ls_R_factor_R_free_error_details         ? 
_refine.pdbx_method_to_determine_struct          'MOLECULAR REPLACEMENT' 
_refine.pdbx_starting_model                      'PDB ENTRY 1HKF' 
_refine.pdbx_stereochem_target_val_spec_case     ? 
_refine.pdbx_stereochemistry_target_values       'Engh & Huber' 
_refine.occupancy_max                            ? 
_refine.occupancy_min                            ? 
_refine.B_iso_min                                ? 
_refine.B_iso_max                                ? 
_refine.correlation_coeff_Fo_to_Fc               ? 
_refine.correlation_coeff_Fo_to_Fc_free          ? 
_refine.pdbx_solvent_vdw_probe_radii             ? 
_refine.pdbx_solvent_ion_probe_radii             ? 
_refine.pdbx_solvent_shrinkage_radii             ? 
_refine.overall_SU_R_Cruickshank_DPI             ? 
_refine.overall_SU_R_free                        ? 
_refine.overall_SU_ML                            ? 
_refine.overall_SU_B                             ? 
_refine.pdbx_overall_ESU_R_Free                  ? 
_refine.pdbx_data_cutoff_high_rms_absF           ? 
_refine.pdbx_overall_ESU_R                       ? 
_refine.ls_wR_factor_R_free                      ? 
_refine.ls_wR_factor_R_work                      ? 
_refine.overall_FOM_free_R_set                   ? 
_refine.overall_FOM_work_R_set                   ? 
_refine.pdbx_refine_id                           'X-RAY DIFFRACTION' 
_refine.pdbx_diffrn_id                           1 
_refine.pdbx_TLS_residual_ADP_flag               ? 
_refine.pdbx_overall_phase_error                 ? 
_refine.pdbx_overall_SU_R_free_Cruickshank_DPI   ? 
_refine.pdbx_overall_SU_R_Blow_DPI               ? 
_refine.pdbx_overall_SU_R_free_Blow_DPI          ? 
# 
_refine_analyze.entry_id                        1ZOX 
_refine_analyze.Luzzati_coordinate_error_obs    0.22 
_refine_analyze.Luzzati_sigma_a_obs             0.15 
_refine_analyze.Luzzati_d_res_low_obs           5.00 
_refine_analyze.Luzzati_coordinate_error_free   0.30 
_refine_analyze.Luzzati_sigma_a_free            0.22 
_refine_analyze.Luzzati_d_res_low_free          ? 
_refine_analyze.number_disordered_residues      ? 
_refine_analyze.occupancy_sum_non_hydrogen      ? 
_refine_analyze.occupancy_sum_hydrogen          ? 
_refine_analyze.pdbx_Luzzati_d_res_high_obs     ? 
_refine_analyze.pdbx_refine_id                  'X-RAY DIFFRACTION' 
# 
_refine_hist.pdbx_refine_id                   'X-RAY DIFFRACTION' 
_refine_hist.cycle_id                         LAST 
_refine_hist.pdbx_number_atoms_protein        870 
_refine_hist.pdbx_number_atoms_nucleic_acid   0 
_refine_hist.pdbx_number_atoms_ligand         0 
_refine_hist.number_atoms_solvent             132 
_refine_hist.number_atoms_total               1002 
_refine_hist.d_res_high                       2.100 
_refine_hist.d_res_low                        19.030 
# 
loop_
_refine_ls_restr.type 
_refine_ls_restr.number 
_refine_ls_restr.dev_ideal 
_refine_ls_restr.dev_ideal_target 
_refine_ls_restr.weight 
_refine_ls_restr.pdbx_refine_id 
_refine_ls_restr.pdbx_restraint_function 
c_bond_d           ? 0.005  ?     ? 'X-RAY DIFFRACTION' ? 
c_angle_deg        ? 1.300  ?     ? 'X-RAY DIFFRACTION' ? 
c_dihedral_angle_d ? 25.300 ?     ? 'X-RAY DIFFRACTION' ? 
c_improper_angle_d ? 0.860  ?     ? 'X-RAY DIFFRACTION' ? 
c_mcbond_it        ? 1.680  2.000 ? 'X-RAY DIFFRACTION' ? 
c_mcangle_it       ? 2.170  2.500 ? 'X-RAY DIFFRACTION' ? 
c_scbond_it        ? 2.710  2.500 ? 'X-RAY DIFFRACTION' ? 
c_scangle_it       ? 3.720  3.000 ? 'X-RAY DIFFRACTION' ? 
# 
_refine_ls_restr_ncs.dom_id              1 
_refine_ls_restr_ncs.ncs_model_details   RESTRAINTS 
_refine_ls_restr_ncs.rms_dev_position    ? 
_refine_ls_restr_ncs.weight_position     ? 
_refine_ls_restr_ncs.rms_dev_B_iso       ? 
_refine_ls_restr_ncs.weight_B_iso        ? 
_refine_ls_restr_ncs.pdbx_type           . 
_refine_ls_restr_ncs.pdbx_auth_asym_id   . 
_refine_ls_restr_ncs.pdbx_ens_id         1 
_refine_ls_restr_ncs.pdbx_refine_id      'X-RAY DIFFRACTION' 
_refine_ls_restr_ncs.pdbx_ordinal        1 
_refine_ls_restr_ncs.pdbx_number         ? 
_refine_ls_restr_ncs.pdbx_asym_id        ? 
_refine_ls_restr_ncs.pdbx_rms            ? 
_refine_ls_restr_ncs.pdbx_weight         ? 
# 
_refine_ls_shell.d_res_high                       2.100 
_refine_ls_shell.d_res_low                        2.200 
_refine_ls_shell.pdbx_total_number_of_bins_used   8 
_refine_ls_shell.percent_reflns_obs               93.200 
_refine_ls_shell.number_reflns_R_work             681 
_refine_ls_shell.R_factor_R_work                  0.218 
_refine_ls_shell.R_factor_R_free                  0.283 
_refine_ls_shell.percent_reflns_R_free            5.000 
_refine_ls_shell.number_reflns_R_free             36 
_refine_ls_shell.R_factor_R_free_error            0.047 
_refine_ls_shell.number_reflns_obs                759 
_refine_ls_shell.redundancy_reflns_obs            ? 
_refine_ls_shell.number_reflns_all                ? 
_refine_ls_shell.pdbx_refine_id                   'X-RAY DIFFRACTION' 
_refine_ls_shell.R_factor_all                     ? 
# 
loop_
_pdbx_xplor_file.serial_no 
_pdbx_xplor_file.param_file 
_pdbx_xplor_file.topol_file 
_pdbx_xplor_file.pdbx_refine_id 
1 protein.top protein_rep.param 'X-RAY DIFFRACTION' 
2 water.top   water_rep.param   'X-RAY DIFFRACTION' 
# 
_struct_ncs_dom.id            1 
_struct_ncs_dom.details       ? 
_struct_ncs_dom.pdbx_ens_id   1 
# 
_struct_ncs_ens.id        1 
_struct_ncs_ens.details   ? 
# 
_struct.entry_id                  1ZOX 
_struct.title                     'CLM-1 Mouse Myeloid Receptor Extracellular Domain' 
_struct.pdbx_model_details        ? 
_struct.pdbx_CASP_flag            ? 
_struct.pdbx_model_type_details   ? 
# 
_struct_keywords.entry_id        1ZOX 
_struct_keywords.pdbx_keywords   'STRUCTURAL GENOMICS, UNKNOWN FUNCTION' 
_struct_keywords.text            
;Ig-Superfamily, Ig-V, NKp44-like, myeloid Ig-like receptor, Structural Genomics, PSI, Protein Structure Initiative, Midwest Center for Structural Genomics, MCSG, UNKNOWN FUNCTION
;
# 
loop_
_struct_asym.id 
_struct_asym.pdbx_blank_PDB_chainid_flag 
_struct_asym.pdbx_modified 
_struct_asym.entity_id 
_struct_asym.details 
A N N 1 ? 
B N N 2 ? 
# 
_struct_ref.id                         1 
_struct_ref.db_name                    UNP 
_struct_ref.db_code                    Q6PEU7_MOUSE 
_struct_ref.pdbx_db_accession          Q6PEU7 
_struct_ref.entity_id                  1 
_struct_ref.pdbx_seq_one_letter_code   
;EDPVTGPEEVSGQEQGSLTVQCRYTSGWKDYKKYWCQGVPQRSCKTLVETDASEQLVKKNRVSIRDNQRDFIFTVTMEDL
RMSDAGIYWCGITKGGLDPMFKVTVNIGPVPT
;
_struct_ref.pdbx_align_begin           20 
_struct_ref.pdbx_db_isoform            ? 
# 
_struct_ref_seq.align_id                      1 
_struct_ref_seq.ref_id                        1 
_struct_ref_seq.pdbx_PDB_id_code              1ZOX 
_struct_ref_seq.pdbx_strand_id                A 
_struct_ref_seq.seq_align_beg                 2 
_struct_ref_seq.pdbx_seq_align_beg_ins_code   ? 
_struct_ref_seq.seq_align_end                 113 
_struct_ref_seq.pdbx_seq_align_end_ins_code   ? 
_struct_ref_seq.pdbx_db_accession             Q6PEU7 
_struct_ref_seq.db_align_beg                  20 
_struct_ref_seq.pdbx_db_align_beg_ins_code    ? 
_struct_ref_seq.db_align_end                  131 
_struct_ref_seq.pdbx_db_align_end_ins_code    ? 
_struct_ref_seq.pdbx_auth_seq_align_beg       1 
_struct_ref_seq.pdbx_auth_seq_align_end       112 
# 
_struct_ref_seq_dif.align_id                     1 
_struct_ref_seq_dif.pdbx_pdb_id_code             1ZOX 
_struct_ref_seq_dif.mon_id                       MET 
_struct_ref_seq_dif.pdbx_pdb_strand_id           A 
_struct_ref_seq_dif.seq_num                      1 
_struct_ref_seq_dif.pdbx_pdb_ins_code            ? 
_struct_ref_seq_dif.pdbx_seq_db_name             UNP 
_struct_ref_seq_dif.pdbx_seq_db_accession_code   Q6PEU7 
_struct_ref_seq_dif.db_mon_id                    ? 
_struct_ref_seq_dif.pdbx_seq_db_seq_num          ? 
_struct_ref_seq_dif.details                      'initiating methionine' 
_struct_ref_seq_dif.pdbx_auth_seq_num            0 
_struct_ref_seq_dif.pdbx_ordinal                 1 
# 
_pdbx_struct_assembly.id                   1 
_pdbx_struct_assembly.details              author_defined_assembly 
_pdbx_struct_assembly.method_details       ? 
_pdbx_struct_assembly.oligomeric_details   monomeric 
_pdbx_struct_assembly.oligomeric_count     1 
# 
_pdbx_struct_assembly_gen.assembly_id       1 
_pdbx_struct_assembly_gen.oper_expression   1 
_pdbx_struct_assembly_gen.asym_id_list      A,B 
# 
_pdbx_struct_oper_list.id                   1 
_pdbx_struct_oper_list.type                 'identity operation' 
_pdbx_struct_oper_list.name                 1_555 
_pdbx_struct_oper_list.symmetry_operation   x,y,z 
_pdbx_struct_oper_list.matrix[1][1]         1.0000000000 
_pdbx_struct_oper_list.matrix[1][2]         0.0000000000 
_pdbx_struct_oper_list.matrix[1][3]         0.0000000000 
_pdbx_struct_oper_list.vector[1]            0.0000000000 
_pdbx_struct_oper_list.matrix[2][1]         0.0000000000 
_pdbx_struct_oper_list.matrix[2][2]         1.0000000000 
_pdbx_struct_oper_list.matrix[2][3]         0.0000000000 
_pdbx_struct_oper_list.vector[2]            0.0000000000 
_pdbx_struct_oper_list.matrix[3][1]         0.0000000000 
_pdbx_struct_oper_list.matrix[3][2]         0.0000000000 
_pdbx_struct_oper_list.matrix[3][3]         1.0000000000 
_pdbx_struct_oper_list.vector[3]            0.0000000000 
# 
_struct_biol.id                    1 
_struct_biol.pdbx_parent_biol_id   ? 
_struct_biol.details               ? 
# 
loop_
_struct_conf.conf_type_id 
_struct_conf.id 
_struct_conf.pdbx_PDB_helix_id 
_struct_conf.beg_label_comp_id 
_struct_conf.beg_label_asym_id 
_struct_conf.beg_label_seq_id 
_struct_conf.pdbx_beg_PDB_ins_code 
_struct_conf.end_label_comp_id 
_struct_conf.end_label_asym_id 
_struct_conf.end_label_seq_id 
_struct_conf.pdbx_end_PDB_ins_code 
_struct_conf.beg_auth_comp_id 
_struct_conf.beg_auth_asym_id 
_struct_conf.beg_auth_seq_id 
_struct_conf.end_auth_comp_id 
_struct_conf.end_auth_asym_id 
_struct_conf.end_auth_seq_id 
_struct_conf.pdbx_PDB_helix_class 
_struct_conf.details 
_struct_conf.pdbx_PDB_helix_length 
HELX_P HELX_P1 1 SER A 27 ? LYS A 30 ? SER A 26 LYS A 29 5 ? 4 
HELX_P HELX_P2 2 PRO A 41 ? CYS A 45 ? PRO A 40 CYS A 44 5 ? 5 
HELX_P HELX_P3 3 ARG A 82 ? ALA A 86 ? ARG A 81 ALA A 85 5 ? 5 
# 
_struct_conf_type.id          HELX_P 
_struct_conf_type.criteria    ? 
_struct_conf_type.reference   ? 
# 
loop_
_struct_conn.id 
_struct_conn.conn_type_id 
_struct_conn.pdbx_leaving_atom_flag 
_struct_conn.pdbx_PDB_id 
_struct_conn.ptnr1_label_asym_id 
_struct_conn.ptnr1_label_comp_id 
_struct_conn.ptnr1_label_seq_id 
_struct_conn.ptnr1_label_atom_id 
_struct_conn.pdbx_ptnr1_label_alt_id 
_struct_conn.pdbx_ptnr1_PDB_ins_code 
_struct_conn.pdbx_ptnr1_standard_comp_id 
_struct_conn.ptnr1_symmetry 
_struct_conn.ptnr2_label_asym_id 
_struct_conn.ptnr2_label_comp_id 
_struct_conn.ptnr2_label_seq_id 
_struct_conn.ptnr2_label_atom_id 
_struct_conn.pdbx_ptnr2_label_alt_id 
_struct_conn.pdbx_ptnr2_PDB_ins_code 
_struct_conn.ptnr1_auth_asym_id 
_struct_conn.ptnr1_auth_comp_id 
_struct_conn.ptnr1_auth_seq_id 
_struct_conn.ptnr2_auth_asym_id 
_struct_conn.ptnr2_auth_comp_id 
_struct_conn.ptnr2_auth_seq_id 
_struct_conn.ptnr2_symmetry 
_struct_conn.pdbx_ptnr3_label_atom_id 
_struct_conn.pdbx_ptnr3_label_seq_id 
_struct_conn.pdbx_ptnr3_label_comp_id 
_struct_conn.pdbx_ptnr3_label_asym_id 
_struct_conn.pdbx_ptnr3_label_alt_id 
_struct_conn.pdbx_ptnr3_PDB_ins_code 
_struct_conn.details 
_struct_conn.pdbx_dist_value 
_struct_conn.pdbx_value_order 
_struct_conn.pdbx_role 
disulf1 disulf ? ? A CYS 23 SG ? ? ? 1_555 A CYS 91 SG ? ? A CYS 22 A CYS 90 1_555 ? ? ? ? ? ? ? 2.026 ? ? 
disulf2 disulf ? ? A CYS 37 SG ? ? ? 1_555 A CYS 45 SG ? ? A CYS 36 A CYS 44 1_555 ? ? ? ? ? ? ? 2.027 ? ? 
# 
_struct_conn_type.id          disulf 
_struct_conn_type.criteria    ? 
_struct_conn_type.reference   ? 
# 
loop_
_pdbx_modification_feature.ordinal 
_pdbx_modification_feature.label_comp_id 
_pdbx_modification_feature.label_asym_id 
_pdbx_modification_feature.label_seq_id 
_pdbx_modification_feature.label_alt_id 
_pdbx_modification_feature.modified_residue_label_comp_id 
_pdbx_modification_feature.modified_residue_label_asym_id 
_pdbx_modification_feature.modified_residue_label_seq_id 
_pdbx_modification_feature.modified_residue_label_alt_id 
_pdbx_modification_feature.auth_comp_id 
_pdbx_modification_feature.auth_asym_id 
_pdbx_modification_feature.auth_seq_id 
_pdbx_modification_feature.PDB_ins_code 
_pdbx_modification_feature.symmetry 
_pdbx_modification_feature.modified_residue_auth_comp_id 
_pdbx_modification_feature.modified_residue_auth_asym_id 
_pdbx_modification_feature.modified_residue_auth_seq_id 
_pdbx_modification_feature.modified_residue_PDB_ins_code 
_pdbx_modification_feature.modified_residue_symmetry 
_pdbx_modification_feature.comp_id_linking_atom 
_pdbx_modification_feature.modified_residue_id_linking_atom 
_pdbx_modification_feature.modified_residue_id 
_pdbx_modification_feature.ref_pcm_id 
_pdbx_modification_feature.ref_comp_id 
_pdbx_modification_feature.type 
_pdbx_modification_feature.category 
1 CYS A 23 ? CYS A 91 ? CYS A 22 ? 1_555 CYS A 90 ? 1_555 SG SG . . . None 'Disulfide bridge' 
2 CYS A 37 ? CYS A 45 ? CYS A 36 ? 1_555 CYS A 44 ? 1_555 SG SG . . . None 'Disulfide bridge' 
# 
_struct_mon_prot_cis.pdbx_id                1 
_struct_mon_prot_cis.label_comp_id          VAL 
_struct_mon_prot_cis.label_seq_id           40 
_struct_mon_prot_cis.label_asym_id          A 
_struct_mon_prot_cis.label_alt_id           . 
_struct_mon_prot_cis.pdbx_PDB_ins_code      ? 
_struct_mon_prot_cis.auth_comp_id           VAL 
_struct_mon_prot_cis.auth_seq_id            39 
_struct_mon_prot_cis.auth_asym_id           A 
_struct_mon_prot_cis.pdbx_label_comp_id_2   PRO 
_struct_mon_prot_cis.pdbx_label_seq_id_2    41 
_struct_mon_prot_cis.pdbx_label_asym_id_2   A 
_struct_mon_prot_cis.pdbx_PDB_ins_code_2    ? 
_struct_mon_prot_cis.pdbx_auth_comp_id_2    PRO 
_struct_mon_prot_cis.pdbx_auth_seq_id_2     40 
_struct_mon_prot_cis.pdbx_auth_asym_id_2    A 
_struct_mon_prot_cis.pdbx_PDB_model_num     1 
_struct_mon_prot_cis.pdbx_omega_angle       -0.39 
# 
loop_
_struct_sheet.id 
_struct_sheet.type 
_struct_sheet.number_strands 
_struct_sheet.details 
A ? 5 ? 
B ? 5 ? 
# 
loop_
_struct_sheet_order.sheet_id 
_struct_sheet_order.range_id_1 
_struct_sheet_order.range_id_2 
_struct_sheet_order.offset 
_struct_sheet_order.sense 
A 1 2 ? anti-parallel 
A 2 3 ? anti-parallel 
A 3 4 ? anti-parallel 
A 4 5 ? anti-parallel 
B 1 2 ? parallel      
B 2 3 ? anti-parallel 
B 3 4 ? anti-parallel 
B 4 5 ? anti-parallel 
# 
loop_
_struct_sheet_range.sheet_id 
_struct_sheet_range.id 
_struct_sheet_range.beg_label_comp_id 
_struct_sheet_range.beg_label_asym_id 
_struct_sheet_range.beg_label_seq_id 
_struct_sheet_range.pdbx_beg_PDB_ins_code 
_struct_sheet_range.end_label_comp_id 
_struct_sheet_range.end_label_asym_id 
_struct_sheet_range.end_label_seq_id 
_struct_sheet_range.pdbx_end_PDB_ins_code 
_struct_sheet_range.beg_auth_comp_id 
_struct_sheet_range.beg_auth_asym_id 
_struct_sheet_range.beg_auth_seq_id 
_struct_sheet_range.end_auth_comp_id 
_struct_sheet_range.end_auth_asym_id 
_struct_sheet_range.end_auth_seq_id 
A 1 VAL A 5   ? THR A 6   ? VAL A 4   THR A 5   
A 2 LEU A 19  ? TYR A 25  ? LEU A 18  TYR A 24  
A 3 ILE A 73  ? MET A 78  ? ILE A 72  MET A 77  
A 4 VAL A 63  ? ASN A 68  ? VAL A 62  ASN A 67  
A 5 VAL A 58  ? LYS A 60  ? VAL A 57  LYS A 59  
B 1 GLU A 10  ? GLN A 14  ? GLU A 9   GLN A 13  
B 2 MET A 101 ? GLY A 109 ? MET A 100 GLY A 108 
B 3 GLY A 87  ? ILE A 93  ? GLY A 86  ILE A 92  
B 4 LYS A 34  ? GLN A 38  ? LYS A 33  GLN A 37  
B 5 LYS A 46  ? GLU A 50  ? LYS A 45  GLU A 49  
# 
loop_
_pdbx_struct_sheet_hbond.sheet_id 
_pdbx_struct_sheet_hbond.range_id_1 
_pdbx_struct_sheet_hbond.range_id_2 
_pdbx_struct_sheet_hbond.range_1_label_atom_id 
_pdbx_struct_sheet_hbond.range_1_label_comp_id 
_pdbx_struct_sheet_hbond.range_1_label_asym_id 
_pdbx_struct_sheet_hbond.range_1_label_seq_id 
_pdbx_struct_sheet_hbond.range_1_PDB_ins_code 
_pdbx_struct_sheet_hbond.range_1_auth_atom_id 
_pdbx_struct_sheet_hbond.range_1_auth_comp_id 
_pdbx_struct_sheet_hbond.range_1_auth_asym_id 
_pdbx_struct_sheet_hbond.range_1_auth_seq_id 
_pdbx_struct_sheet_hbond.range_2_label_atom_id 
_pdbx_struct_sheet_hbond.range_2_label_comp_id 
_pdbx_struct_sheet_hbond.range_2_label_asym_id 
_pdbx_struct_sheet_hbond.range_2_label_seq_id 
_pdbx_struct_sheet_hbond.range_2_PDB_ins_code 
_pdbx_struct_sheet_hbond.range_2_auth_atom_id 
_pdbx_struct_sheet_hbond.range_2_auth_comp_id 
_pdbx_struct_sheet_hbond.range_2_auth_asym_id 
_pdbx_struct_sheet_hbond.range_2_auth_seq_id 
A 1 2 N THR A 6   ? N THR A 5   O ARG A 24  ? O ARG A 23  
A 2 3 N VAL A 21  ? N VAL A 20  O VAL A 76  ? O VAL A 75  
A 3 4 O THR A 75  ? O THR A 74  N ARG A 66  ? N ARG A 65  
A 4 5 O VAL A 63  ? O VAL A 62  N LYS A 60  ? N LYS A 59  
B 1 2 N GLY A 13  ? N GLY A 12  O GLY A 109 ? O GLY A 108 
B 2 3 O VAL A 106 ? O VAL A 105 N GLY A 87  ? N GLY A 86  
B 3 4 O GLY A 92  ? O GLY A 91  N TYR A 35  ? N TYR A 34  
B 4 5 N GLN A 38  ? N GLN A 37  O LYS A 46  ? O LYS A 45  
# 
_pdbx_entry_details.entry_id                   1ZOX 
_pdbx_entry_details.compound_details           ? 
_pdbx_entry_details.source_details             ? 
_pdbx_entry_details.nonpolymer_details         ? 
_pdbx_entry_details.sequence_details           ? 
_pdbx_entry_details.has_ligand_of_interest     ? 
_pdbx_entry_details.has_protein_modification   Y 
# 
loop_
_pdbx_validate_torsion.id 
_pdbx_validate_torsion.PDB_model_num 
_pdbx_validate_torsion.auth_comp_id 
_pdbx_validate_torsion.auth_asym_id 
_pdbx_validate_torsion.auth_seq_id 
_pdbx_validate_torsion.PDB_ins_code 
_pdbx_validate_torsion.label_alt_id 
_pdbx_validate_torsion.phi 
_pdbx_validate_torsion.psi 
1 1 GLN A 15 ? ? 66.82  -5.28   
2 1 ASP A 30 ? ? -90.45 30.71   
3 1 ALA A 52 ? ? 83.62  8.18    
4 1 ASN A 60 ? ? 63.00  -116.54 
# 
_pdbx_SG_project.id                    1 
_pdbx_SG_project.project_name          'PSI, Protein Structure Initiative' 
_pdbx_SG_project.full_name_of_center   'Midwest Center for Structural Genomics' 
_pdbx_SG_project.initial_of_center     MCSG 
# 
_pdbx_phasing_MR.entry_id                     1ZOX 
_pdbx_phasing_MR.method_rotation              ? 
_pdbx_phasing_MR.method_translation           ? 
_pdbx_phasing_MR.model_details                ? 
_pdbx_phasing_MR.R_factor                     ? 
_pdbx_phasing_MR.R_rigid_body                 ? 
_pdbx_phasing_MR.correlation_coeff_Fo_to_Fc   ? 
_pdbx_phasing_MR.correlation_coeff_Io_to_Ic   ? 
_pdbx_phasing_MR.d_res_high_rotation          ? 
_pdbx_phasing_MR.d_res_low_rotation           ? 
_pdbx_phasing_MR.d_res_high_translation       3.001 
_pdbx_phasing_MR.d_res_low_translation        14.814 
_pdbx_phasing_MR.packing                      ? 
_pdbx_phasing_MR.reflns_percent_rotation      ? 
_pdbx_phasing_MR.reflns_percent_translation   ? 
_pdbx_phasing_MR.sigma_F_rotation             ? 
_pdbx_phasing_MR.sigma_F_translation          ? 
_pdbx_phasing_MR.sigma_I_rotation             ? 
_pdbx_phasing_MR.sigma_I_translation          ? 
# 
loop_
_pdbx_unobs_or_zero_occ_residues.id 
_pdbx_unobs_or_zero_occ_residues.PDB_model_num 
_pdbx_unobs_or_zero_occ_residues.polymer_flag 
_pdbx_unobs_or_zero_occ_residues.occupancy_flag 
_pdbx_unobs_or_zero_occ_residues.auth_asym_id 
_pdbx_unobs_or_zero_occ_residues.auth_comp_id 
_pdbx_unobs_or_zero_occ_residues.auth_seq_id 
_pdbx_unobs_or_zero_occ_residues.PDB_ins_code 
_pdbx_unobs_or_zero_occ_residues.label_asym_id 
_pdbx_unobs_or_zero_occ_residues.label_comp_id 
_pdbx_unobs_or_zero_occ_residues.label_seq_id 
1 1 Y 1 A MET 0   ? A MET 1   
2 1 Y 1 A PRO 111 ? A PRO 112 
3 1 Y 1 A THR 112 ? A THR 113 
# 
loop_
_chem_comp_atom.comp_id 
_chem_comp_atom.atom_id 
_chem_comp_atom.type_symbol 
_chem_comp_atom.pdbx_aromatic_flag 
_chem_comp_atom.pdbx_stereo_config 
_chem_comp_atom.pdbx_ordinal 
ALA N    N N N 1   
ALA CA   C N S 2   
ALA C    C N N 3   
ALA O    O N N 4   
ALA CB   C N N 5   
ALA OXT  O N N 6   
ALA H    H N N 7   
ALA H2   H N N 8   
ALA HA   H N N 9   
ALA HB1  H N N 10  
ALA HB2  H N N 11  
ALA HB3  H N N 12  
ALA HXT  H N N 13  
ARG N    N N N 14  
ARG CA   C N S 15  
ARG C    C N N 16  
ARG O    O N N 17  
ARG CB   C N N 18  
ARG CG   C N N 19  
ARG CD   C N N 20  
ARG NE   N N N 21  
ARG CZ   C N N 22  
ARG NH1  N N N 23  
ARG NH2  N N N 24  
ARG OXT  O N N 25  
ARG H    H N N 26  
ARG H2   H N N 27  
ARG HA   H N N 28  
ARG HB2  H N N 29  
ARG HB3  H N N 30  
ARG HG2  H N N 31  
ARG HG3  H N N 32  
ARG HD2  H N N 33  
ARG HD3  H N N 34  
ARG HE   H N N 35  
ARG HH11 H N N 36  
ARG HH12 H N N 37  
ARG HH21 H N N 38  
ARG HH22 H N N 39  
ARG HXT  H N N 40  
ASN N    N N N 41  
ASN CA   C N S 42  
ASN C    C N N 43  
ASN O    O N N 44  
ASN CB   C N N 45  
ASN CG   C N N 46  
ASN OD1  O N N 47  
ASN ND2  N N N 48  
ASN OXT  O N N 49  
ASN H    H N N 50  
ASN H2   H N N 51  
ASN HA   H N N 52  
ASN HB2  H N N 53  
ASN HB3  H N N 54  
ASN HD21 H N N 55  
ASN HD22 H N N 56  
ASN HXT  H N N 57  
ASP N    N N N 58  
ASP CA   C N S 59  
ASP C    C N N 60  
ASP O    O N N 61  
ASP CB   C N N 62  
ASP CG   C N N 63  
ASP OD1  O N N 64  
ASP OD2  O N N 65  
ASP OXT  O N N 66  
ASP H    H N N 67  
ASP H2   H N N 68  
ASP HA   H N N 69  
ASP HB2  H N N 70  
ASP HB3  H N N 71  
ASP HD2  H N N 72  
ASP HXT  H N N 73  
CYS N    N N N 74  
CYS CA   C N R 75  
CYS C    C N N 76  
CYS O    O N N 77  
CYS CB   C N N 78  
CYS SG   S N N 79  
CYS OXT  O N N 80  
CYS H    H N N 81  
CYS H2   H N N 82  
CYS HA   H N N 83  
CYS HB2  H N N 84  
CYS HB3  H N N 85  
CYS HG   H N N 86  
CYS HXT  H N N 87  
GLN N    N N N 88  
GLN CA   C N S 89  
GLN C    C N N 90  
GLN O    O N N 91  
GLN CB   C N N 92  
GLN CG   C N N 93  
GLN CD   C N N 94  
GLN OE1  O N N 95  
GLN NE2  N N N 96  
GLN OXT  O N N 97  
GLN H    H N N 98  
GLN H2   H N N 99  
GLN HA   H N N 100 
GLN HB2  H N N 101 
GLN HB3  H N N 102 
GLN HG2  H N N 103 
GLN HG3  H N N 104 
GLN HE21 H N N 105 
GLN HE22 H N N 106 
GLN HXT  H N N 107 
GLU N    N N N 108 
GLU CA   C N S 109 
GLU C    C N N 110 
GLU O    O N N 111 
GLU CB   C N N 112 
GLU CG   C N N 113 
GLU CD   C N N 114 
GLU OE1  O N N 115 
GLU OE2  O N N 116 
GLU OXT  O N N 117 
GLU H    H N N 118 
GLU H2   H N N 119 
GLU HA   H N N 120 
GLU HB2  H N N 121 
GLU HB3  H N N 122 
GLU HG2  H N N 123 
GLU HG3  H N N 124 
GLU HE2  H N N 125 
GLU HXT  H N N 126 
GLY N    N N N 127 
GLY CA   C N N 128 
GLY C    C N N 129 
GLY O    O N N 130 
GLY OXT  O N N 131 
GLY H    H N N 132 
GLY H2   H N N 133 
GLY HA2  H N N 134 
GLY HA3  H N N 135 
GLY HXT  H N N 136 
HOH O    O N N 137 
HOH H1   H N N 138 
HOH H2   H N N 139 
ILE N    N N N 140 
ILE CA   C N S 141 
ILE C    C N N 142 
ILE O    O N N 143 
ILE CB   C N S 144 
ILE CG1  C N N 145 
ILE CG2  C N N 146 
ILE CD1  C N N 147 
ILE OXT  O N N 148 
ILE H    H N N 149 
ILE H2   H N N 150 
ILE HA   H N N 151 
ILE HB   H N N 152 
ILE HG12 H N N 153 
ILE HG13 H N N 154 
ILE HG21 H N N 155 
ILE HG22 H N N 156 
ILE HG23 H N N 157 
ILE HD11 H N N 158 
ILE HD12 H N N 159 
ILE HD13 H N N 160 
ILE HXT  H N N 161 
LEU N    N N N 162 
LEU CA   C N S 163 
LEU C    C N N 164 
LEU O    O N N 165 
LEU CB   C N N 166 
LEU CG   C N N 167 
LEU CD1  C N N 168 
LEU CD2  C N N 169 
LEU OXT  O N N 170 
LEU H    H N N 171 
LEU H2   H N N 172 
LEU HA   H N N 173 
LEU HB2  H N N 174 
LEU HB3  H N N 175 
LEU HG   H N N 176 
LEU HD11 H N N 177 
LEU HD12 H N N 178 
LEU HD13 H N N 179 
LEU HD21 H N N 180 
LEU HD22 H N N 181 
LEU HD23 H N N 182 
LEU HXT  H N N 183 
LYS N    N N N 184 
LYS CA   C N S 185 
LYS C    C N N 186 
LYS O    O N N 187 
LYS CB   C N N 188 
LYS CG   C N N 189 
LYS CD   C N N 190 
LYS CE   C N N 191 
LYS NZ   N N N 192 
LYS OXT  O N N 193 
LYS H    H N N 194 
LYS H2   H N N 195 
LYS HA   H N N 196 
LYS HB2  H N N 197 
LYS HB3  H N N 198 
LYS HG2  H N N 199 
LYS HG3  H N N 200 
LYS HD2  H N N 201 
LYS HD3  H N N 202 
LYS HE2  H N N 203 
LYS HE3  H N N 204 
LYS HZ1  H N N 205 
LYS HZ2  H N N 206 
LYS HZ3  H N N 207 
LYS HXT  H N N 208 
MET N    N N N 209 
MET CA   C N S 210 
MET C    C N N 211 
MET O    O N N 212 
MET CB   C N N 213 
MET CG   C N N 214 
MET SD   S N N 215 
MET CE   C N N 216 
MET OXT  O N N 217 
MET H    H N N 218 
MET H2   H N N 219 
MET HA   H N N 220 
MET HB2  H N N 221 
MET HB3  H N N 222 
MET HG2  H N N 223 
MET HG3  H N N 224 
MET HE1  H N N 225 
MET HE2  H N N 226 
MET HE3  H N N 227 
MET HXT  H N N 228 
PHE N    N N N 229 
PHE CA   C N S 230 
PHE C    C N N 231 
PHE O    O N N 232 
PHE CB   C N N 233 
PHE CG   C Y N 234 
PHE CD1  C Y N 235 
PHE CD2  C Y N 236 
PHE CE1  C Y N 237 
PHE CE2  C Y N 238 
PHE CZ   C Y N 239 
PHE OXT  O N N 240 
PHE H    H N N 241 
PHE H2   H N N 242 
PHE HA   H N N 243 
PHE HB2  H N N 244 
PHE HB3  H N N 245 
PHE HD1  H N N 246 
PHE HD2  H N N 247 
PHE HE1  H N N 248 
PHE HE2  H N N 249 
PHE HZ   H N N 250 
PHE HXT  H N N 251 
PRO N    N N N 252 
PRO CA   C N S 253 
PRO C    C N N 254 
PRO O    O N N 255 
PRO CB   C N N 256 
PRO CG   C N N 257 
PRO CD   C N N 258 
PRO OXT  O N N 259 
PRO H    H N N 260 
PRO HA   H N N 261 
PRO HB2  H N N 262 
PRO HB3  H N N 263 
PRO HG2  H N N 264 
PRO HG3  H N N 265 
PRO HD2  H N N 266 
PRO HD3  H N N 267 
PRO HXT  H N N 268 
SER N    N N N 269 
SER CA   C N S 270 
SER C    C N N 271 
SER O    O N N 272 
SER CB   C N N 273 
SER OG   O N N 274 
SER OXT  O N N 275 
SER H    H N N 276 
SER H2   H N N 277 
SER HA   H N N 278 
SER HB2  H N N 279 
SER HB3  H N N 280 
SER HG   H N N 281 
SER HXT  H N N 282 
THR N    N N N 283 
THR CA   C N S 284 
THR C    C N N 285 
THR O    O N N 286 
THR CB   C N R 287 
THR OG1  O N N 288 
THR CG2  C N N 289 
THR OXT  O N N 290 
THR H    H N N 291 
THR H2   H N N 292 
THR HA   H N N 293 
THR HB   H N N 294 
THR HG1  H N N 295 
THR HG21 H N N 296 
THR HG22 H N N 297 
THR HG23 H N N 298 
THR HXT  H N N 299 
TRP N    N N N 300 
TRP CA   C N S 301 
TRP C    C N N 302 
TRP O    O N N 303 
TRP CB   C N N 304 
TRP CG   C Y N 305 
TRP CD1  C Y N 306 
TRP CD2  C Y N 307 
TRP NE1  N Y N 308 
TRP CE2  C Y N 309 
TRP CE3  C Y N 310 
TRP CZ2  C Y N 311 
TRP CZ3  C Y N 312 
TRP CH2  C Y N 313 
TRP OXT  O N N 314 
TRP H    H N N 315 
TRP H2   H N N 316 
TRP HA   H N N 317 
TRP HB2  H N N 318 
TRP HB3  H N N 319 
TRP HD1  H N N 320 
TRP HE1  H N N 321 
TRP HE3  H N N 322 
TRP HZ2  H N N 323 
TRP HZ3  H N N 324 
TRP HH2  H N N 325 
TRP HXT  H N N 326 
TYR N    N N N 327 
TYR CA   C N S 328 
TYR C    C N N 329 
TYR O    O N N 330 
TYR CB   C N N 331 
TYR CG   C Y N 332 
TYR CD1  C Y N 333 
TYR CD2  C Y N 334 
TYR CE1  C Y N 335 
TYR CE2  C Y N 336 
TYR CZ   C Y N 337 
TYR OH   O N N 338 
TYR OXT  O N N 339 
TYR H    H N N 340 
TYR H2   H N N 341 
TYR HA   H N N 342 
TYR HB2  H N N 343 
TYR HB3  H N N 344 
TYR HD1  H N N 345 
TYR HD2  H N N 346 
TYR HE1  H N N 347 
TYR HE2  H N N 348 
TYR HH   H N N 349 
TYR HXT  H N N 350 
VAL N    N N N 351 
VAL CA   C N S 352 
VAL C    C N N 353 
VAL O    O N N 354 
VAL CB   C N N 355 
VAL CG1  C N N 356 
VAL CG2  C N N 357 
VAL OXT  O N N 358 
VAL H    H N N 359 
VAL H2   H N N 360 
VAL HA   H N N 361 
VAL HB   H N N 362 
VAL HG11 H N N 363 
VAL HG12 H N N 364 
VAL HG13 H N N 365 
VAL HG21 H N N 366 
VAL HG22 H N N 367 
VAL HG23 H N N 368 
VAL HXT  H N N 369 
# 
loop_
_chem_comp_bond.comp_id 
_chem_comp_bond.atom_id_1 
_chem_comp_bond.atom_id_2 
_chem_comp_bond.value_order 
_chem_comp_bond.pdbx_aromatic_flag 
_chem_comp_bond.pdbx_stereo_config 
_chem_comp_bond.pdbx_ordinal 
ALA N   CA   sing N N 1   
ALA N   H    sing N N 2   
ALA N   H2   sing N N 3   
ALA CA  C    sing N N 4   
ALA CA  CB   sing N N 5   
ALA CA  HA   sing N N 6   
ALA C   O    doub N N 7   
ALA C   OXT  sing N N 8   
ALA CB  HB1  sing N N 9   
ALA CB  HB2  sing N N 10  
ALA CB  HB3  sing N N 11  
ALA OXT HXT  sing N N 12  
ARG N   CA   sing N N 13  
ARG N   H    sing N N 14  
ARG N   H2   sing N N 15  
ARG CA  C    sing N N 16  
ARG CA  CB   sing N N 17  
ARG CA  HA   sing N N 18  
ARG C   O    doub N N 19  
ARG C   OXT  sing N N 20  
ARG CB  CG   sing N N 21  
ARG CB  HB2  sing N N 22  
ARG CB  HB3  sing N N 23  
ARG CG  CD   sing N N 24  
ARG CG  HG2  sing N N 25  
ARG CG  HG3  sing N N 26  
ARG CD  NE   sing N N 27  
ARG CD  HD2  sing N N 28  
ARG CD  HD3  sing N N 29  
ARG NE  CZ   sing N N 30  
ARG NE  HE   sing N N 31  
ARG CZ  NH1  sing N N 32  
ARG CZ  NH2  doub N N 33  
ARG NH1 HH11 sing N N 34  
ARG NH1 HH12 sing N N 35  
ARG NH2 HH21 sing N N 36  
ARG NH2 HH22 sing N N 37  
ARG OXT HXT  sing N N 38  
ASN N   CA   sing N N 39  
ASN N   H    sing N N 40  
ASN N   H2   sing N N 41  
ASN CA  C    sing N N 42  
ASN CA  CB   sing N N 43  
ASN CA  HA   sing N N 44  
ASN C   O    doub N N 45  
ASN C   OXT  sing N N 46  
ASN CB  CG   sing N N 47  
ASN CB  HB2  sing N N 48  
ASN CB  HB3  sing N N 49  
ASN CG  OD1  doub N N 50  
ASN CG  ND2  sing N N 51  
ASN ND2 HD21 sing N N 52  
ASN ND2 HD22 sing N N 53  
ASN OXT HXT  sing N N 54  
ASP N   CA   sing N N 55  
ASP N   H    sing N N 56  
ASP N   H2   sing N N 57  
ASP CA  C    sing N N 58  
ASP CA  CB   sing N N 59  
ASP CA  HA   sing N N 60  
ASP C   O    doub N N 61  
ASP C   OXT  sing N N 62  
ASP CB  CG   sing N N 63  
ASP CB  HB2  sing N N 64  
ASP CB  HB3  sing N N 65  
ASP CG  OD1  doub N N 66  
ASP CG  OD2  sing N N 67  
ASP OD2 HD2  sing N N 68  
ASP OXT HXT  sing N N 69  
CYS N   CA   sing N N 70  
CYS N   H    sing N N 71  
CYS N   H2   sing N N 72  
CYS CA  C    sing N N 73  
CYS CA  CB   sing N N 74  
CYS CA  HA   sing N N 75  
CYS C   O    doub N N 76  
CYS C   OXT  sing N N 77  
CYS CB  SG   sing N N 78  
CYS CB  HB2  sing N N 79  
CYS CB  HB3  sing N N 80  
CYS SG  HG   sing N N 81  
CYS OXT HXT  sing N N 82  
GLN N   CA   sing N N 83  
GLN N   H    sing N N 84  
GLN N   H2   sing N N 85  
GLN CA  C    sing N N 86  
GLN CA  CB   sing N N 87  
GLN CA  HA   sing N N 88  
GLN C   O    doub N N 89  
GLN C   OXT  sing N N 90  
GLN CB  CG   sing N N 91  
GLN CB  HB2  sing N N 92  
GLN CB  HB3  sing N N 93  
GLN CG  CD   sing N N 94  
GLN CG  HG2  sing N N 95  
GLN CG  HG3  sing N N 96  
GLN CD  OE1  doub N N 97  
GLN CD  NE2  sing N N 98  
GLN NE2 HE21 sing N N 99  
GLN NE2 HE22 sing N N 100 
GLN OXT HXT  sing N N 101 
GLU N   CA   sing N N 102 
GLU N   H    sing N N 103 
GLU N   H2   sing N N 104 
GLU CA  C    sing N N 105 
GLU CA  CB   sing N N 106 
GLU CA  HA   sing N N 107 
GLU C   O    doub N N 108 
GLU C   OXT  sing N N 109 
GLU CB  CG   sing N N 110 
GLU CB  HB2  sing N N 111 
GLU CB  HB3  sing N N 112 
GLU CG  CD   sing N N 113 
GLU CG  HG2  sing N N 114 
GLU CG  HG3  sing N N 115 
GLU CD  OE1  doub N N 116 
GLU CD  OE2  sing N N 117 
GLU OE2 HE2  sing N N 118 
GLU OXT HXT  sing N N 119 
GLY N   CA   sing N N 120 
GLY N   H    sing N N 121 
GLY N   H2   sing N N 122 
GLY CA  C    sing N N 123 
GLY CA  HA2  sing N N 124 
GLY CA  HA3  sing N N 125 
GLY C   O    doub N N 126 
GLY C   OXT  sing N N 127 
GLY OXT HXT  sing N N 128 
HOH O   H1   sing N N 129 
HOH O   H2   sing N N 130 
ILE N   CA   sing N N 131 
ILE N   H    sing N N 132 
ILE N   H2   sing N N 133 
ILE CA  C    sing N N 134 
ILE CA  CB   sing N N 135 
ILE CA  HA   sing N N 136 
ILE C   O    doub N N 137 
ILE C   OXT  sing N N 138 
ILE CB  CG1  sing N N 139 
ILE CB  CG2  sing N N 140 
ILE CB  HB   sing N N 141 
ILE CG1 CD1  sing N N 142 
ILE CG1 HG12 sing N N 143 
ILE CG1 HG13 sing N N 144 
ILE CG2 HG21 sing N N 145 
ILE CG2 HG22 sing N N 146 
ILE CG2 HG23 sing N N 147 
ILE CD1 HD11 sing N N 148 
ILE CD1 HD12 sing N N 149 
ILE CD1 HD13 sing N N 150 
ILE OXT HXT  sing N N 151 
LEU N   CA   sing N N 152 
LEU N   H    sing N N 153 
LEU N   H2   sing N N 154 
LEU CA  C    sing N N 155 
LEU CA  CB   sing N N 156 
LEU CA  HA   sing N N 157 
LEU C   O    doub N N 158 
LEU C   OXT  sing N N 159 
LEU CB  CG   sing N N 160 
LEU CB  HB2  sing N N 161 
LEU CB  HB3  sing N N 162 
LEU CG  CD1  sing N N 163 
LEU CG  CD2  sing N N 164 
LEU CG  HG   sing N N 165 
LEU CD1 HD11 sing N N 166 
LEU CD1 HD12 sing N N 167 
LEU CD1 HD13 sing N N 168 
LEU CD2 HD21 sing N N 169 
LEU CD2 HD22 sing N N 170 
LEU CD2 HD23 sing N N 171 
LEU OXT HXT  sing N N 172 
LYS N   CA   sing N N 173 
LYS N   H    sing N N 174 
LYS N   H2   sing N N 175 
LYS CA  C    sing N N 176 
LYS CA  CB   sing N N 177 
LYS CA  HA   sing N N 178 
LYS C   O    doub N N 179 
LYS C   OXT  sing N N 180 
LYS CB  CG   sing N N 181 
LYS CB  HB2  sing N N 182 
LYS CB  HB3  sing N N 183 
LYS CG  CD   sing N N 184 
LYS CG  HG2  sing N N 185 
LYS CG  HG3  sing N N 186 
LYS CD  CE   sing N N 187 
LYS CD  HD2  sing N N 188 
LYS CD  HD3  sing N N 189 
LYS CE  NZ   sing N N 190 
LYS CE  HE2  sing N N 191 
LYS CE  HE3  sing N N 192 
LYS NZ  HZ1  sing N N 193 
LYS NZ  HZ2  sing N N 194 
LYS NZ  HZ3  sing N N 195 
LYS OXT HXT  sing N N 196 
MET N   CA   sing N N 197 
MET N   H    sing N N 198 
MET N   H2   sing N N 199 
MET CA  C    sing N N 200 
MET CA  CB   sing N N 201 
MET CA  HA   sing N N 202 
MET C   O    doub N N 203 
MET C   OXT  sing N N 204 
MET CB  CG   sing N N 205 
MET CB  HB2  sing N N 206 
MET CB  HB3  sing N N 207 
MET CG  SD   sing N N 208 
MET CG  HG2  sing N N 209 
MET CG  HG3  sing N N 210 
MET SD  CE   sing N N 211 
MET CE  HE1  sing N N 212 
MET CE  HE2  sing N N 213 
MET CE  HE3  sing N N 214 
MET OXT HXT  sing N N 215 
PHE N   CA   sing N N 216 
PHE N   H    sing N N 217 
PHE N   H2   sing N N 218 
PHE CA  C    sing N N 219 
PHE CA  CB   sing N N 220 
PHE CA  HA   sing N N 221 
PHE C   O    doub N N 222 
PHE C   OXT  sing N N 223 
PHE CB  CG   sing N N 224 
PHE CB  HB2  sing N N 225 
PHE CB  HB3  sing N N 226 
PHE CG  CD1  doub Y N 227 
PHE CG  CD2  sing Y N 228 
PHE CD1 CE1  sing Y N 229 
PHE CD1 HD1  sing N N 230 
PHE CD2 CE2  doub Y N 231 
PHE CD2 HD2  sing N N 232 
PHE CE1 CZ   doub Y N 233 
PHE CE1 HE1  sing N N 234 
PHE CE2 CZ   sing Y N 235 
PHE CE2 HE2  sing N N 236 
PHE CZ  HZ   sing N N 237 
PHE OXT HXT  sing N N 238 
PRO N   CA   sing N N 239 
PRO N   CD   sing N N 240 
PRO N   H    sing N N 241 
PRO CA  C    sing N N 242 
PRO CA  CB   sing N N 243 
PRO CA  HA   sing N N 244 
PRO C   O    doub N N 245 
PRO C   OXT  sing N N 246 
PRO CB  CG   sing N N 247 
PRO CB  HB2  sing N N 248 
PRO CB  HB3  sing N N 249 
PRO CG  CD   sing N N 250 
PRO CG  HG2  sing N N 251 
PRO CG  HG3  sing N N 252 
PRO CD  HD2  sing N N 253 
PRO CD  HD3  sing N N 254 
PRO OXT HXT  sing N N 255 
SER N   CA   sing N N 256 
SER N   H    sing N N 257 
SER N   H2   sing N N 258 
SER CA  C    sing N N 259 
SER CA  CB   sing N N 260 
SER CA  HA   sing N N 261 
SER C   O    doub N N 262 
SER C   OXT  sing N N 263 
SER CB  OG   sing N N 264 
SER CB  HB2  sing N N 265 
SER CB  HB3  sing N N 266 
SER OG  HG   sing N N 267 
SER OXT HXT  sing N N 268 
THR N   CA   sing N N 269 
THR N   H    sing N N 270 
THR N   H2   sing N N 271 
THR CA  C    sing N N 272 
THR CA  CB   sing N N 273 
THR CA  HA   sing N N 274 
THR C   O    doub N N 275 
THR C   OXT  sing N N 276 
THR CB  OG1  sing N N 277 
THR CB  CG2  sing N N 278 
THR CB  HB   sing N N 279 
THR OG1 HG1  sing N N 280 
THR CG2 HG21 sing N N 281 
THR CG2 HG22 sing N N 282 
THR CG2 HG23 sing N N 283 
THR OXT HXT  sing N N 284 
TRP N   CA   sing N N 285 
TRP N   H    sing N N 286 
TRP N   H2   sing N N 287 
TRP CA  C    sing N N 288 
TRP CA  CB   sing N N 289 
TRP CA  HA   sing N N 290 
TRP C   O    doub N N 291 
TRP C   OXT  sing N N 292 
TRP CB  CG   sing N N 293 
TRP CB  HB2  sing N N 294 
TRP CB  HB3  sing N N 295 
TRP CG  CD1  doub Y N 296 
TRP CG  CD2  sing Y N 297 
TRP CD1 NE1  sing Y N 298 
TRP CD1 HD1  sing N N 299 
TRP CD2 CE2  doub Y N 300 
TRP CD2 CE3  sing Y N 301 
TRP NE1 CE2  sing Y N 302 
TRP NE1 HE1  sing N N 303 
TRP CE2 CZ2  sing Y N 304 
TRP CE3 CZ3  doub Y N 305 
TRP CE3 HE3  sing N N 306 
TRP CZ2 CH2  doub Y N 307 
TRP CZ2 HZ2  sing N N 308 
TRP CZ3 CH2  sing Y N 309 
TRP CZ3 HZ3  sing N N 310 
TRP CH2 HH2  sing N N 311 
TRP OXT HXT  sing N N 312 
TYR N   CA   sing N N 313 
TYR N   H    sing N N 314 
TYR N   H2   sing N N 315 
TYR CA  C    sing N N 316 
TYR CA  CB   sing N N 317 
TYR CA  HA   sing N N 318 
TYR C   O    doub N N 319 
TYR C   OXT  sing N N 320 
TYR CB  CG   sing N N 321 
TYR CB  HB2  sing N N 322 
TYR CB  HB3  sing N N 323 
TYR CG  CD1  doub Y N 324 
TYR CG  CD2  sing Y N 325 
TYR CD1 CE1  sing Y N 326 
TYR CD1 HD1  sing N N 327 
TYR CD2 CE2  doub Y N 328 
TYR CD2 HD2  sing N N 329 
TYR CE1 CZ   doub Y N 330 
TYR CE1 HE1  sing N N 331 
TYR CE2 CZ   sing Y N 332 
TYR CE2 HE2  sing N N 333 
TYR CZ  OH   sing N N 334 
TYR OH  HH   sing N N 335 
TYR OXT HXT  sing N N 336 
VAL N   CA   sing N N 337 
VAL N   H    sing N N 338 
VAL N   H2   sing N N 339 
VAL CA  C    sing N N 340 
VAL CA  CB   sing N N 341 
VAL CA  HA   sing N N 342 
VAL C   O    doub N N 343 
VAL C   OXT  sing N N 344 
VAL CB  CG1  sing N N 345 
VAL CB  CG2  sing N N 346 
VAL CB  HB   sing N N 347 
VAL CG1 HG11 sing N N 348 
VAL CG1 HG12 sing N N 349 
VAL CG1 HG13 sing N N 350 
VAL CG2 HG21 sing N N 351 
VAL CG2 HG22 sing N N 352 
VAL CG2 HG23 sing N N 353 
VAL OXT HXT  sing N N 354 
# 
_pdbx_initial_refinement_model.id               1 
_pdbx_initial_refinement_model.entity_id_list   ? 
_pdbx_initial_refinement_model.type             'experimental model' 
_pdbx_initial_refinement_model.source_name      PDB 
_pdbx_initial_refinement_model.accession_code   1HKF 
_pdbx_initial_refinement_model.details          'PDB ENTRY 1HKF' 
# 
_atom_sites.entry_id                    1ZOX 
_atom_sites.fract_transf_matrix[1][1]   0.00894485 
_atom_sites.fract_transf_matrix[1][2]   0.00307373 
_atom_sites.fract_transf_matrix[1][3]   0.03513935 
_atom_sites.fract_transf_matrix[2][1]   -0.01010993 
_atom_sites.fract_transf_matrix[2][2]   -0.01554266 
_atom_sites.fract_transf_matrix[2][3]   0.00393308 
_atom_sites.fract_transf_matrix[3][1]   0.01150512 
_atom_sites.fract_transf_matrix[3][2]   -0.00804665 
_atom_sites.fract_transf_matrix[3][3]   -0.00222481 
_atom_sites.fract_transf_vector[1]      0.246713 
_atom_sites.fract_transf_vector[2]      0.428092 
_atom_sites.fract_transf_vector[3]      0.204877 
# 
loop_
_atom_type.symbol 
C 
N 
O 
S 
# 
loop_
_atom_site.group_PDB 
_atom_site.id 
_atom_site.type_symbol 
_atom_site.label_atom_id 
_atom_site.label_alt_id 
_atom_site.label_comp_id 
_atom_site.label_asym_id 
_atom_site.label_entity_id 
_atom_site.label_seq_id 
_atom_site.pdbx_PDB_ins_code 
_atom_site.Cartn_x 
_atom_site.Cartn_y 
_atom_site.Cartn_z 
_atom_site.occupancy 
_atom_site.B_iso_or_equiv 
_atom_site.pdbx_formal_charge 
_atom_site.auth_seq_id 
_atom_site.auth_comp_id 
_atom_site.auth_asym_id 
_atom_site.auth_atom_id 
_atom_site.pdbx_PDB_model_num 
ATOM   1    N N   . GLU A 1 2   ? 4.282   -19.098 0.522   1.00 42.73 ? 1   GLU A N   1 
ATOM   2    C CA  . GLU A 1 2   ? 3.135   -18.260 0.960   1.00 41.56 ? 1   GLU A CA  1 
ATOM   3    C C   . GLU A 1 2   ? 2.591   -17.382 -0.154  1.00 38.60 ? 1   GLU A C   1 
ATOM   4    O O   . GLU A 1 2   ? 3.023   -17.463 -1.305  1.00 37.00 ? 1   GLU A O   1 
ATOM   5    C CB  . GLU A 1 2   ? 3.534   -17.352 2.123   1.00 44.55 ? 1   GLU A CB  1 
ATOM   6    C CG  . GLU A 1 2   ? 3.885   -18.057 3.404   1.00 50.02 ? 1   GLU A CG  1 
ATOM   7    C CD  . GLU A 1 2   ? 3.739   -17.142 4.600   1.00 54.01 ? 1   GLU A CD  1 
ATOM   8    O OE1 . GLU A 1 2   ? 4.119   -15.958 4.496   1.00 58.75 ? 1   GLU A OE1 1 
ATOM   9    O OE2 . GLU A 1 2   ? 3.248   -17.606 5.646   1.00 57.99 ? 1   GLU A OE2 1 
ATOM   10   N N   . ASP A 1 3   ? 1.638   -16.532 0.217   1.00 34.35 ? 2   ASP A N   1 
ATOM   11   C CA  . ASP A 1 3   ? 1.010   -15.614 -0.718  1.00 30.51 ? 2   ASP A CA  1 
ATOM   12   C C   . ASP A 1 3   ? 2.035   -14.582 -1.179  1.00 25.75 ? 2   ASP A C   1 
ATOM   13   O O   . ASP A 1 3   ? 2.879   -14.139 -0.400  1.00 24.79 ? 2   ASP A O   1 
ATOM   14   C CB  . ASP A 1 3   ? -0.182  -14.920 -0.050  1.00 29.31 ? 2   ASP A CB  1 
ATOM   15   C CG  . ASP A 1 3   ? -1.131  -15.906 0.611   1.00 31.82 ? 2   ASP A CG  1 
ATOM   16   O OD1 . ASP A 1 3   ? -1.429  -16.944 -0.015  1.00 30.41 ? 2   ASP A OD1 1 
ATOM   17   O OD2 . ASP A 1 3   ? -1.585  -15.643 1.746   1.00 28.07 ? 2   ASP A OD2 1 
ATOM   18   N N   . PRO A 1 4   ? 1.970   -14.186 -2.456  1.00 24.13 ? 3   PRO A N   1 
ATOM   19   C CA  . PRO A 1 4   ? 2.898   -13.206 -3.031  1.00 22.86 ? 3   PRO A CA  1 
ATOM   20   C C   . PRO A 1 4   ? 3.014   -11.941 -2.181  1.00 19.42 ? 3   PRO A C   1 
ATOM   21   O O   . PRO A 1 4   ? 4.110   -11.446 -1.932  1.00 21.24 ? 3   PRO A O   1 
ATOM   22   C CB  . PRO A 1 4   ? 2.288   -12.918 -4.400  1.00 21.85 ? 3   PRO A CB  1 
ATOM   23   C CG  . PRO A 1 4   ? 1.584   -14.187 -4.736  1.00 25.40 ? 3   PRO A CG  1 
ATOM   24   C CD  . PRO A 1 4   ? 0.933   -14.558 -3.433  1.00 22.58 ? 3   PRO A CD  1 
ATOM   25   N N   . VAL A 1 5   ? 1.875   -11.419 -1.746  1.00 20.78 ? 4   VAL A N   1 
ATOM   26   C CA  . VAL A 1 5   ? 1.866   -10.210 -0.934  1.00 18.77 ? 4   VAL A CA  1 
ATOM   27   C C   . VAL A 1 5   ? 0.777   -10.303 0.129   1.00 19.91 ? 4   VAL A C   1 
ATOM   28   O O   . VAL A 1 5   ? -0.326  -10.788 -0.131  1.00 17.39 ? 4   VAL A O   1 
ATOM   29   C CB  . VAL A 1 5   ? 1.642   -8.951  -1.823  1.00 19.96 ? 4   VAL A CB  1 
ATOM   30   C CG1 . VAL A 1 5   ? 0.241   -8.971  -2.428  1.00 17.03 ? 4   VAL A CG1 1 
ATOM   31   C CG2 . VAL A 1 5   ? 1.869   -7.685  -1.010  1.00 16.95 ? 4   VAL A CG2 1 
ATOM   32   N N   . THR A 1 6   ? 1.098   -9.851  1.334   1.00 19.31 ? 5   THR A N   1 
ATOM   33   C CA  . THR A 1 6   ? 0.145   -9.884  2.434   1.00 24.07 ? 5   THR A CA  1 
ATOM   34   C C   . THR A 1 6   ? 0.318   -8.646  3.305   1.00 21.96 ? 5   THR A C   1 
ATOM   35   O O   . THR A 1 6   ? 1.403   -8.077  3.384   1.00 22.83 ? 5   THR A O   1 
ATOM   36   C CB  . THR A 1 6   ? 0.352   -11.136 3.312   1.00 24.49 ? 5   THR A CB  1 
ATOM   37   O OG1 . THR A 1 6   ? 0.359   -12.304 2.483   1.00 30.15 ? 5   THR A OG1 1 
ATOM   38   C CG2 . THR A 1 6   ? -0.769  -11.261 4.344   1.00 26.33 ? 5   THR A CG2 1 
ATOM   39   N N   . GLY A 1 7   ? -0.760  -8.227  3.947   1.00 22.24 ? 6   GLY A N   1 
ATOM   40   C CA  . GLY A 1 7   ? -0.699  -7.068  4.816   1.00 21.72 ? 6   GLY A CA  1 
ATOM   41   C C   . GLY A 1 7   ? -1.749  -7.220  5.891   1.00 21.09 ? 6   GLY A C   1 
ATOM   42   O O   . GLY A 1 7   ? -2.342  -8.291  6.014   1.00 25.24 ? 6   GLY A O   1 
ATOM   43   N N   . PRO A 1 8   ? -1.995  -6.182  6.699   1.00 20.84 ? 7   PRO A N   1 
ATOM   44   C CA  . PRO A 1 8   ? -3.011  -6.294  7.746   1.00 20.15 ? 7   PRO A CA  1 
ATOM   45   C C   . PRO A 1 8   ? -4.396  -6.246  7.111   1.00 18.73 ? 7   PRO A C   1 
ATOM   46   O O   . PRO A 1 8   ? -4.587  -5.571  6.099   1.00 18.80 ? 7   PRO A O   1 
ATOM   47   C CB  . PRO A 1 8   ? -2.734  -5.074  8.618   1.00 20.41 ? 7   PRO A CB  1 
ATOM   48   C CG  . PRO A 1 8   ? -2.269  -4.059  7.615   1.00 22.47 ? 7   PRO A CG  1 
ATOM   49   C CD  . PRO A 1 8   ? -1.318  -4.873  6.761   1.00 20.52 ? 7   PRO A CD  1 
ATOM   50   N N   . GLU A 1 9   ? -5.359  -6.960  7.690   1.00 17.89 ? 8   GLU A N   1 
ATOM   51   C CA  . GLU A 1 9   ? -6.711  -6.951  7.146   1.00 22.07 ? 8   GLU A CA  1 
ATOM   52   C C   . GLU A 1 9   ? -7.317  -5.559  7.239   1.00 20.60 ? 8   GLU A C   1 
ATOM   53   O O   . GLU A 1 9   ? -8.079  -5.139  6.368   1.00 17.67 ? 8   GLU A O   1 
ATOM   54   C CB  . GLU A 1 9   ? -7.607  -7.930  7.898   1.00 25.36 ? 8   GLU A CB  1 
ATOM   55   C CG  . GLU A 1 9   ? -7.296  -9.381  7.627   1.00 33.87 ? 8   GLU A CG  1 
ATOM   56   C CD  . GLU A 1 9   ? -8.495  -10.267 7.871   1.00 37.31 ? 8   GLU A CD  1 
ATOM   57   O OE1 . GLU A 1 9   ? -8.997  -10.285 9.014   1.00 41.53 ? 8   GLU A OE1 1 
ATOM   58   O OE2 . GLU A 1 9   ? -8.940  -10.941 6.918   1.00 40.81 ? 8   GLU A OE2 1 
ATOM   59   N N   . GLU A 1 10  ? -6.976  -4.857  8.315   1.00 20.40 ? 9   GLU A N   1 
ATOM   60   C CA  . GLU A 1 10  ? -7.464  -3.507  8.553   1.00 22.72 ? 9   GLU A CA  1 
ATOM   61   C C   . GLU A 1 10  ? -6.429  -2.658  9.277   1.00 20.02 ? 9   GLU A C   1 
ATOM   62   O O   . GLU A 1 10  ? -5.524  -3.176  9.934   1.00 16.69 ? 9   GLU A O   1 
ATOM   63   C CB  . GLU A 1 10  ? -8.739  -3.545  9.395   1.00 25.04 ? 9   GLU A CB  1 
ATOM   64   C CG  . GLU A 1 10  ? -9.966  -4.033  8.660   1.00 31.04 ? 9   GLU A CG  1 
ATOM   65   C CD  . GLU A 1 10  ? -11.189 -4.060  9.553   1.00 34.62 ? 9   GLU A CD  1 
ATOM   66   O OE1 . GLU A 1 10  ? -11.402 -3.076  10.299  1.00 33.15 ? 9   GLU A OE1 1 
ATOM   67   O OE2 . GLU A 1 10  ? -11.940 -5.059  9.502   1.00 37.59 ? 9   GLU A OE2 1 
ATOM   68   N N   . VAL A 1 11  ? -6.574  -1.346  9.148   1.00 18.80 ? 10  VAL A N   1 
ATOM   69   C CA  . VAL A 1 11  ? -5.687  -0.398  9.803   1.00 17.40 ? 10  VAL A CA  1 
ATOM   70   C C   . VAL A 1 11  ? -6.544  0.821   10.123  1.00 18.93 ? 10  VAL A C   1 
ATOM   71   O O   . VAL A 1 11  ? -7.454  1.155   9.364   1.00 16.85 ? 10  VAL A O   1 
ATOM   72   C CB  . VAL A 1 11  ? -4.508  0.009   8.886   1.00 17.57 ? 10  VAL A CB  1 
ATOM   73   C CG1 . VAL A 1 11  ? -5.026  0.680   7.624   1.00 15.20 ? 10  VAL A CG1 1 
ATOM   74   C CG2 . VAL A 1 11  ? -3.566  0.934   9.639   1.00 15.97 ? 10  VAL A CG2 1 
ATOM   75   N N   . SER A 1 12  ? -6.266  1.473   11.246  1.00 15.30 ? 11  SER A N   1 
ATOM   76   C CA  . SER A 1 12  ? -7.042  2.637   11.652  1.00 15.79 ? 11  SER A CA  1 
ATOM   77   C C   . SER A 1 12  ? -6.178  3.873   11.864  1.00 14.10 ? 11  SER A C   1 
ATOM   78   O O   . SER A 1 12  ? -4.990  3.774   12.169  1.00 14.02 ? 11  SER A O   1 
ATOM   79   C CB  . SER A 1 12  ? -7.816  2.322   12.931  1.00 15.34 ? 11  SER A CB  1 
ATOM   80   O OG  . SER A 1 12  ? -8.694  1.229   12.735  1.00 18.12 ? 11  SER A OG  1 
ATOM   81   N N   . GLY A 1 13  ? -6.795  5.036   11.692  1.00 16.16 ? 12  GLY A N   1 
ATOM   82   C CA  . GLY A 1 13  ? -6.100  6.298   11.864  1.00 17.77 ? 12  GLY A CA  1 
ATOM   83   C C   . GLY A 1 13  ? -7.081  7.377   12.276  1.00 21.03 ? 12  GLY A C   1 
ATOM   84   O O   . GLY A 1 13  ? -8.294  7.167   12.233  1.00 19.14 ? 12  GLY A O   1 
ATOM   85   N N   . GLN A 1 14  ? -6.566  8.537   12.667  1.00 20.33 ? 13  GLN A N   1 
ATOM   86   C CA  . GLN A 1 14  ? -7.420  9.635   13.098  1.00 20.98 ? 13  GLN A CA  1 
ATOM   87   C C   . GLN A 1 14  ? -7.226  10.845  12.197  1.00 20.83 ? 13  GLN A C   1 
ATOM   88   O O   . GLN A 1 14  ? -6.140  11.044  11.657  1.00 18.18 ? 13  GLN A O   1 
ATOM   89   C CB  . GLN A 1 14  ? -7.080  10.019  14.540  1.00 20.56 ? 13  GLN A CB  1 
ATOM   90   C CG  . GLN A 1 14  ? -8.061  10.993  15.170  1.00 20.85 ? 13  GLN A CG  1 
ATOM   91   C CD  . GLN A 1 14  ? -7.690  11.357  16.589  1.00 21.74 ? 13  GLN A CD  1 
ATOM   92   O OE1 . GLN A 1 14  ? -6.798  12.176  16.823  1.00 27.68 ? 13  GLN A OE1 1 
ATOM   93   N NE2 . GLN A 1 14  ? -8.366  10.741  17.553  1.00 24.65 ? 13  GLN A NE2 1 
ATOM   94   N N   . GLU A 1 15  ? -8.280  11.645  12.032  1.00 22.07 ? 14  GLU A N   1 
ATOM   95   C CA  . GLU A 1 15  ? -8.197  12.853  11.209  1.00 23.03 ? 14  GLU A CA  1 
ATOM   96   C C   . GLU A 1 15  ? -6.953  13.635  11.574  1.00 21.08 ? 14  GLU A C   1 
ATOM   97   O O   . GLU A 1 15  ? -6.615  13.753  12.750  1.00 22.04 ? 14  GLU A O   1 
ATOM   98   C CB  . GLU A 1 15  ? -9.373  13.787  11.457  1.00 24.66 ? 14  GLU A CB  1 
ATOM   99   C CG  . GLU A 1 15  ? -10.703 13.338  10.966  1.00 27.35 ? 14  GLU A CG  1 
ATOM   100  C CD  . GLU A 1 15  ? -11.723 14.436  11.142  1.00 28.18 ? 14  GLU A CD  1 
ATOM   101  O OE1 . GLU A 1 15  ? -11.824 14.961  12.273  1.00 28.13 ? 14  GLU A OE1 1 
ATOM   102  O OE2 . GLU A 1 15  ? -12.410 14.775  10.157  1.00 29.03 ? 14  GLU A OE2 1 
ATOM   103  N N   . GLN A 1 16  ? -6.302  14.193  10.562  1.00 20.96 ? 15  GLN A N   1 
ATOM   104  C CA  . GLN A 1 16  ? -5.099  14.993  10.739  1.00 24.20 ? 15  GLN A CA  1 
ATOM   105  C C   . GLN A 1 16  ? -3.900  14.193  11.238  1.00 25.00 ? 15  GLN A C   1 
ATOM   106  O O   . GLN A 1 16  ? -2.794  14.725  11.340  1.00 27.75 ? 15  GLN A O   1 
ATOM   107  C CB  . GLN A 1 16  ? -5.374  16.166  11.687  1.00 22.53 ? 15  GLN A CB  1 
ATOM   108  C CG  . GLN A 1 16  ? -6.533  17.041  11.262  1.00 27.08 ? 15  GLN A CG  1 
ATOM   109  C CD  . GLN A 1 16  ? -6.355  18.495  11.676  1.00 31.30 ? 15  GLN A CD  1 
ATOM   110  O OE1 . GLN A 1 16  ? -6.202  18.807  12.858  1.00 29.89 ? 15  GLN A OE1 1 
ATOM   111  N NE2 . GLN A 1 16  ? -6.375  19.392  10.694  1.00 32.07 ? 15  GLN A NE2 1 
ATOM   112  N N   . GLY A 1 17  ? -4.115  12.920  11.550  1.00 22.91 ? 16  GLY A N   1 
ATOM   113  C CA  . GLY A 1 17  ? -3.018  12.088  12.008  1.00 21.35 ? 16  GLY A CA  1 
ATOM   114  C C   . GLY A 1 17  ? -2.462  11.313  10.829  1.00 22.22 ? 16  GLY A C   1 
ATOM   115  O O   . GLY A 1 17  ? -2.595  11.745  9.680   1.00 21.60 ? 16  GLY A O   1 
ATOM   116  N N   . SER A 1 18  ? -1.835  10.172  11.096  1.00 18.12 ? 17  SER A N   1 
ATOM   117  C CA  . SER A 1 18  ? -1.288  9.357   10.019  1.00 19.17 ? 17  SER A CA  1 
ATOM   118  C C   . SER A 1 18  ? -1.374  7.882   10.358  1.00 16.66 ? 17  SER A C   1 
ATOM   119  O O   . SER A 1 18  ? -1.701  7.507   11.485  1.00 17.21 ? 17  SER A O   1 
ATOM   120  C CB  . SER A 1 18  ? 0.171   9.734   9.742   1.00 20.04 ? 17  SER A CB  1 
ATOM   121  O OG  . SER A 1 18  ? 0.993   9.408   10.844  1.00 25.98 ? 17  SER A OG  1 
ATOM   122  N N   . LEU A 1 19  ? -1.095  7.046   9.365   1.00 14.44 ? 18  LEU A N   1 
ATOM   123  C CA  . LEU A 1 19  ? -1.112  5.607   9.550   1.00 18.02 ? 18  LEU A CA  1 
ATOM   124  C C   . LEU A 1 19  ? -0.092  4.988   8.605   1.00 18.03 ? 18  LEU A C   1 
ATOM   125  O O   . LEU A 1 19  ? 0.272   5.588   7.590   1.00 15.00 ? 18  LEU A O   1 
ATOM   126  C CB  . LEU A 1 19  ? -2.520  5.040   9.291   1.00 17.71 ? 18  LEU A CB  1 
ATOM   127  C CG  . LEU A 1 19  ? -3.192  5.162   7.918   1.00 19.40 ? 18  LEU A CG  1 
ATOM   128  C CD1 . LEU A 1 19  ? -2.583  4.163   6.943   1.00 15.87 ? 18  LEU A CD1 1 
ATOM   129  C CD2 . LEU A 1 19  ? -4.687  4.894   8.058   1.00 16.71 ? 18  LEU A CD2 1 
ATOM   130  N N   . THR A 1 20  ? 0.384   3.801   8.962   1.00 18.13 ? 19  THR A N   1 
ATOM   131  C CA  . THR A 1 20  ? 1.360   3.088   8.154   1.00 19.17 ? 19  THR A CA  1 
ATOM   132  C C   . THR A 1 20  ? 0.875   1.664   7.911   1.00 19.67 ? 19  THR A C   1 
ATOM   133  O O   . THR A 1 20  ? 0.284   1.038   8.789   1.00 21.78 ? 19  THR A O   1 
ATOM   134  C CB  . THR A 1 20  ? 2.734   3.025   8.853   1.00 19.72 ? 19  THR A CB  1 
ATOM   135  O OG1 . THR A 1 20  ? 2.616   2.279   10.070  1.00 22.80 ? 19  THR A OG1 1 
ATOM   136  C CG2 . THR A 1 20  ? 3.231   4.428   9.179   1.00 20.13 ? 19  THR A CG2 1 
ATOM   137  N N   . VAL A 1 21  ? 1.120   1.166   6.706   1.00 20.32 ? 20  VAL A N   1 
ATOM   138  C CA  . VAL A 1 21  ? 0.725   -0.188  6.339   1.00 17.52 ? 20  VAL A CA  1 
ATOM   139  C C   . VAL A 1 21  ? 1.972   -0.933  5.899   1.00 17.37 ? 20  VAL A C   1 
ATOM   140  O O   . VAL A 1 21  ? 2.785   -0.403  5.147   1.00 14.90 ? 20  VAL A O   1 
ATOM   141  C CB  . VAL A 1 21  ? -0.288  -0.188  5.174   1.00 14.46 ? 20  VAL A CB  1 
ATOM   142  C CG1 . VAL A 1 21  ? -0.563  -1.618  4.715   1.00 16.58 ? 20  VAL A CG1 1 
ATOM   143  C CG2 . VAL A 1 21  ? -1.583  0.477   5.614   1.00 15.32 ? 20  VAL A CG2 1 
ATOM   144  N N   . GLN A 1 22  ? 2.132   -2.155  6.387   1.00 15.67 ? 21  GLN A N   1 
ATOM   145  C CA  . GLN A 1 22  ? 3.285   -2.961  6.020   1.00 17.56 ? 21  GLN A CA  1 
ATOM   146  C C   . GLN A 1 22  ? 2.826   -4.081  5.103   1.00 17.15 ? 21  GLN A C   1 
ATOM   147  O O   . GLN A 1 22  ? 2.075   -4.969  5.510   1.00 19.17 ? 21  GLN A O   1 
ATOM   148  C CB  . GLN A 1 22  ? 3.968   -3.525  7.269   1.00 20.24 ? 21  GLN A CB  1 
ATOM   149  C CG  . GLN A 1 22  ? 4.935   -2.544  7.923   1.00 22.61 ? 21  GLN A CG  1 
ATOM   150  C CD  . GLN A 1 22  ? 5.795   -3.178  9.003   1.00 28.84 ? 21  GLN A CD  1 
ATOM   151  O OE1 . GLN A 1 22  ? 6.948   -2.786  9.197   1.00 36.63 ? 21  GLN A OE1 1 
ATOM   152  N NE2 . GLN A 1 22  ? 5.236   -4.145  9.724   1.00 31.21 ? 21  GLN A NE2 1 
ATOM   153  N N   . CYS A 1 23  ? 3.254   -4.006  3.848   1.00 16.02 ? 22  CYS A N   1 
ATOM   154  C CA  . CYS A 1 23  ? 2.902   -5.004  2.853   1.00 17.36 ? 22  CYS A CA  1 
ATOM   155  C C   . CYS A 1 23  ? 4.060   -5.996  2.723   1.00 17.86 ? 22  CYS A C   1 
ATOM   156  O O   . CYS A 1 23  ? 5.111   -5.676  2.170   1.00 16.95 ? 22  CYS A O   1 
ATOM   157  C CB  . CYS A 1 23  ? 2.653   -4.330  1.506   1.00 19.89 ? 22  CYS A CB  1 
ATOM   158  S SG  . CYS A 1 23  ? 1.330   -3.071  1.420   1.00 24.93 ? 22  CYS A SG  1 
ATOM   159  N N   . ARG A 1 24  ? 3.862   -7.204  3.235   1.00 17.27 ? 23  ARG A N   1 
ATOM   160  C CA  . ARG A 1 24  ? 4.887   -8.238  3.199   1.00 20.29 ? 23  ARG A CA  1 
ATOM   161  C C   . ARG A 1 24  ? 4.789   -9.081  1.928   1.00 19.65 ? 23  ARG A C   1 
ATOM   162  O O   . ARG A 1 24  ? 3.700   -9.494  1.537   1.00 16.58 ? 23  ARG A O   1 
ATOM   163  C CB  . ARG A 1 24  ? 4.750   -9.137  4.434   1.00 25.00 ? 23  ARG A CB  1 
ATOM   164  C CG  . ARG A 1 24  ? 4.901   -8.380  5.748   1.00 33.59 ? 23  ARG A CG  1 
ATOM   165  C CD  . ARG A 1 24  ? 4.688   -9.277  6.965   1.00 37.92 ? 23  ARG A CD  1 
ATOM   166  N NE  . ARG A 1 24  ? 3.279   -9.580  7.221   1.00 43.87 ? 23  ARG A NE  1 
ATOM   167  C CZ  . ARG A 1 24  ? 2.359   -8.680  7.562   1.00 46.53 ? 23  ARG A CZ  1 
ATOM   168  N NH1 . ARG A 1 24  ? 2.683   -7.398  7.692   1.00 45.10 ? 23  ARG A NH1 1 
ATOM   169  N NH2 . ARG A 1 24  ? 1.111   -9.065  7.785   1.00 48.23 ? 23  ARG A NH2 1 
ATOM   170  N N   . TYR A 1 25  ? 5.928   -9.337  1.292   1.00 17.43 ? 24  TYR A N   1 
ATOM   171  C CA  . TYR A 1 25  ? 5.963   -10.129 0.065   1.00 16.43 ? 24  TYR A CA  1 
ATOM   172  C C   . TYR A 1 25  ? 7.072   -11.179 0.104   1.00 16.46 ? 24  TYR A C   1 
ATOM   173  O O   . TYR A 1 25  ? 7.978   -11.091 0.932   1.00 15.47 ? 24  TYR A O   1 
ATOM   174  C CB  . TYR A 1 25  ? 6.135   -9.199  -1.147  1.00 15.84 ? 24  TYR A CB  1 
ATOM   175  C CG  . TYR A 1 25  ? 7.412   -8.370  -1.165  1.00 16.30 ? 24  TYR A CG  1 
ATOM   176  C CD1 . TYR A 1 25  ? 8.583   -8.867  -1.740  1.00 16.87 ? 24  TYR A CD1 1 
ATOM   177  C CD2 . TYR A 1 25  ? 7.444   -7.080  -0.626  1.00 18.23 ? 24  TYR A CD2 1 
ATOM   178  C CE1 . TYR A 1 25  ? 9.753   -8.100  -1.784  1.00 15.11 ? 24  TYR A CE1 1 
ATOM   179  C CE2 . TYR A 1 25  ? 8.609   -6.305  -0.661  1.00 16.26 ? 24  TYR A CE2 1 
ATOM   180  C CZ  . TYR A 1 25  ? 9.757   -6.822  -1.242  1.00 17.21 ? 24  TYR A CZ  1 
ATOM   181  O OH  . TYR A 1 25  ? 10.909  -6.072  -1.278  1.00 17.49 ? 24  TYR A OH  1 
ATOM   182  N N   . THR A 1 26  ? 6.980   -12.184 -0.771  1.00 17.48 ? 25  THR A N   1 
ATOM   183  C CA  . THR A 1 26  ? 7.995   -13.236 -0.834  1.00 16.59 ? 25  THR A CA  1 
ATOM   184  C C   . THR A 1 26  ? 9.217   -12.773 -1.626  1.00 15.89 ? 25  THR A C   1 
ATOM   185  O O   . THR A 1 26  ? 9.108   -11.973 -2.556  1.00 18.58 ? 25  THR A O   1 
ATOM   186  C CB  . THR A 1 26  ? 7.428   -14.560 -1.428  1.00 15.24 ? 25  THR A CB  1 
ATOM   187  O OG1 . THR A 1 26  ? 6.670   -14.293 -2.610  1.00 18.71 ? 25  THR A OG1 1 
ATOM   188  C CG2 . THR A 1 26  ? 6.533   -15.245 -0.411  1.00 17.91 ? 25  THR A CG2 1 
ATOM   189  N N   . SER A 1 27  ? 10.379  -13.286 -1.234  1.00 16.67 ? 26  SER A N   1 
ATOM   190  C CA  . SER A 1 27  ? 11.669  -12.926 -1.819  1.00 17.67 ? 26  SER A CA  1 
ATOM   191  C C   . SER A 1 27  ? 11.745  -12.782 -3.335  1.00 18.19 ? 26  SER A C   1 
ATOM   192  O O   . SER A 1 27  ? 12.409  -11.877 -3.839  1.00 18.16 ? 26  SER A O   1 
ATOM   193  C CB  . SER A 1 27  ? 12.738  -13.915 -1.347  1.00 15.08 ? 26  SER A CB  1 
ATOM   194  O OG  . SER A 1 27  ? 12.457  -15.225 -1.802  1.00 17.46 ? 26  SER A OG  1 
ATOM   195  N N   . GLY A 1 28  ? 11.078  -13.667 -4.062  1.00 17.53 ? 27  GLY A N   1 
ATOM   196  C CA  . GLY A 1 28  ? 11.120  -13.586 -5.510  1.00 18.04 ? 27  GLY A CA  1 
ATOM   197  C C   . GLY A 1 28  ? 10.662  -12.269 -6.115  1.00 16.83 ? 27  GLY A C   1 
ATOM   198  O O   . GLY A 1 28  ? 11.083  -11.919 -7.221  1.00 17.91 ? 27  GLY A O   1 
ATOM   199  N N   . TRP A 1 29  ? 9.811   -11.530 -5.404  1.00 16.16 ? 28  TRP A N   1 
ATOM   200  C CA  . TRP A 1 29  ? 9.297   -10.258 -5.922  1.00 15.44 ? 28  TRP A CA  1 
ATOM   201  C C   . TRP A 1 29  ? 10.132  -9.045  -5.543  1.00 17.71 ? 28  TRP A C   1 
ATOM   202  O O   . TRP A 1 29  ? 9.663   -7.909  -5.648  1.00 15.61 ? 28  TRP A O   1 
ATOM   203  C CB  . TRP A 1 29  ? 7.867   -10.021 -5.439  1.00 15.16 ? 28  TRP A CB  1 
ATOM   204  C CG  . TRP A 1 29  ? 6.940   -11.170 -5.676  1.00 15.88 ? 28  TRP A CG  1 
ATOM   205  C CD1 . TRP A 1 29  ? 6.636   -12.168 -4.799  1.00 15.72 ? 28  TRP A CD1 1 
ATOM   206  C CD2 . TRP A 1 29  ? 6.181   -11.434 -6.864  1.00 16.17 ? 28  TRP A CD2 1 
ATOM   207  N NE1 . TRP A 1 29  ? 5.730   -13.036 -5.360  1.00 20.33 ? 28  TRP A NE1 1 
ATOM   208  C CE2 . TRP A 1 29  ? 5.433   -12.610 -6.628  1.00 15.71 ? 28  TRP A CE2 1 
ATOM   209  C CE3 . TRP A 1 29  ? 6.062   -10.792 -8.103  1.00 16.80 ? 28  TRP A CE3 1 
ATOM   210  C CZ2 . TRP A 1 29  ? 4.573   -13.157 -7.584  1.00 15.04 ? 28  TRP A CZ2 1 
ATOM   211  C CZ3 . TRP A 1 29  ? 5.206   -11.338 -9.056  1.00 20.28 ? 28  TRP A CZ3 1 
ATOM   212  C CH2 . TRP A 1 29  ? 4.472   -12.511 -8.788  1.00 17.44 ? 28  TRP A CH2 1 
ATOM   213  N N   . LYS A 1 30  ? 11.363  -9.286  -5.107  1.00 18.33 ? 29  LYS A N   1 
ATOM   214  C CA  . LYS A 1 30  ? 12.262  -8.217  -4.696  1.00 19.74 ? 29  LYS A CA  1 
ATOM   215  C C   . LYS A 1 30  ? 12.374  -7.078  -5.704  1.00 19.95 ? 29  LYS A C   1 
ATOM   216  O O   . LYS A 1 30  ? 12.164  -5.915  -5.361  1.00 20.14 ? 29  LYS A O   1 
ATOM   217  C CB  . LYS A 1 30  ? 13.661  -8.789  -4.431  1.00 23.78 ? 29  LYS A CB  1 
ATOM   218  C CG  . LYS A 1 30  ? 14.654  -7.789  -3.854  1.00 26.07 ? 29  LYS A CG  1 
ATOM   219  C CD  . LYS A 1 30  ? 16.078  -8.332  -3.889  1.00 30.28 ? 29  LYS A CD  1 
ATOM   220  C CE  . LYS A 1 30  ? 16.589  -8.427  -5.324  1.00 36.14 ? 29  LYS A CE  1 
ATOM   221  N NZ  . LYS A 1 30  ? 17.944  -9.040  -5.424  1.00 40.29 ? 29  LYS A NZ  1 
ATOM   222  N N   . ASP A 1 31  ? 12.696  -7.407  -6.951  1.00 18.13 ? 30  ASP A N   1 
ATOM   223  C CA  . ASP A 1 31  ? 12.878  -6.380  -7.966  1.00 18.87 ? 30  ASP A CA  1 
ATOM   224  C C   . ASP A 1 31  ? 11.661  -5.967  -8.785  1.00 20.52 ? 30  ASP A C   1 
ATOM   225  O O   . ASP A 1 31  ? 11.790  -5.577  -9.947  1.00 22.14 ? 30  ASP A O   1 
ATOM   226  C CB  . ASP A 1 31  ? 14.016  -6.786  -8.902  1.00 22.99 ? 30  ASP A CB  1 
ATOM   227  C CG  . ASP A 1 31  ? 15.311  -7.014  -8.159  1.00 20.34 ? 30  ASP A CG  1 
ATOM   228  O OD1 . ASP A 1 31  ? 15.731  -6.107  -7.413  1.00 25.46 ? 30  ASP A OD1 1 
ATOM   229  O OD2 . ASP A 1 31  ? 15.903  -8.097  -8.315  1.00 25.09 ? 30  ASP A OD2 1 
ATOM   230  N N   . TYR A 1 32  ? 10.483  -6.046  -8.180  1.00 17.46 ? 31  TYR A N   1 
ATOM   231  C CA  . TYR A 1 32  ? 9.259   -5.636  -8.850  1.00 16.58 ? 31  TYR A CA  1 
ATOM   232  C C   . TYR A 1 32  ? 8.808   -4.322  -8.226  1.00 17.08 ? 31  TYR A C   1 
ATOM   233  O O   . TYR A 1 32  ? 9.092   -4.053  -7.058  1.00 15.39 ? 31  TYR A O   1 
ATOM   234  C CB  . TYR A 1 32  ? 8.153   -6.681  -8.669  1.00 17.76 ? 31  TYR A CB  1 
ATOM   235  C CG  . TYR A 1 32  ? 8.330   -7.926  -9.506  1.00 18.58 ? 31  TYR A CG  1 
ATOM   236  C CD1 . TYR A 1 32  ? 9.300   -8.874  -9.187  1.00 16.91 ? 31  TYR A CD1 1 
ATOM   237  C CD2 . TYR A 1 32  ? 7.522   -8.160  -10.620 1.00 16.90 ? 31  TYR A CD2 1 
ATOM   238  C CE1 . TYR A 1 32  ? 9.463   -10.028 -9.953  1.00 17.10 ? 31  TYR A CE1 1 
ATOM   239  C CE2 . TYR A 1 32  ? 7.675   -9.310  -11.394 1.00 18.18 ? 31  TYR A CE2 1 
ATOM   240  C CZ  . TYR A 1 32  ? 8.649   -10.241 -11.054 1.00 18.95 ? 31  TYR A CZ  1 
ATOM   241  O OH  . TYR A 1 32  ? 8.813   -11.381 -11.810 1.00 19.39 ? 31  TYR A OH  1 
ATOM   242  N N   . LYS A 1 33  ? 8.114   -3.502  -9.004  1.00 16.94 ? 32  LYS A N   1 
ATOM   243  C CA  . LYS A 1 33  ? 7.622   -2.234  -8.487  1.00 18.11 ? 32  LYS A CA  1 
ATOM   244  C C   . LYS A 1 33  ? 6.472   -2.553  -7.540  1.00 18.30 ? 32  LYS A C   1 
ATOM   245  O O   . LYS A 1 33  ? 5.647   -3.424  -7.831  1.00 16.51 ? 32  LYS A O   1 
ATOM   246  C CB  . LYS A 1 33  ? 7.133   -1.339  -9.630  1.00 18.59 ? 32  LYS A CB  1 
ATOM   247  C CG  . LYS A 1 33  ? 8.205   -1.024  -10.670 1.00 24.08 ? 32  LYS A CG  1 
ATOM   248  C CD  . LYS A 1 33  ? 7.787   0.111   -11.592 1.00 25.54 ? 32  LYS A CD  1 
ATOM   249  C CE  . LYS A 1 33  ? 6.551   -0.235  -12.396 1.00 29.97 ? 32  LYS A CE  1 
ATOM   250  N NZ  . LYS A 1 33  ? 6.107   0.930   -13.225 1.00 36.96 ? 32  LYS A NZ  1 
ATOM   251  N N   . LYS A 1 34  ? 6.426   -1.857  -6.408  1.00 16.50 ? 33  LYS A N   1 
ATOM   252  C CA  . LYS A 1 34  ? 5.380   -2.075  -5.414  1.00 17.73 ? 33  LYS A CA  1 
ATOM   253  C C   . LYS A 1 34  ? 4.429   -0.881  -5.423  1.00 18.70 ? 33  LYS A C   1 
ATOM   254  O O   . LYS A 1 34  ? 4.843   0.239   -5.722  1.00 16.92 ? 33  LYS A O   1 
ATOM   255  C CB  . LYS A 1 34  ? 6.001   -2.228  -4.023  1.00 16.47 ? 33  LYS A CB  1 
ATOM   256  C CG  . LYS A 1 34  ? 7.182   -3.189  -3.951  1.00 15.96 ? 33  LYS A CG  1 
ATOM   257  C CD  . LYS A 1 34  ? 6.836   -4.572  -4.494  1.00 17.13 ? 33  LYS A CD  1 
ATOM   258  C CE  . LYS A 1 34  ? 7.921   -5.588  -4.172  1.00 12.56 ? 33  LYS A CE  1 
ATOM   259  N NZ  . LYS A 1 34  ? 9.269   -5.127  -4.588  1.00 15.97 ? 33  LYS A NZ  1 
ATOM   260  N N   . TYR A 1 35  ? 3.157   -1.102  -5.107  1.00 15.97 ? 34  TYR A N   1 
ATOM   261  C CA  . TYR A 1 35  ? 2.219   0.018   -5.111  1.00 14.72 ? 34  TYR A CA  1 
ATOM   262  C C   . TYR A 1 35  ? 1.106   -0.055  -4.077  1.00 14.69 ? 34  TYR A C   1 
ATOM   263  O O   . TYR A 1 35  ? 0.872   -1.096  -3.459  1.00 11.35 ? 34  TYR A O   1 
ATOM   264  C CB  . TYR A 1 35  ? 1.623   0.208   -6.521  1.00 15.33 ? 34  TYR A CB  1 
ATOM   265  C CG  . TYR A 1 35  ? 0.726   -0.916  -7.017  1.00 14.12 ? 34  TYR A CG  1 
ATOM   266  C CD1 . TYR A 1 35  ? -0.612  -0.993  -6.630  1.00 15.90 ? 34  TYR A CD1 1 
ATOM   267  C CD2 . TYR A 1 35  ? 1.225   -1.908  -7.858  1.00 13.95 ? 34  TYR A CD2 1 
ATOM   268  C CE1 . TYR A 1 35  ? -1.435  -2.037  -7.071  1.00 18.58 ? 34  TYR A CE1 1 
ATOM   269  C CE2 . TYR A 1 35  ? 0.415   -2.956  -8.306  1.00 16.36 ? 34  TYR A CE2 1 
ATOM   270  C CZ  . TYR A 1 35  ? -0.911  -3.014  -7.908  1.00 17.16 ? 34  TYR A CZ  1 
ATOM   271  O OH  . TYR A 1 35  ? -1.709  -4.039  -8.357  1.00 18.94 ? 34  TYR A OH  1 
ATOM   272  N N   . TRP A 1 36  ? 0.450   1.087   -3.888  1.00 13.75 ? 35  TRP A N   1 
ATOM   273  C CA  . TRP A 1 36  ? -0.663  1.242   -2.963  1.00 16.38 ? 35  TRP A CA  1 
ATOM   274  C C   . TRP A 1 36  ? -1.818  1.680   -3.857  1.00 15.87 ? 35  TRP A C   1 
ATOM   275  O O   . TRP A 1 36  ? -1.754  2.727   -4.509  1.00 17.33 ? 35  TRP A O   1 
ATOM   276  C CB  . TRP A 1 36  ? -0.337  2.318   -1.925  1.00 15.70 ? 35  TRP A CB  1 
ATOM   277  C CG  . TRP A 1 36  ? -1.372  2.494   -0.831  1.00 19.30 ? 35  TRP A CG  1 
ATOM   278  C CD1 . TRP A 1 36  ? -1.988  3.661   -0.478  1.00 18.03 ? 35  TRP A CD1 1 
ATOM   279  C CD2 . TRP A 1 36  ? -1.821  1.504   0.116   1.00 17.45 ? 35  TRP A CD2 1 
ATOM   280  N NE1 . TRP A 1 36  ? -2.783  3.466   0.630   1.00 20.47 ? 35  TRP A NE1 1 
ATOM   281  C CE2 . TRP A 1 36  ? -2.698  2.153   1.017   1.00 17.26 ? 35  TRP A CE2 1 
ATOM   282  C CE3 . TRP A 1 36  ? -1.562  0.137   0.293   1.00 16.69 ? 35  TRP A CE3 1 
ATOM   283  C CZ2 . TRP A 1 36  ? -3.319  1.484   2.078   1.00 16.07 ? 35  TRP A CZ2 1 
ATOM   284  C CZ3 . TRP A 1 36  ? -2.184  -0.532  1.355   1.00 14.33 ? 35  TRP A CZ3 1 
ATOM   285  C CH2 . TRP A 1 36  ? -3.050  0.146   2.231   1.00 13.68 ? 35  TRP A CH2 1 
ATOM   286  N N   . CYS A 1 37  ? -2.867  0.870   -3.888  1.00 13.50 ? 36  CYS A N   1 
ATOM   287  C CA  . CYS A 1 37  ? -4.014  1.132   -4.739  1.00 15.64 ? 36  CYS A CA  1 
ATOM   288  C C   . CYS A 1 37  ? -5.270  1.426   -3.928  1.00 15.77 ? 36  CYS A C   1 
ATOM   289  O O   . CYS A 1 37  ? -5.386  1.010   -2.775  1.00 17.23 ? 36  CYS A O   1 
ATOM   290  C CB  . CYS A 1 37  ? -4.228  -0.080  -5.646  1.00 16.97 ? 36  CYS A CB  1 
ATOM   291  S SG  . CYS A 1 37  ? -4.690  0.293   -7.367  1.00 19.69 ? 36  CYS A SG  1 
ATOM   292  N N   . GLN A 1 38  ? -6.214  2.130   -4.541  1.00 13.74 ? 37  GLN A N   1 
ATOM   293  C CA  . GLN A 1 38  ? -7.445  2.502   -3.854  1.00 16.77 ? 37  GLN A CA  1 
ATOM   294  C C   . GLN A 1 38  ? -8.724  2.203   -4.633  1.00 16.52 ? 37  GLN A C   1 
ATOM   295  O O   . GLN A 1 38  ? -8.789  2.413   -5.841  1.00 16.84 ? 37  GLN A O   1 
ATOM   296  C CB  . GLN A 1 38  ? -7.403  3.999   -3.524  1.00 17.24 ? 37  GLN A CB  1 
ATOM   297  C CG  . GLN A 1 38  ? -8.679  4.555   -2.906  1.00 21.07 ? 37  GLN A CG  1 
ATOM   298  C CD  . GLN A 1 38  ? -8.674  6.072   -2.854  1.00 23.86 ? 37  GLN A CD  1 
ATOM   299  O OE1 . GLN A 1 38  ? -8.506  6.734   -3.878  1.00 24.84 ? 37  GLN A OE1 1 
ATOM   300  N NE2 . GLN A 1 38  ? -8.860  6.629   -1.661  1.00 23.97 ? 37  GLN A NE2 1 
ATOM   301  N N   . GLY A 1 39  ? -9.733  1.702   -3.925  1.00 19.45 ? 38  GLY A N   1 
ATOM   302  C CA  . GLY A 1 39  ? -11.018 1.435   -4.544  1.00 19.40 ? 38  GLY A CA  1 
ATOM   303  C C   . GLY A 1 39  ? -11.305 0.079   -5.154  1.00 19.53 ? 38  GLY A C   1 
ATOM   304  O O   . GLY A 1 39  ? -10.468 -0.820  -5.172  1.00 17.73 ? 38  GLY A O   1 
ATOM   305  N N   . VAL A 1 40  ? -12.532 -0.043  -5.653  1.00 20.80 ? 39  VAL A N   1 
ATOM   306  C CA  . VAL A 1 40  ? -13.035 -1.251  -6.296  1.00 21.89 ? 39  VAL A CA  1 
ATOM   307  C C   . VAL A 1 40  ? -13.813 -0.804  -7.539  1.00 22.74 ? 39  VAL A C   1 
ATOM   308  O O   . VAL A 1 40  ? -14.302 0.324   -7.587  1.00 23.03 ? 39  VAL A O   1 
ATOM   309  C CB  . VAL A 1 40  ? -13.988 -2.019  -5.354  1.00 21.49 ? 39  VAL A CB  1 
ATOM   310  C CG1 . VAL A 1 40  ? -13.262 -2.399  -4.068  1.00 23.07 ? 39  VAL A CG1 1 
ATOM   311  C CG2 . VAL A 1 40  ? -15.204 -1.157  -5.032  1.00 24.40 ? 39  VAL A CG2 1 
ATOM   312  N N   . PRO A 1 41  ? -13.943 -1.678  -8.557  1.00 21.77 ? 40  PRO A N   1 
ATOM   313  C CA  . PRO A 1 41  ? -13.420 -3.042  -8.649  1.00 20.22 ? 40  PRO A CA  1 
ATOM   314  C C   . PRO A 1 41  ? -11.917 -3.147  -8.397  1.00 19.89 ? 40  PRO A C   1 
ATOM   315  O O   . PRO A 1 41  ? -11.142 -2.277  -8.793  1.00 20.19 ? 40  PRO A O   1 
ATOM   316  C CB  . PRO A 1 41  ? -13.789 -3.454  -10.071 1.00 21.84 ? 40  PRO A CB  1 
ATOM   317  C CG  . PRO A 1 41  ? -15.061 -2.730  -10.304 1.00 20.75 ? 40  PRO A CG  1 
ATOM   318  C CD  . PRO A 1 41  ? -14.772 -1.363  -9.736  1.00 19.11 ? 40  PRO A CD  1 
ATOM   319  N N   . GLN A 1 42  ? -11.525 -4.235  -7.745  1.00 18.60 ? 41  GLN A N   1 
ATOM   320  C CA  . GLN A 1 42  ? -10.133 -4.504  -7.412  1.00 19.05 ? 41  GLN A CA  1 
ATOM   321  C C   . GLN A 1 42  ? -9.135  -4.205  -8.526  1.00 17.56 ? 41  GLN A C   1 
ATOM   322  O O   . GLN A 1 42  ? -8.186  -3.435  -8.337  1.00 17.21 ? 41  GLN A O   1 
ATOM   323  C CB  . GLN A 1 42  ? -9.977  -5.973  -7.013  1.00 18.01 ? 41  GLN A CB  1 
ATOM   324  C CG  . GLN A 1 42  ? -8.547  -6.374  -6.666  1.00 18.97 ? 41  GLN A CG  1 
ATOM   325  C CD  . GLN A 1 42  ? -8.399  -7.870  -6.465  1.00 17.96 ? 41  GLN A CD  1 
ATOM   326  O OE1 . GLN A 1 42  ? -9.366  -8.562  -6.149  1.00 18.97 ? 41  GLN A OE1 1 
ATOM   327  N NE2 . GLN A 1 42  ? -7.180  -8.375  -6.629  1.00 21.86 ? 41  GLN A NE2 1 
ATOM   328  N N   . ARG A 1 43  ? -9.352  -4.822  -9.682  1.00 13.84 ? 42  ARG A N   1 
ATOM   329  C CA  . ARG A 1 43  ? -8.444  -4.673  -10.817 1.00 16.89 ? 42  ARG A CA  1 
ATOM   330  C C   . ARG A 1 43  ? -8.601  -3.358  -11.575 1.00 14.63 ? 42  ARG A C   1 
ATOM   331  O O   . ARG A 1 43  ? -8.004  -3.173  -12.631 1.00 15.60 ? 42  ARG A O   1 
ATOM   332  C CB  . ARG A 1 43  ? -8.612  -5.857  -11.780 1.00 16.18 ? 42  ARG A CB  1 
ATOM   333  C CG  . ARG A 1 43  ? -8.456  -7.237  -11.126 1.00 17.74 ? 42  ARG A CG  1 
ATOM   334  C CD  . ARG A 1 43  ? -7.009  -7.555  -10.773 1.00 20.42 ? 42  ARG A CD  1 
ATOM   335  N NE  . ARG A 1 43  ? -6.869  -8.827  -10.059 1.00 20.73 ? 42  ARG A NE  1 
ATOM   336  C CZ  . ARG A 1 43  ? -5.716  -9.299  -9.599  1.00 21.00 ? 42  ARG A CZ  1 
ATOM   337  N NH1 . ARG A 1 43  ? -4.602  -8.604  -9.784  1.00 18.93 ? 42  ARG A NH1 1 
ATOM   338  N NH2 . ARG A 1 43  ? -5.677  -10.454 -8.942  1.00 17.01 ? 42  ARG A NH2 1 
ATOM   339  N N   . SER A 1 44  ? -9.415  -2.456  -11.042 1.00 16.03 ? 43  SER A N   1 
ATOM   340  C CA  . SER A 1 44  ? -9.615  -1.148  -11.658 1.00 15.50 ? 43  SER A CA  1 
ATOM   341  C C   . SER A 1 44  ? -9.294  -0.091  -10.611 1.00 18.60 ? 43  SER A C   1 
ATOM   342  O O   . SER A 1 44  ? -9.638  1.081   -10.764 1.00 16.87 ? 43  SER A O   1 
ATOM   343  C CB  . SER A 1 44  ? -11.065 -0.990  -12.124 1.00 18.26 ? 43  SER A CB  1 
ATOM   344  O OG  . SER A 1 44  ? -11.363 -1.903  -13.167 1.00 16.29 ? 43  SER A OG  1 
ATOM   345  N N   . CYS A 1 45  ? -8.623  -0.518  -9.546  1.00 15.90 ? 44  CYS A N   1 
ATOM   346  C CA  . CYS A 1 45  ? -8.282  0.383   -8.466  1.00 15.44 ? 44  CYS A CA  1 
ATOM   347  C C   . CYS A 1 45  ? -7.375  1.504   -8.941  1.00 17.88 ? 44  CYS A C   1 
ATOM   348  O O   . CYS A 1 45  ? -6.628  1.358   -9.914  1.00 14.00 ? 44  CYS A O   1 
ATOM   349  C CB  . CYS A 1 45  ? -7.616  -0.385  -7.321  1.00 14.01 ? 44  CYS A CB  1 
ATOM   350  S SG  . CYS A 1 45  ? -6.039  -1.164  -7.774  1.00 16.33 ? 44  CYS A SG  1 
ATOM   351  N N   . LYS A 1 46  ? -7.462  2.625   -8.237  1.00 14.82 ? 45  LYS A N   1 
ATOM   352  C CA  . LYS A 1 46  ? -6.681  3.808   -8.538  1.00 17.15 ? 45  LYS A CA  1 
ATOM   353  C C   . LYS A 1 46  ? -5.337  3.742   -7.822  1.00 14.90 ? 45  LYS A C   1 
ATOM   354  O O   . LYS A 1 46  ? -5.281  3.641   -6.599  1.00 16.62 ? 45  LYS A O   1 
ATOM   355  C CB  . LYS A 1 46  ? -7.468  5.044   -8.093  1.00 18.66 ? 45  LYS A CB  1 
ATOM   356  C CG  . LYS A 1 46  ? -6.752  6.372   -8.280  1.00 22.55 ? 45  LYS A CG  1 
ATOM   357  C CD  . LYS A 1 46  ? -7.737  7.520   -8.109  1.00 25.48 ? 45  LYS A CD  1 
ATOM   358  C CE  . LYS A 1 46  ? -7.062  8.873   -8.245  1.00 28.83 ? 45  LYS A CE  1 
ATOM   359  N NZ  . LYS A 1 46  ? -6.166  9.137   -7.095  1.00 34.14 ? 45  LYS A NZ  1 
ATOM   360  N N   . THR A 1 47  ? -4.257  3.796   -8.592  1.00 17.21 ? 46  THR A N   1 
ATOM   361  C CA  . THR A 1 47  ? -2.911  3.745   -8.036  1.00 16.91 ? 46  THR A CA  1 
ATOM   362  C C   . THR A 1 47  ? -2.595  5.088   -7.382  1.00 15.99 ? 46  THR A C   1 
ATOM   363  O O   . THR A 1 47  ? -2.665  6.124   -8.037  1.00 15.34 ? 46  THR A O   1 
ATOM   364  C CB  . THR A 1 47  ? -1.869  3.489   -9.142  1.00 19.37 ? 46  THR A CB  1 
ATOM   365  O OG1 . THR A 1 47  ? -2.190  2.275   -9.830  1.00 22.93 ? 46  THR A OG1 1 
ATOM   366  C CG2 . THR A 1 47  ? -0.467  3.378   -8.547  1.00 19.14 ? 46  THR A CG2 1 
ATOM   367  N N   . LEU A 1 48  ? -2.245  5.073   -6.100  1.00 14.58 ? 47  LEU A N   1 
ATOM   368  C CA  . LEU A 1 48  ? -1.931  6.317   -5.397  1.00 16.61 ? 47  LEU A CA  1 
ATOM   369  C C   . LEU A 1 48  ? -0.440  6.615   -5.405  1.00 19.26 ? 47  LEU A C   1 
ATOM   370  O O   . LEU A 1 48  ? -0.027  7.778   -5.456  1.00 18.20 ? 47  LEU A O   1 
ATOM   371  C CB  . LEU A 1 48  ? -2.438  6.256   -3.954  1.00 14.56 ? 47  LEU A CB  1 
ATOM   372  C CG  . LEU A 1 48  ? -3.948  6.051   -3.793  1.00 11.78 ? 47  LEU A CG  1 
ATOM   373  C CD1 . LEU A 1 48  ? -4.339  6.220   -2.335  1.00 16.03 ? 47  LEU A CD1 1 
ATOM   374  C CD2 . LEU A 1 48  ? -4.685  7.056   -4.659  1.00 16.67 ? 47  LEU A CD2 1 
ATOM   375  N N   . VAL A 1 49  ? 0.364   5.560   -5.341  1.00 18.21 ? 48  VAL A N   1 
ATOM   376  C CA  . VAL A 1 49  ? 1.810   5.693   -5.359  1.00 18.56 ? 48  VAL A CA  1 
ATOM   377  C C   . VAL A 1 49  ? 2.424   4.352   -5.746  1.00 18.87 ? 48  VAL A C   1 
ATOM   378  O O   . VAL A 1 49  ? 1.880   3.290   -5.427  1.00 18.41 ? 48  VAL A O   1 
ATOM   379  C CB  . VAL A 1 49  ? 2.352   6.145   -3.975  1.00 22.40 ? 48  VAL A CB  1 
ATOM   380  C CG1 . VAL A 1 49  ? 2.105   5.067   -2.935  1.00 20.07 ? 48  VAL A CG1 1 
ATOM   381  C CG2 . VAL A 1 49  ? 3.836   6.478   -4.076  1.00 21.45 ? 48  VAL A CG2 1 
ATOM   382  N N   . GLU A 1 50  ? 3.546   4.401   -6.455  1.00 16.97 ? 49  GLU A N   1 
ATOM   383  C CA  . GLU A 1 50  ? 4.222   3.183   -6.885  1.00 18.30 ? 49  GLU A CA  1 
ATOM   384  C C   . GLU A 1 50  ? 5.730   3.398   -6.964  1.00 20.05 ? 49  GLU A C   1 
ATOM   385  O O   . GLU A 1 50  ? 6.196   4.463   -7.375  1.00 20.48 ? 49  GLU A O   1 
ATOM   386  C CB  . GLU A 1 50  ? 3.679   2.740   -8.248  1.00 19.48 ? 49  GLU A CB  1 
ATOM   387  C CG  . GLU A 1 50  ? 4.407   1.554   -8.866  1.00 18.32 ? 49  GLU A CG  1 
ATOM   388  C CD  . GLU A 1 50  ? 3.881   1.210   -10.250 1.00 24.36 ? 49  GLU A CD  1 
ATOM   389  O OE1 . GLU A 1 50  ? 3.712   2.138   -11.067 1.00 25.06 ? 49  GLU A OE1 1 
ATOM   390  O OE2 . GLU A 1 50  ? 3.644   0.016   -10.526 1.00 24.00 ? 49  GLU A OE2 1 
ATOM   391  N N   . THR A 1 51  ? 6.491   2.385   -6.564  1.00 18.48 ? 50  THR A N   1 
ATOM   392  C CA  . THR A 1 51  ? 7.946   2.481   -6.583  1.00 18.72 ? 50  THR A CA  1 
ATOM   393  C C   . THR A 1 51  ? 8.495   2.205   -7.969  1.00 19.45 ? 50  THR A C   1 
ATOM   394  O O   . THR A 1 51  ? 7.744   1.885   -8.891  1.00 18.17 ? 50  THR A O   1 
ATOM   395  C CB  . THR A 1 51  ? 8.586   1.482   -5.614  1.00 17.63 ? 50  THR A CB  1 
ATOM   396  O OG1 . THR A 1 51  ? 8.431   0.151   -6.125  1.00 18.13 ? 50  THR A OG1 1 
ATOM   397  C CG2 . THR A 1 51  ? 7.932   1.583   -4.249  1.00 18.63 ? 50  THR A CG2 1 
ATOM   398  N N   . ASP A 1 52  ? 9.810   2.326   -8.106  1.00 18.28 ? 51  ASP A N   1 
ATOM   399  C CA  . ASP A 1 52  ? 10.475  2.079   -9.377  1.00 20.67 ? 51  ASP A CA  1 
ATOM   400  C C   . ASP A 1 52  ? 11.278  0.782   -9.289  1.00 19.59 ? 51  ASP A C   1 
ATOM   401  O O   . ASP A 1 52  ? 12.187  0.541   -10.087 1.00 19.37 ? 51  ASP A O   1 
ATOM   402  C CB  . ASP A 1 52  ? 11.400  3.251   -9.722  1.00 22.41 ? 51  ASP A CB  1 
ATOM   403  C CG  . ASP A 1 52  ? 12.633  3.298   -8.845  1.00 22.08 ? 51  ASP A CG  1 
ATOM   404  O OD1 . ASP A 1 52  ? 12.567  2.804   -7.700  1.00 20.01 ? 51  ASP A OD1 1 
ATOM   405  O OD2 . ASP A 1 52  ? 13.668  3.835   -9.298  1.00 25.69 ? 51  ASP A OD2 1 
ATOM   406  N N   . ALA A 1 53  ? 10.930  -0.042  -8.304  1.00 17.45 ? 52  ALA A N   1 
ATOM   407  C CA  . ALA A 1 53  ? 11.575  -1.335  -8.070  1.00 18.01 ? 52  ALA A CA  1 
ATOM   408  C C   . ALA A 1 53  ? 12.865  -1.244  -7.252  1.00 19.52 ? 52  ALA A C   1 
ATOM   409  O O   . ALA A 1 53  ? 13.583  -2.232  -7.113  1.00 21.16 ? 52  ALA A O   1 
ATOM   410  C CB  . ALA A 1 53  ? 11.838  -2.058  -9.404  1.00 13.12 ? 52  ALA A CB  1 
ATOM   411  N N   . SER A 1 54  ? 13.157  -0.062  -6.716  1.00 22.18 ? 53  SER A N   1 
ATOM   412  C CA  . SER A 1 54  ? 14.348  0.134   -5.889  1.00 22.88 ? 53  SER A CA  1 
ATOM   413  C C   . SER A 1 54  ? 13.862  0.483   -4.487  1.00 23.17 ? 53  SER A C   1 
ATOM   414  O O   . SER A 1 54  ? 12.656  0.568   -4.249  1.00 23.13 ? 53  SER A O   1 
ATOM   415  C CB  . SER A 1 54  ? 15.204  1.285   -6.422  1.00 24.37 ? 53  SER A CB  1 
ATOM   416  O OG  . SER A 1 54  ? 14.596  2.537   -6.145  1.00 23.46 ? 53  SER A OG  1 
ATOM   417  N N   . GLU A 1 55  ? 14.796  0.695   -3.567  1.00 24.01 ? 54  GLU A N   1 
ATOM   418  C CA  . GLU A 1 55  ? 14.445  1.029   -2.194  1.00 24.42 ? 54  GLU A CA  1 
ATOM   419  C C   . GLU A 1 55  ? 14.227  2.522   -1.972  1.00 24.03 ? 54  GLU A C   1 
ATOM   420  O O   . GLU A 1 55  ? 13.990  2.953   -0.844  1.00 22.42 ? 54  GLU A O   1 
ATOM   421  C CB  . GLU A 1 55  ? 15.523  0.531   -1.232  1.00 25.55 ? 54  GLU A CB  1 
ATOM   422  C CG  . GLU A 1 55  ? 15.792  -0.965  -1.313  1.00 26.94 ? 54  GLU A CG  1 
ATOM   423  C CD  . GLU A 1 55  ? 16.606  -1.462  -0.138  1.00 26.21 ? 54  GLU A CD  1 
ATOM   424  O OE1 . GLU A 1 55  ? 17.686  -0.896  0.124   1.00 29.21 ? 54  GLU A OE1 1 
ATOM   425  O OE2 . GLU A 1 55  ? 16.166  -2.420  0.528   1.00 24.46 ? 54  GLU A OE2 1 
ATOM   426  N N   . GLN A 1 56  ? 14.313  3.307   -3.041  1.00 23.58 ? 55  GLN A N   1 
ATOM   427  C CA  . GLN A 1 56  ? 14.110  4.750   -2.946  1.00 23.41 ? 55  GLN A CA  1 
ATOM   428  C C   . GLN A 1 56  ? 12.666  5.083   -2.555  1.00 22.64 ? 55  GLN A C   1 
ATOM   429  O O   . GLN A 1 56  ? 11.718  4.573   -3.153  1.00 20.86 ? 55  GLN A O   1 
ATOM   430  C CB  . GLN A 1 56  ? 14.442  5.417   -4.285  1.00 23.73 ? 55  GLN A CB  1 
ATOM   431  C CG  . GLN A 1 56  ? 14.051  6.891   -4.373  1.00 23.86 ? 55  GLN A CG  1 
ATOM   432  C CD  . GLN A 1 56  ? 14.723  7.740   -3.318  1.00 25.57 ? 55  GLN A CD  1 
ATOM   433  O OE1 . GLN A 1 56  ? 15.943  7.700   -3.156  1.00 28.45 ? 55  GLN A OE1 1 
ATOM   434  N NE2 . GLN A 1 56  ? 13.930  8.524   -2.594  1.00 25.35 ? 55  GLN A NE2 1 
ATOM   435  N N   . LEU A 1 57  ? 12.505  5.951   -1.561  1.00 23.63 ? 56  LEU A N   1 
ATOM   436  C CA  . LEU A 1 57  ? 11.173  6.342   -1.116  1.00 23.41 ? 56  LEU A CA  1 
ATOM   437  C C   . LEU A 1 57  ? 10.468  7.177   -2.178  1.00 23.92 ? 56  LEU A C   1 
ATOM   438  O O   . LEU A 1 57  ? 11.073  8.029   -2.830  1.00 23.16 ? 56  LEU A O   1 
ATOM   439  C CB  . LEU A 1 57  ? 11.259  7.122   0.201   1.00 25.71 ? 56  LEU A CB  1 
ATOM   440  C CG  . LEU A 1 57  ? 9.929   7.442   0.895   1.00 27.03 ? 56  LEU A CG  1 
ATOM   441  C CD1 . LEU A 1 57  ? 10.165  7.674   2.374   1.00 29.63 ? 56  LEU A CD1 1 
ATOM   442  C CD2 . LEU A 1 57  ? 9.280   8.653   0.247   1.00 28.92 ? 56  LEU A CD2 1 
ATOM   443  N N   . VAL A 1 58  ? 9.179   6.918   -2.351  1.00 22.23 ? 57  VAL A N   1 
ATOM   444  C CA  . VAL A 1 58  ? 8.381   7.643   -3.320  1.00 23.31 ? 57  VAL A CA  1 
ATOM   445  C C   . VAL A 1 58  ? 7.163   8.235   -2.621  1.00 24.13 ? 57  VAL A C   1 
ATOM   446  O O   . VAL A 1 58  ? 6.596   7.619   -1.718  1.00 23.88 ? 57  VAL A O   1 
ATOM   447  C CB  . VAL A 1 58  ? 7.910   6.711   -4.461  1.00 23.28 ? 57  VAL A CB  1 
ATOM   448  C CG1 . VAL A 1 58  ? 7.023   7.473   -5.432  1.00 24.93 ? 57  VAL A CG1 1 
ATOM   449  C CG2 . VAL A 1 58  ? 9.113   6.156   -5.198  1.00 25.02 ? 57  VAL A CG2 1 
ATOM   450  N N   . LYS A 1 59  ? 6.770   9.435   -3.030  1.00 22.10 ? 58  LYS A N   1 
ATOM   451  C CA  . LYS A 1 59  ? 5.612   10.072  -2.436  1.00 24.43 ? 58  LYS A CA  1 
ATOM   452  C C   . LYS A 1 59  ? 4.759   10.781  -3.475  1.00 26.02 ? 58  LYS A C   1 
ATOM   453  O O   . LYS A 1 59  ? 5.275   11.421  -4.395  1.00 26.41 ? 58  LYS A O   1 
ATOM   454  C CB  . LYS A 1 59  ? 6.039   11.070  -1.355  1.00 25.79 ? 58  LYS A CB  1 
ATOM   455  C CG  . LYS A 1 59  ? 4.860   11.690  -0.627  1.00 28.71 ? 58  LYS A CG  1 
ATOM   456  C CD  . LYS A 1 59  ? 5.296   12.605  0.492   1.00 30.31 ? 58  LYS A CD  1 
ATOM   457  C CE  . LYS A 1 59  ? 4.096   13.094  1.285   1.00 31.63 ? 58  LYS A CE  1 
ATOM   458  N NZ  . LYS A 1 59  ? 4.504   14.044  2.357   1.00 34.46 ? 58  LYS A NZ  1 
ATOM   459  N N   . LYS A 1 60  ? 3.446   10.638  -3.333  1.00 24.16 ? 59  LYS A N   1 
ATOM   460  C CA  . LYS A 1 60  ? 2.497   11.284  -4.224  1.00 26.03 ? 59  LYS A CA  1 
ATOM   461  C C   . LYS A 1 60  ? 1.367   11.798  -3.337  1.00 24.55 ? 59  LYS A C   1 
ATOM   462  O O   . LYS A 1 60  ? 0.680   11.021  -2.678  1.00 24.48 ? 59  LYS A O   1 
ATOM   463  C CB  . LYS A 1 60  ? 1.972   10.295  -5.271  1.00 29.27 ? 59  LYS A CB  1 
ATOM   464  C CG  . LYS A 1 60  ? 1.067   10.936  -6.312  1.00 30.91 ? 59  LYS A CG  1 
ATOM   465  C CD  . LYS A 1 60  ? 0.869   10.034  -7.518  1.00 35.68 ? 59  LYS A CD  1 
ATOM   466  C CE  . LYS A 1 60  ? -0.008  10.703  -8.566  1.00 37.25 ? 59  LYS A CE  1 
ATOM   467  N NZ  . LYS A 1 60  ? -0.017  9.949   -9.852  1.00 38.72 ? 59  LYS A NZ  1 
ATOM   468  N N   . ASN A 1 61  ? 1.196   13.113  -3.311  1.00 26.94 ? 60  ASN A N   1 
ATOM   469  C CA  . ASN A 1 61  ? 0.183   13.749  -2.480  1.00 26.53 ? 60  ASN A CA  1 
ATOM   470  C C   . ASN A 1 61  ? 0.480   13.481  -1.004  1.00 26.52 ? 60  ASN A C   1 
ATOM   471  O O   . ASN A 1 61  ? 1.523   13.896  -0.505  1.00 28.77 ? 60  ASN A O   1 
ATOM   472  C CB  . ASN A 1 61  ? -1.220  13.262  -2.866  1.00 28.23 ? 60  ASN A CB  1 
ATOM   473  C CG  . ASN A 1 61  ? -1.688  13.841  -4.195  1.00 30.93 ? 60  ASN A CG  1 
ATOM   474  O OD1 . ASN A 1 61  ? -1.696  15.058  -4.382  1.00 30.50 ? 60  ASN A OD1 1 
ATOM   475  N ND2 . ASN A 1 61  ? -2.080  12.972  -5.121  1.00 30.17 ? 60  ASN A ND2 1 
ATOM   476  N N   . ARG A 1 62  ? -0.407  12.774  -0.307  1.00 23.26 ? 61  ARG A N   1 
ATOM   477  C CA  . ARG A 1 62  ? -0.201  12.501  1.115   1.00 21.55 ? 61  ARG A CA  1 
ATOM   478  C C   . ARG A 1 62  ? 0.211   11.060  1.411   1.00 21.47 ? 61  ARG A C   1 
ATOM   479  O O   . ARG A 1 62  ? 0.203   10.633  2.567   1.00 16.71 ? 61  ARG A O   1 
ATOM   480  C CB  . ARG A 1 62  ? -1.482  12.815  1.893   1.00 21.97 ? 61  ARG A CB  1 
ATOM   481  C CG  . ARG A 1 62  ? -1.926  14.268  1.835   1.00 23.49 ? 61  ARG A CG  1 
ATOM   482  C CD  . ARG A 1 62  ? -3.333  14.418  2.388   1.00 25.86 ? 61  ARG A CD  1 
ATOM   483  N NE  . ARG A 1 62  ? -4.315  13.763  1.530   1.00 27.14 ? 61  ARG A NE  1 
ATOM   484  C CZ  . ARG A 1 62  ? -5.274  12.955  1.972   1.00 29.18 ? 61  ARG A CZ  1 
ATOM   485  N NH1 . ARG A 1 62  ? -5.378  12.696  3.269   1.00 28.04 ? 61  ARG A NH1 1 
ATOM   486  N NH2 . ARG A 1 62  ? -6.132  12.411  1.118   1.00 24.33 ? 61  ARG A NH2 1 
ATOM   487  N N   . VAL A 1 63  ? 0.587   10.321  0.373   1.00 19.14 ? 62  VAL A N   1 
ATOM   488  C CA  . VAL A 1 63  ? 0.966   8.922   0.537   1.00 19.05 ? 62  VAL A CA  1 
ATOM   489  C C   . VAL A 1 63  ? 2.421   8.638   0.183   1.00 18.81 ? 62  VAL A C   1 
ATOM   490  O O   . VAL A 1 63  ? 2.919   9.106   -0.840  1.00 19.02 ? 62  VAL A O   1 
ATOM   491  C CB  . VAL A 1 63  ? 0.088   8.015   -0.346  1.00 18.77 ? 62  VAL A CB  1 
ATOM   492  C CG1 . VAL A 1 63  ? 0.326   6.558   0.015   1.00 19.78 ? 62  VAL A CG1 1 
ATOM   493  C CG2 . VAL A 1 63  ? -1.371  8.383   -0.180  1.00 17.44 ? 62  VAL A CG2 1 
ATOM   494  N N   . SER A 1 64  ? 3.093   7.860   1.027   1.00 17.24 ? 63  SER A N   1 
ATOM   495  C CA  . SER A 1 64  ? 4.485   7.495   0.787   1.00 21.07 ? 63  SER A CA  1 
ATOM   496  C C   . SER A 1 64  ? 4.624   5.982   0.733   1.00 20.21 ? 63  SER A C   1 
ATOM   497  O O   . SER A 1 64  ? 3.830   5.252   1.326   1.00 22.54 ? 63  SER A O   1 
ATOM   498  C CB  . SER A 1 64  ? 5.389   8.037   1.895   1.00 19.13 ? 63  SER A CB  1 
ATOM   499  O OG  . SER A 1 64  ? 5.209   9.432   2.045   1.00 26.87 ? 63  SER A OG  1 
ATOM   500  N N   . ILE A 1 65  ? 5.645   5.520   0.021   1.00 20.67 ? 64  ILE A N   1 
ATOM   501  C CA  . ILE A 1 65  ? 5.905   4.098   -0.108  1.00 20.33 ? 64  ILE A CA  1 
ATOM   502  C C   . ILE A 1 65  ? 7.412   3.860   -0.134  1.00 21.50 ? 64  ILE A C   1 
ATOM   503  O O   . ILE A 1 65  ? 8.142   4.510   -0.883  1.00 18.08 ? 64  ILE A O   1 
ATOM   504  C CB  . ILE A 1 65  ? 5.236   3.539   -1.383  1.00 21.10 ? 64  ILE A CB  1 
ATOM   505  C CG1 . ILE A 1 65  ? 5.318   2.016   -1.389  1.00 21.01 ? 64  ILE A CG1 1 
ATOM   506  C CG2 . ILE A 1 65  ? 5.890   4.127   -2.629  1.00 23.30 ? 64  ILE A CG2 1 
ATOM   507  C CD1 . ILE A 1 65  ? 4.320   1.383   -2.329  1.00 18.12 ? 64  ILE A CD1 1 
ATOM   508  N N   . ARG A 1 66  ? 7.864   2.940   0.711   1.00 20.42 ? 65  ARG A N   1 
ATOM   509  C CA  . ARG A 1 66  ? 9.277   2.596   0.830   1.00 24.13 ? 65  ARG A CA  1 
ATOM   510  C C   . ARG A 1 66  ? 9.428   1.076   0.895   1.00 21.19 ? 65  ARG A C   1 
ATOM   511  O O   . ARG A 1 66  ? 8.936   0.432   1.822   1.00 21.70 ? 65  ARG A O   1 
ATOM   512  C CB  . ARG A 1 66  ? 9.855   3.236   2.097   1.00 28.80 ? 65  ARG A CB  1 
ATOM   513  C CG  . ARG A 1 66  ? 11.248  2.768   2.485   1.00 36.87 ? 65  ARG A CG  1 
ATOM   514  C CD  . ARG A 1 66  ? 12.285  3.136   1.448   1.00 39.33 ? 65  ARG A CD  1 
ATOM   515  N NE  . ARG A 1 66  ? 13.642  3.020   1.976   1.00 43.49 ? 65  ARG A NE  1 
ATOM   516  C CZ  . ARG A 1 66  ? 14.186  1.892   2.424   1.00 44.04 ? 65  ARG A CZ  1 
ATOM   517  N NH1 . ARG A 1 66  ? 13.496  0.761   2.413   1.00 46.63 ? 65  ARG A NH1 1 
ATOM   518  N NH2 . ARG A 1 66  ? 15.427  1.897   2.893   1.00 45.70 ? 65  ARG A NH2 1 
ATOM   519  N N   . ASP A 1 67  ? 10.120  0.514   -0.089  1.00 18.68 ? 66  ASP A N   1 
ATOM   520  C CA  . ASP A 1 67  ? 10.318  -0.927  -0.169  1.00 17.06 ? 66  ASP A CA  1 
ATOM   521  C C   . ASP A 1 67  ? 11.642  -1.379  0.439   1.00 18.59 ? 66  ASP A C   1 
ATOM   522  O O   . ASP A 1 67  ? 12.718  -0.978  -0.004  1.00 19.47 ? 66  ASP A O   1 
ATOM   523  C CB  . ASP A 1 67  ? 10.224  -1.360  -1.638  1.00 20.42 ? 66  ASP A CB  1 
ATOM   524  C CG  . ASP A 1 67  ? 10.393  -2.860  -1.833  1.00 17.03 ? 66  ASP A CG  1 
ATOM   525  O OD1 . ASP A 1 67  ? 10.261  -3.616  -0.851  1.00 16.48 ? 66  ASP A OD1 1 
ATOM   526  O OD2 . ASP A 1 67  ? 10.643  -3.277  -2.983  1.00 18.22 ? 66  ASP A OD2 1 
ATOM   527  N N   . ASN A 1 68  ? 11.541  -2.215  1.469   1.00 17.95 ? 67  ASN A N   1 
ATOM   528  C CA  . ASN A 1 68  ? 12.700  -2.765  2.159   1.00 19.10 ? 67  ASN A CA  1 
ATOM   529  C C   . ASN A 1 68  ? 12.966  -4.122  1.527   1.00 21.95 ? 67  ASN A C   1 
ATOM   530  O O   . ASN A 1 68  ? 12.292  -5.106  1.845   1.00 18.83 ? 67  ASN A O   1 
ATOM   531  C CB  . ASN A 1 68  ? 12.390  -2.950  3.643   1.00 21.74 ? 67  ASN A CB  1 
ATOM   532  C CG  . ASN A 1 68  ? 13.564  -3.506  4.419   1.00 25.16 ? 67  ASN A CG  1 
ATOM   533  O OD1 . ASN A 1 68  ? 14.285  -4.385  3.940   1.00 23.06 ? 67  ASN A OD1 1 
ATOM   534  N ND2 . ASN A 1 68  ? 13.755  -3.008  5.635   1.00 27.31 ? 67  ASN A ND2 1 
ATOM   535  N N   . GLN A 1 69  ? 13.952  -4.177  0.640   1.00 19.93 ? 68  GLN A N   1 
ATOM   536  C CA  . GLN A 1 69  ? 14.267  -5.413  -0.058  1.00 20.28 ? 68  GLN A CA  1 
ATOM   537  C C   . GLN A 1 69  ? 15.158  -6.387  0.708   1.00 22.92 ? 68  GLN A C   1 
ATOM   538  O O   . GLN A 1 69  ? 15.716  -7.320  0.127   1.00 22.79 ? 68  GLN A O   1 
ATOM   539  C CB  . GLN A 1 69  ? 14.872  -5.074  -1.415  1.00 21.83 ? 68  GLN A CB  1 
ATOM   540  C CG  . GLN A 1 69  ? 14.019  -4.085  -2.194  1.00 24.67 ? 68  GLN A CG  1 
ATOM   541  C CD  . GLN A 1 69  ? 14.536  -3.828  -3.589  1.00 24.56 ? 68  GLN A CD  1 
ATOM   542  O OE1 . GLN A 1 69  ? 15.743  -3.788  -3.816  1.00 29.03 ? 68  GLN A OE1 1 
ATOM   543  N NE2 . GLN A 1 69  ? 13.623  -3.637  -4.532  1.00 27.40 ? 68  GLN A NE2 1 
ATOM   544  N N   . ARG A 1 70  ? 15.280  -6.172  2.016   1.00 25.14 ? 69  ARG A N   1 
ATOM   545  C CA  . ARG A 1 70  ? 16.075  -7.049  2.871   1.00 26.44 ? 69  ARG A CA  1 
ATOM   546  C C   . ARG A 1 70  ? 15.109  -7.922  3.677   1.00 26.41 ? 69  ARG A C   1 
ATOM   547  O O   . ARG A 1 70  ? 15.317  -9.126  3.831   1.00 23.91 ? 69  ARG A O   1 
ATOM   548  C CB  . ARG A 1 70  ? 16.955  -6.229  3.819   1.00 31.61 ? 69  ARG A CB  1 
ATOM   549  C CG  . ARG A 1 70  ? 17.812  -7.076  4.749   1.00 39.69 ? 69  ARG A CG  1 
ATOM   550  C CD  . ARG A 1 70  ? 18.736  -6.219  5.606   1.00 47.34 ? 69  ARG A CD  1 
ATOM   551  N NE  . ARG A 1 70  ? 19.551  -7.028  6.513   1.00 53.07 ? 69  ARG A NE  1 
ATOM   552  C CZ  . ARG A 1 70  ? 20.507  -6.541  7.302   1.00 54.87 ? 69  ARG A CZ  1 
ATOM   553  N NH1 . ARG A 1 70  ? 20.776  -5.242  7.301   1.00 55.64 ? 69  ARG A NH1 1 
ATOM   554  N NH2 . ARG A 1 70  ? 21.192  -7.356  8.095   1.00 54.86 ? 69  ARG A NH2 1 
ATOM   555  N N   . ASP A 1 71  ? 14.048  -7.303  4.185   1.00 23.78 ? 70  ASP A N   1 
ATOM   556  C CA  . ASP A 1 71  ? 13.035  -8.019  4.954   1.00 25.33 ? 70  ASP A CA  1 
ATOM   557  C C   . ASP A 1 71  ? 11.868  -8.338  4.029   1.00 23.03 ? 70  ASP A C   1 
ATOM   558  O O   . ASP A 1 71  ? 10.955  -9.075  4.395   1.00 22.75 ? 70  ASP A O   1 
ATOM   559  C CB  . ASP A 1 71  ? 12.538  -7.161  6.120   1.00 29.18 ? 70  ASP A CB  1 
ATOM   560  C CG  . ASP A 1 71  ? 13.666  -6.665  6.999   1.00 32.73 ? 70  ASP A CG  1 
ATOM   561  O OD1 . ASP A 1 71  ? 14.475  -7.497  7.456   1.00 34.57 ? 70  ASP A OD1 1 
ATOM   562  O OD2 . ASP A 1 71  ? 13.744  -5.443  7.230   1.00 36.84 ? 70  ASP A OD2 1 
ATOM   563  N N   . PHE A 1 72  ? 11.912  -7.768  2.829   1.00 21.35 ? 71  PHE A N   1 
ATOM   564  C CA  . PHE A 1 72  ? 10.878  -7.975  1.819   1.00 20.72 ? 71  PHE A CA  1 
ATOM   565  C C   . PHE A 1 72  ? 9.524   -7.462  2.288   1.00 20.77 ? 71  PHE A C   1 
ATOM   566  O O   . PHE A 1 72  ? 8.544   -8.208  2.356   1.00 23.02 ? 71  PHE A O   1 
ATOM   567  C CB  . PHE A 1 72  ? 10.778  -9.462  1.458   1.00 21.69 ? 71  PHE A CB  1 
ATOM   568  C CG  . PHE A 1 72  ? 12.091  -10.075 1.047   1.00 21.58 ? 71  PHE A CG  1 
ATOM   569  C CD1 . PHE A 1 72  ? 12.792  -9.581  -0.048  1.00 22.49 ? 71  PHE A CD1 1 
ATOM   570  C CD2 . PHE A 1 72  ? 12.639  -11.126 1.774   1.00 21.97 ? 71  PHE A CD2 1 
ATOM   571  C CE1 . PHE A 1 72  ? 14.027  -10.123 -0.416  1.00 22.80 ? 71  PHE A CE1 1 
ATOM   572  C CE2 . PHE A 1 72  ? 13.873  -11.676 1.417   1.00 23.12 ? 71  PHE A CE2 1 
ATOM   573  C CZ  . PHE A 1 72  ? 14.568  -11.172 0.321   1.00 22.52 ? 71  PHE A CZ  1 
ATOM   574  N N   . ILE A 1 73  ? 9.479   -6.175  2.604   1.00 19.03 ? 72  ILE A N   1 
ATOM   575  C CA  . ILE A 1 73  ? 8.258   -5.539  3.069   1.00 19.89 ? 72  ILE A CA  1 
ATOM   576  C C   . ILE A 1 73  ? 8.258   -4.100  2.588   1.00 19.69 ? 72  ILE A C   1 
ATOM   577  O O   . ILE A 1 73  ? 9.241   -3.389  2.795   1.00 21.32 ? 72  ILE A O   1 
ATOM   578  C CB  . ILE A 1 73  ? 8.190   -5.528  4.619   1.00 19.58 ? 72  ILE A CB  1 
ATOM   579  C CG1 . ILE A 1 73  ? 8.056   -6.959  5.149   1.00 21.67 ? 72  ILE A CG1 1 
ATOM   580  C CG2 . ILE A 1 73  ? 7.028   -4.665  5.088   1.00 21.16 ? 72  ILE A CG2 1 
ATOM   581  C CD1 . ILE A 1 73  ? 8.101   -7.064  6.664   1.00 26.36 ? 72  ILE A CD1 1 
ATOM   582  N N   . PHE A 1 74  ? 7.199   -3.666  1.908   1.00 17.06 ? 73  PHE A N   1 
ATOM   583  C CA  . PHE A 1 74  ? 7.175   -2.268  1.521   1.00 18.01 ? 73  PHE A CA  1 
ATOM   584  C C   . PHE A 1 74  ? 6.189   -1.564  2.438   1.00 19.20 ? 73  PHE A C   1 
ATOM   585  O O   . PHE A 1 74  ? 5.083   -2.051  2.697   1.00 18.58 ? 73  PHE A O   1 
ATOM   586  C CB  . PHE A 1 74  ? 6.869   -2.035  0.029   1.00 15.92 ? 73  PHE A CB  1 
ATOM   587  C CG  . PHE A 1 74  ? 5.578   -2.635  -0.474  1.00 17.88 ? 73  PHE A CG  1 
ATOM   588  C CD1 . PHE A 1 74  ? 5.526   -3.960  -0.890  1.00 17.16 ? 73  PHE A CD1 1 
ATOM   589  C CD2 . PHE A 1 74  ? 4.450   -1.835  -0.652  1.00 16.27 ? 73  PHE A CD2 1 
ATOM   590  C CE1 . PHE A 1 74  ? 4.373   -4.481  -1.486  1.00 18.68 ? 73  PHE A CE1 1 
ATOM   591  C CE2 . PHE A 1 74  ? 3.291   -2.347  -1.247  1.00 17.57 ? 73  PHE A CE2 1 
ATOM   592  C CZ  . PHE A 1 74  ? 3.255   -3.669  -1.666  1.00 18.40 ? 73  PHE A CZ  1 
ATOM   593  N N   . THR A 1 75  ? 6.631   -0.431  2.970   1.00 18.37 ? 74  THR A N   1 
ATOM   594  C CA  . THR A 1 75  ? 5.836   0.338   3.909   1.00 15.93 ? 74  THR A CA  1 
ATOM   595  C C   . THR A 1 75  ? 5.125   1.510   3.278   1.00 16.65 ? 74  THR A C   1 
ATOM   596  O O   . THR A 1 75  ? 5.736   2.315   2.578   1.00 19.38 ? 74  THR A O   1 
ATOM   597  C CB  . THR A 1 75  ? 6.721   0.846   5.055   1.00 18.13 ? 74  THR A CB  1 
ATOM   598  O OG1 . THR A 1 75  ? 7.216   -0.276  5.793   1.00 17.79 ? 74  THR A OG1 1 
ATOM   599  C CG2 . THR A 1 75  ? 5.931   1.759   5.989   1.00 18.05 ? 74  THR A CG2 1 
ATOM   600  N N   . VAL A 1 76  ? 3.821   1.585   3.520   1.00 14.81 ? 75  VAL A N   1 
ATOM   601  C CA  . VAL A 1 76  ? 3.000   2.669   3.006   1.00 14.38 ? 75  VAL A CA  1 
ATOM   602  C C   . VAL A 1 76  ? 2.625   3.566   4.171   1.00 17.22 ? 75  VAL A C   1 
ATOM   603  O O   . VAL A 1 76  ? 2.279   3.090   5.250   1.00 18.86 ? 75  VAL A O   1 
ATOM   604  C CB  . VAL A 1 76  ? 1.705   2.149   2.345   1.00 14.41 ? 75  VAL A CB  1 
ATOM   605  C CG1 . VAL A 1 76  ? 0.870   3.316   1.866   1.00 16.59 ? 75  VAL A CG1 1 
ATOM   606  C CG2 . VAL A 1 76  ? 2.042   1.239   1.175   1.00 14.48 ? 75  VAL A CG2 1 
ATOM   607  N N   . THR A 1 77  ? 2.727   4.870   3.951   1.00 17.61 ? 76  THR A N   1 
ATOM   608  C CA  . THR A 1 77  ? 2.384   5.843   4.969   1.00 18.17 ? 76  THR A CA  1 
ATOM   609  C C   . THR A 1 77  ? 1.348   6.805   4.408   1.00 16.97 ? 76  THR A C   1 
ATOM   610  O O   . THR A 1 77  ? 1.539   7.376   3.335   1.00 18.42 ? 76  THR A O   1 
ATOM   611  C CB  . THR A 1 77  ? 3.627   6.645   5.422   1.00 19.64 ? 76  THR A CB  1 
ATOM   612  O OG1 . THR A 1 77  ? 4.543   5.769   6.091   1.00 21.69 ? 76  THR A OG1 1 
ATOM   613  C CG2 . THR A 1 77  ? 3.228   7.770   6.372   1.00 20.76 ? 76  THR A CG2 1 
ATOM   614  N N   . MET A 1 78  ? 0.242   6.963   5.124   1.00 16.60 ? 77  MET A N   1 
ATOM   615  C CA  . MET A 1 78  ? -0.814  7.878   4.711   1.00 17.83 ? 77  MET A CA  1 
ATOM   616  C C   . MET A 1 78  ? -0.866  8.974   5.761   1.00 17.57 ? 77  MET A C   1 
ATOM   617  O O   . MET A 1 78  ? -1.118  8.706   6.934   1.00 17.17 ? 77  MET A O   1 
ATOM   618  C CB  . MET A 1 78  ? -2.158  7.147   4.620   1.00 18.59 ? 77  MET A CB  1 
ATOM   619  C CG  . MET A 1 78  ? -2.272  6.214   3.413   1.00 15.80 ? 77  MET A CG  1 
ATOM   620  S SD  . MET A 1 78  ? -3.854  5.341   3.312   1.00 17.92 ? 77  MET A SD  1 
ATOM   621  C CE  . MET A 1 78  ? -4.887  6.599   2.588   1.00 18.97 ? 77  MET A CE  1 
ATOM   622  N N   . GLU A 1 79  ? -0.624  10.210  5.338   1.00 18.61 ? 78  GLU A N   1 
ATOM   623  C CA  . GLU A 1 79  ? -0.603  11.334  6.266   1.00 19.98 ? 78  GLU A CA  1 
ATOM   624  C C   . GLU A 1 79  ? -1.739  12.340  6.101   1.00 19.54 ? 78  GLU A C   1 
ATOM   625  O O   . GLU A 1 79  ? -2.491  12.290  5.126   1.00 19.76 ? 78  GLU A O   1 
ATOM   626  C CB  . GLU A 1 79  ? 0.745   12.037  6.150   1.00 24.16 ? 78  GLU A CB  1 
ATOM   627  C CG  . GLU A 1 79  ? 1.906   11.095  6.423   1.00 27.53 ? 78  GLU A CG  1 
ATOM   628  C CD  . GLU A 1 79  ? 3.246   11.773  6.326   1.00 30.44 ? 78  GLU A CD  1 
ATOM   629  O OE1 . GLU A 1 79  ? 3.595   12.248  5.226   1.00 31.60 ? 78  GLU A OE1 1 
ATOM   630  O OE2 . GLU A 1 79  ? 3.949   11.832  7.356   1.00 33.30 ? 78  GLU A OE2 1 
ATOM   631  N N   . ASP A 1 80  ? -1.840  13.260  7.060   1.00 18.32 ? 79  ASP A N   1 
ATOM   632  C CA  . ASP A 1 80  ? -2.878  14.288  7.055   1.00 18.95 ? 79  ASP A CA  1 
ATOM   633  C C   . ASP A 1 80  ? -4.203  13.619  6.696   1.00 18.13 ? 79  ASP A C   1 
ATOM   634  O O   . ASP A 1 80  ? -4.903  14.031  5.768   1.00 16.97 ? 79  ASP A O   1 
ATOM   635  C CB  . ASP A 1 80  ? -2.531  15.382  6.042   1.00 21.72 ? 79  ASP A CB  1 
ATOM   636  C CG  . ASP A 1 80  ? -3.434  16.591  6.160   1.00 26.28 ? 79  ASP A CG  1 
ATOM   637  O OD1 . ASP A 1 80  ? -3.648  17.062  7.296   1.00 27.37 ? 79  ASP A OD1 1 
ATOM   638  O OD2 . ASP A 1 80  ? -3.926  17.073  5.119   1.00 30.10 ? 79  ASP A OD2 1 
ATOM   639  N N   . LEU A 1 81  ? -4.526  12.573  7.450   1.00 17.12 ? 80  LEU A N   1 
ATOM   640  C CA  . LEU A 1 81  ? -5.734  11.793  7.233   1.00 15.09 ? 80  LEU A CA  1 
ATOM   641  C C   . LEU A 1 81  ? -7.022  12.597  7.255   1.00 17.51 ? 80  LEU A C   1 
ATOM   642  O O   . LEU A 1 81  ? -7.173  13.536  8.033   1.00 19.28 ? 80  LEU A O   1 
ATOM   643  C CB  . LEU A 1 81  ? -5.820  10.673  8.274   1.00 13.47 ? 80  LEU A CB  1 
ATOM   644  C CG  . LEU A 1 81  ? -4.719  9.615   8.186   1.00 12.22 ? 80  LEU A CG  1 
ATOM   645  C CD1 . LEU A 1 81  ? -4.779  8.712   9.398   1.00 15.34 ? 80  LEU A CD1 1 
ATOM   646  C CD2 . LEU A 1 81  ? -4.893  8.803   6.901   1.00 12.05 ? 80  LEU A CD2 1 
ATOM   647  N N   . ARG A 1 82  ? -7.944  12.210  6.381   1.00 18.69 ? 81  ARG A N   1 
ATOM   648  C CA  . ARG A 1 82  ? -9.257  12.831  6.270   1.00 18.97 ? 81  ARG A CA  1 
ATOM   649  C C   . ARG A 1 82  ? -10.254 11.684  6.396   1.00 17.80 ? 81  ARG A C   1 
ATOM   650  O O   . ARG A 1 82  ? -9.921  10.549  6.065   1.00 15.76 ? 81  ARG A O   1 
ATOM   651  C CB  . ARG A 1 82  ? -9.423  13.479  4.897   1.00 20.43 ? 81  ARG A CB  1 
ATOM   652  C CG  . ARG A 1 82  ? -8.397  14.553  4.588   1.00 24.39 ? 81  ARG A CG  1 
ATOM   653  C CD  . ARG A 1 82  ? -8.410  14.917  3.110   1.00 24.46 ? 81  ARG A CD  1 
ATOM   654  N NE  . ARG A 1 82  ? -7.408  15.932  2.796   1.00 28.81 ? 81  ARG A NE  1 
ATOM   655  C CZ  . ARG A 1 82  ? -7.174  16.404  1.575   1.00 27.64 ? 81  ARG A CZ  1 
ATOM   656  N NH1 . ARG A 1 82  ? -7.868  15.954  0.539   1.00 28.23 ? 81  ARG A NH1 1 
ATOM   657  N NH2 . ARG A 1 82  ? -6.247  17.334  1.394   1.00 32.10 ? 81  ARG A NH2 1 
ATOM   658  N N   . MET A 1 83  ? -11.466 11.973  6.857   1.00 16.13 ? 82  MET A N   1 
ATOM   659  C CA  . MET A 1 83  ? -12.479 10.933  6.998   1.00 17.61 ? 82  MET A CA  1 
ATOM   660  C C   . MET A 1 83  ? -12.753 10.281  5.648   1.00 19.47 ? 82  MET A C   1 
ATOM   661  O O   . MET A 1 83  ? -13.093 9.100   5.575   1.00 19.31 ? 82  MET A O   1 
ATOM   662  C CB  . MET A 1 83  ? -13.772 11.514  7.573   1.00 14.51 ? 82  MET A CB  1 
ATOM   663  C CG  . MET A 1 83  ? -13.708 11.787  9.071   1.00 17.69 ? 82  MET A CG  1 
ATOM   664  S SD  . MET A 1 83  ? -13.385 10.286  10.043  1.00 18.89 ? 82  MET A SD  1 
ATOM   665  C CE  . MET A 1 83  ? -15.046 9.754   10.395  1.00 15.63 ? 82  MET A CE  1 
ATOM   666  N N   . SER A 1 84  ? -12.589 11.055  4.577   1.00 19.38 ? 83  SER A N   1 
ATOM   667  C CA  . SER A 1 84  ? -12.820 10.552  3.229   1.00 17.06 ? 83  SER A CA  1 
ATOM   668  C C   . SER A 1 84  ? -11.760 9.546   2.793   1.00 16.66 ? 83  SER A C   1 
ATOM   669  O O   . SER A 1 84  ? -11.921 8.878   1.771   1.00 19.09 ? 83  SER A O   1 
ATOM   670  C CB  . SER A 1 84  ? -12.870 11.714  2.227   1.00 17.79 ? 83  SER A CB  1 
ATOM   671  O OG  . SER A 1 84  ? -11.625 12.385  2.146   1.00 14.59 ? 83  SER A OG  1 
ATOM   672  N N   . ASP A 1 85  ? -10.674 9.440   3.554   1.00 16.25 ? 84  ASP A N   1 
ATOM   673  C CA  . ASP A 1 85  ? -9.620  8.487   3.217   1.00 16.12 ? 84  ASP A CA  1 
ATOM   674  C C   . ASP A 1 85  ? -10.056 7.065   3.551   1.00 14.61 ? 84  ASP A C   1 
ATOM   675  O O   . ASP A 1 85  ? -9.456  6.103   3.079   1.00 18.18 ? 84  ASP A O   1 
ATOM   676  C CB  . ASP A 1 85  ? -8.313  8.806   3.960   1.00 14.40 ? 84  ASP A CB  1 
ATOM   677  C CG  . ASP A 1 85  ? -7.589  10.021  3.393   1.00 17.09 ? 84  ASP A CG  1 
ATOM   678  O OD1 . ASP A 1 85  ? -7.727  10.289  2.184   1.00 16.63 ? 84  ASP A OD1 1 
ATOM   679  O OD2 . ASP A 1 85  ? -6.858  10.692  4.154   1.00 16.51 ? 84  ASP A OD2 1 
ATOM   680  N N   . ALA A 1 86  ? -11.096 6.923   4.364   1.00 14.58 ? 85  ALA A N   1 
ATOM   681  C CA  . ALA A 1 86  ? -11.571 5.589   4.729   1.00 14.41 ? 85  ALA A CA  1 
ATOM   682  C C   . ALA A 1 86  ? -12.025 4.810   3.498   1.00 15.50 ? 85  ALA A C   1 
ATOM   683  O O   . ALA A 1 86  ? -12.548 5.386   2.547   1.00 15.93 ? 85  ALA A O   1 
ATOM   684  C CB  . ALA A 1 86  ? -12.715 5.691   5.732   1.00 14.87 ? 85  ALA A CB  1 
ATOM   685  N N   . GLY A 1 87  ? -11.828 3.497   3.516   1.00 16.09 ? 86  GLY A N   1 
ATOM   686  C CA  . GLY A 1 87  ? -12.243 2.695   2.383   1.00 14.33 ? 86  GLY A CA  1 
ATOM   687  C C   . GLY A 1 87  ? -11.365 1.485   2.133   1.00 15.21 ? 86  GLY A C   1 
ATOM   688  O O   . GLY A 1 87  ? -10.546 1.109   2.969   1.00 15.05 ? 86  GLY A O   1 
ATOM   689  N N   . ILE A 1 88  ? -11.539 0.870   0.969   1.00 13.70 ? 87  ILE A N   1 
ATOM   690  C CA  . ILE A 1 88  ? -10.763 -0.308  0.607   1.00 17.50 ? 87  ILE A CA  1 
ATOM   691  C C   . ILE A 1 88  ? -9.521  0.043   -0.206  1.00 16.15 ? 87  ILE A C   1 
ATOM   692  O O   . ILE A 1 88  ? -9.589  0.782   -1.188  1.00 16.55 ? 87  ILE A O   1 
ATOM   693  C CB  . ILE A 1 88  ? -11.633 -1.304  -0.184  1.00 18.75 ? 87  ILE A CB  1 
ATOM   694  C CG1 . ILE A 1 88  ? -12.672 -1.919  0.760   1.00 19.25 ? 87  ILE A CG1 1 
ATOM   695  C CG2 . ILE A 1 88  ? -10.763 -2.375  -0.836  1.00 18.57 ? 87  ILE A CG2 1 
ATOM   696  C CD1 . ILE A 1 88  ? -13.658 -2.821  0.075   1.00 23.90 ? 87  ILE A CD1 1 
ATOM   697  N N   . TYR A 1 89  ? -8.385  -0.494  0.225   1.00 14.45 ? 88  TYR A N   1 
ATOM   698  C CA  . TYR A 1 89  ? -7.118  -0.257  -0.447  1.00 15.24 ? 88  TYR A CA  1 
ATOM   699  C C   . TYR A 1 89  ? -6.456  -1.588  -0.774  1.00 16.40 ? 88  TYR A C   1 
ATOM   700  O O   . TYR A 1 89  ? -6.933  -2.652  -0.374  1.00 16.16 ? 88  TYR A O   1 
ATOM   701  C CB  . TYR A 1 89  ? -6.190  0.584   0.436   1.00 17.15 ? 88  TYR A CB  1 
ATOM   702  C CG  . TYR A 1 89  ? -6.645  2.019   0.636   1.00 15.11 ? 88  TYR A CG  1 
ATOM   703  C CD1 . TYR A 1 89  ? -7.802  2.317   1.367   1.00 15.76 ? 88  TYR A CD1 1 
ATOM   704  C CD2 . TYR A 1 89  ? -5.917  3.081   0.095   1.00 16.49 ? 88  TYR A CD2 1 
ATOM   705  C CE1 . TYR A 1 89  ? -8.218  3.643   1.555   1.00 14.90 ? 88  TYR A CE1 1 
ATOM   706  C CE2 . TYR A 1 89  ? -6.325  4.405   0.274   1.00 15.08 ? 88  TYR A CE2 1 
ATOM   707  C CZ  . TYR A 1 89  ? -7.472  4.679   1.004   1.00 14.46 ? 88  TYR A CZ  1 
ATOM   708  O OH  . TYR A 1 89  ? -7.862  5.988   1.183   1.00 13.49 ? 88  TYR A OH  1 
ATOM   709  N N   . TRP A 1 90  ? -5.349  -1.525  -1.501  1.00 16.59 ? 89  TRP A N   1 
ATOM   710  C CA  . TRP A 1 90  ? -4.652  -2.732  -1.887  1.00 14.95 ? 89  TRP A CA  1 
ATOM   711  C C   . TRP A 1 90  ? -3.142  -2.611  -1.899  1.00 14.61 ? 89  TRP A C   1 
ATOM   712  O O   . TRP A 1 90  ? -2.594  -1.640  -2.420  1.00 15.06 ? 89  TRP A O   1 
ATOM   713  C CB  . TRP A 1 90  ? -5.067  -3.169  -3.297  1.00 15.69 ? 89  TRP A CB  1 
ATOM   714  C CG  . TRP A 1 90  ? -6.531  -3.224  -3.541  1.00 14.68 ? 89  TRP A CG  1 
ATOM   715  C CD1 . TRP A 1 90  ? -7.346  -2.181  -3.877  1.00 12.99 ? 89  TRP A CD1 1 
ATOM   716  C CD2 . TRP A 1 90  ? -7.370  -4.378  -3.441  1.00 13.50 ? 89  TRP A CD2 1 
ATOM   717  N NE1 . TRP A 1 90  ? -8.646  -2.615  -3.990  1.00 14.74 ? 89  TRP A NE1 1 
ATOM   718  C CE2 . TRP A 1 90  ? -8.689  -3.960  -3.726  1.00 11.41 ? 89  TRP A CE2 1 
ATOM   719  C CE3 . TRP A 1 90  ? -7.136  -5.728  -3.141  1.00 15.75 ? 89  TRP A CE3 1 
ATOM   720  C CZ2 . TRP A 1 90  ? -9.771  -4.840  -3.713  1.00 14.78 ? 89  TRP A CZ2 1 
ATOM   721  C CZ3 . TRP A 1 90  ? -8.218  -6.607  -3.132  1.00 13.88 ? 89  TRP A CZ3 1 
ATOM   722  C CH2 . TRP A 1 90  ? -9.518  -6.156  -3.417  1.00 15.39 ? 89  TRP A CH2 1 
ATOM   723  N N   . CYS A 1 91  ? -2.484  -3.611  -1.320  1.00 15.06 ? 90  CYS A N   1 
ATOM   724  C CA  . CYS A 1 91  ? -1.028  -3.715  -1.348  1.00 17.25 ? 90  CYS A CA  1 
ATOM   725  C C   . CYS A 1 91  ? -0.869  -4.394  -2.706  1.00 16.29 ? 90  CYS A C   1 
ATOM   726  O O   . CYS A 1 91  ? -1.585  -5.352  -2.996  1.00 16.22 ? 90  CYS A O   1 
ATOM   727  C CB  . CYS A 1 91  ? -0.517  -4.701  -0.301  1.00 19.16 ? 90  CYS A CB  1 
ATOM   728  S SG  . CYS A 1 91  ? -0.372  -4.171  1.430   1.00 20.23 ? 90  CYS A SG  1 
ATOM   729  N N   . GLY A 1 92  ? 0.049   -3.933  -3.542  1.00 16.83 ? 91  GLY A N   1 
ATOM   730  C CA  . GLY A 1 92  ? 0.181   -4.583  -4.834  1.00 14.29 ? 91  GLY A CA  1 
ATOM   731  C C   . GLY A 1 92  ? 1.587   -4.672  -5.382  1.00 15.58 ? 91  GLY A C   1 
ATOM   732  O O   . GLY A 1 92  ? 2.456   -3.883  -5.019  1.00 14.25 ? 91  GLY A O   1 
ATOM   733  N N   . ILE A 1 93  ? 1.805   -5.653  -6.254  1.00 16.07 ? 92  ILE A N   1 
ATOM   734  C CA  . ILE A 1 93  ? 3.098   -5.857  -6.896  1.00 17.01 ? 92  ILE A CA  1 
ATOM   735  C C   . ILE A 1 93  ? 2.840   -5.839  -8.393  1.00 17.98 ? 92  ILE A C   1 
ATOM   736  O O   . ILE A 1 93  ? 2.050   -6.633  -8.897  1.00 16.92 ? 92  ILE A O   1 
ATOM   737  C CB  . ILE A 1 93  ? 3.721   -7.203  -6.510  1.00 17.47 ? 92  ILE A CB  1 
ATOM   738  C CG1 . ILE A 1 93  ? 3.914   -7.274  -4.996  1.00 18.51 ? 92  ILE A CG1 1 
ATOM   739  C CG2 . ILE A 1 93  ? 5.052   -7.371  -7.219  1.00 19.30 ? 92  ILE A CG2 1 
ATOM   740  C CD1 . ILE A 1 93  ? 4.470   -8.596  -4.518  1.00 15.05 ? 92  ILE A CD1 1 
ATOM   741  N N   . THR A 1 94  ? 3.503   -4.923  -9.095  1.00 18.79 ? 93  THR A N   1 
ATOM   742  C CA  . THR A 1 94  ? 3.321   -4.768  -10.535 1.00 17.73 ? 93  THR A CA  1 
ATOM   743  C C   . THR A 1 94  ? 4.020   -5.822  -11.400 1.00 20.20 ? 93  THR A C   1 
ATOM   744  O O   . THR A 1 94  ? 5.220   -6.063  -11.268 1.00 20.84 ? 93  THR A O   1 
ATOM   745  C CB  . THR A 1 94  ? 3.799   -3.369  -10.998 1.00 18.12 ? 93  THR A CB  1 
ATOM   746  O OG1 . THR A 1 94  ? 2.962   -2.358  -10.421 1.00 16.87 ? 93  THR A OG1 1 
ATOM   747  C CG2 . THR A 1 94  ? 3.752   -3.255  -12.518 1.00 13.69 ? 93  THR A CG2 1 
ATOM   748  N N   . LYS A 1 95  ? 3.255   -6.449  -12.286 1.00 20.80 ? 94  LYS A N   1 
ATOM   749  C CA  . LYS A 1 95  ? 3.804   -7.448  -13.200 1.00 23.64 ? 94  LYS A CA  1 
ATOM   750  C C   . LYS A 1 95  ? 2.880   -7.589  -14.399 1.00 23.99 ? 94  LYS A C   1 
ATOM   751  O O   . LYS A 1 95  ? 1.723   -7.178  -14.348 1.00 24.58 ? 94  LYS A O   1 
ATOM   752  C CB  . LYS A 1 95  ? 3.943   -8.807  -12.512 1.00 25.27 ? 94  LYS A CB  1 
ATOM   753  C CG  . LYS A 1 95  ? 2.659   -9.618  -12.438 1.00 28.93 ? 94  LYS A CG  1 
ATOM   754  C CD  . LYS A 1 95  ? 2.940   -11.023 -11.932 1.00 32.70 ? 94  LYS A CD  1 
ATOM   755  C CE  . LYS A 1 95  ? 1.752   -11.938 -12.166 1.00 37.67 ? 94  LYS A CE  1 
ATOM   756  N NZ  . LYS A 1 95  ? 1.430   -12.063 -13.615 1.00 40.03 ? 94  LYS A NZ  1 
ATOM   757  N N   . GLY A 1 96  ? 3.394   -8.158  -15.483 1.00 25.19 ? 95  GLY A N   1 
ATOM   758  C CA  . GLY A 1 96  ? 2.563   -8.353  -16.655 1.00 23.94 ? 95  GLY A CA  1 
ATOM   759  C C   . GLY A 1 96  ? 1.496   -9.368  -16.290 1.00 24.36 ? 95  GLY A C   1 
ATOM   760  O O   . GLY A 1 96  ? 1.812   -10.472 -15.853 1.00 27.29 ? 95  GLY A O   1 
ATOM   761  N N   . GLY A 1 97  ? 0.231   -8.998  -16.446 1.00 23.81 ? 96  GLY A N   1 
ATOM   762  C CA  . GLY A 1 97  ? -0.840  -9.917  -16.103 1.00 23.33 ? 96  GLY A CA  1 
ATOM   763  C C   . GLY A 1 97  ? -1.451  -9.559  -14.763 1.00 22.14 ? 96  GLY A C   1 
ATOM   764  O O   . GLY A 1 97  ? -1.295  -8.438  -14.293 1.00 21.99 ? 96  GLY A O   1 
ATOM   765  N N   . LEU A 1 98  ? -2.140  -10.508 -14.140 1.00 21.42 ? 97  LEU A N   1 
ATOM   766  C CA  . LEU A 1 98  ? -2.770  -10.256 -12.848 1.00 21.19 ? 97  LEU A CA  1 
ATOM   767  C C   . LEU A 1 98  ? -1.741  -10.030 -11.749 1.00 19.78 ? 97  LEU A C   1 
ATOM   768  O O   . LEU A 1 98  ? -1.002  -10.944 -11.392 1.00 18.26 ? 97  LEU A O   1 
ATOM   769  C CB  . LEU A 1 98  ? -3.677  -11.426 -12.467 1.00 23.52 ? 97  LEU A CB  1 
ATOM   770  C CG  . LEU A 1 98  ? -4.949  -11.576 -13.306 1.00 24.49 ? 97  LEU A CG  1 
ATOM   771  C CD1 . LEU A 1 98  ? -5.649  -12.866 -12.927 1.00 24.08 ? 97  LEU A CD1 1 
ATOM   772  C CD2 . LEU A 1 98  ? -5.864  -10.386 -13.082 1.00 21.36 ? 97  LEU A CD2 1 
ATOM   773  N N   . ASP A 1 99  ? -1.694  -8.806  -11.224 1.00 19.42 ? 98  ASP A N   1 
ATOM   774  C CA  . ASP A 1 99  ? -0.754  -8.458  -10.162 1.00 17.79 ? 98  ASP A CA  1 
ATOM   775  C C   . ASP A 1 99  ? -1.114  -9.101  -8.838  1.00 17.77 ? 98  ASP A C   1 
ATOM   776  O O   . ASP A 1 99  ? -2.282  -9.355  -8.555  1.00 20.25 ? 98  ASP A O   1 
ATOM   777  C CB  . ASP A 1 99  ? -0.737  -6.949  -9.867  1.00 18.32 ? 98  ASP A CB  1 
ATOM   778  C CG  . ASP A 1 99  ? -0.224  -6.110  -11.010 1.00 19.39 ? 98  ASP A CG  1 
ATOM   779  O OD1 . ASP A 1 99  ? 0.545   -6.619  -11.850 1.00 18.79 ? 98  ASP A OD1 1 
ATOM   780  O OD2 . ASP A 1 99  ? -0.583  -4.913  -11.037 1.00 21.66 ? 98  ASP A OD2 1 
ATOM   781  N N   . PRO A 1 100 ? -0.104  -9.391  -8.014  1.00 17.69 ? 99  PRO A N   1 
ATOM   782  C CA  . PRO A 1 100 ? -0.375  -9.980  -6.705  1.00 17.36 ? 99  PRO A CA  1 
ATOM   783  C C   . PRO A 1 100 ? -0.978  -8.793  -5.944  1.00 18.27 ? 99  PRO A C   1 
ATOM   784  O O   . PRO A 1 100 ? -0.467  -7.674  -6.045  1.00 17.94 ? 99  PRO A O   1 
ATOM   785  C CB  . PRO A 1 100 ? 1.018   -10.321 -6.191  1.00 19.48 ? 99  PRO A CB  1 
ATOM   786  C CG  . PRO A 1 100 ? 1.774   -10.627 -7.443  1.00 17.69 ? 99  PRO A CG  1 
ATOM   787  C CD  . PRO A 1 100 ? 1.319   -9.536  -8.376  1.00 16.78 ? 99  PRO A CD  1 
ATOM   788  N N   . MET A 1 101 ? -2.062  -9.014  -5.212  1.00 16.57 ? 100 MET A N   1 
ATOM   789  C CA  . MET A 1 101 ? -2.693  -7.928  -4.467  1.00 15.48 ? 100 MET A CA  1 
ATOM   790  C C   . MET A 1 101 ? -3.297  -8.444  -3.166  1.00 17.76 ? 100 MET A C   1 
ATOM   791  O O   . MET A 1 101 ? -3.690  -9.610  -3.073  1.00 19.07 ? 100 MET A O   1 
ATOM   792  C CB  . MET A 1 101 ? -3.807  -7.284  -5.299  1.00 14.03 ? 100 MET A CB  1 
ATOM   793  C CG  . MET A 1 101 ? -3.391  -6.744  -6.662  1.00 14.51 ? 100 MET A CG  1 
ATOM   794  S SD  . MET A 1 101 ? -4.799  -6.074  -7.593  1.00 14.33 ? 100 MET A SD  1 
ATOM   795  C CE  . MET A 1 101 ? -5.147  -4.612  -6.654  1.00 16.02 ? 100 MET A CE  1 
ATOM   796  N N   . PHE A 1 102 ? -3.366  -7.566  -2.169  1.00 17.31 ? 101 PHE A N   1 
ATOM   797  C CA  . PHE A 1 102 ? -3.939  -7.896  -0.865  1.00 16.01 ? 101 PHE A CA  1 
ATOM   798  C C   . PHE A 1 102 ? -4.842  -6.759  -0.397  1.00 16.90 ? 101 PHE A C   1 
ATOM   799  O O   . PHE A 1 102 ? -4.395  -5.613  -0.261  1.00 14.11 ? 101 PHE A O   1 
ATOM   800  C CB  . PHE A 1 102 ? -2.845  -8.113  0.182   1.00 12.82 ? 101 PHE A CB  1 
ATOM   801  C CG  . PHE A 1 102 ? -3.380  -8.522  1.527   1.00 17.00 ? 101 PHE A CG  1 
ATOM   802  C CD1 . PHE A 1 102 ? -3.685  -9.855  1.796   1.00 18.46 ? 101 PHE A CD1 1 
ATOM   803  C CD2 . PHE A 1 102 ? -3.628  -7.569  2.510   1.00 16.54 ? 101 PHE A CD2 1 
ATOM   804  C CE1 . PHE A 1 102 ? -4.235  -10.228 3.025   1.00 17.04 ? 101 PHE A CE1 1 
ATOM   805  C CE2 . PHE A 1 102 ? -4.177  -7.931  3.736   1.00 18.85 ? 101 PHE A CE2 1 
ATOM   806  C CZ  . PHE A 1 102 ? -4.481  -9.265  3.994   1.00 19.40 ? 101 PHE A CZ  1 
ATOM   807  N N   . LYS A 1 103 ? -6.105  -7.079  -0.132  1.00 14.00 ? 102 LYS A N   1 
ATOM   808  C CA  . LYS A 1 103 ? -7.068  -6.074  0.304   1.00 17.56 ? 102 LYS A CA  1 
ATOM   809  C C   . LYS A 1 103 ? -6.833  -5.610  1.737   1.00 17.51 ? 102 LYS A C   1 
ATOM   810  O O   . LYS A 1 103 ? -6.729  -6.424  2.651   1.00 15.44 ? 102 LYS A O   1 
ATOM   811  C CB  . LYS A 1 103 ? -8.496  -6.623  0.188   1.00 18.25 ? 102 LYS A CB  1 
ATOM   812  C CG  . LYS A 1 103 ? -9.581  -5.606  0.529   1.00 23.51 ? 102 LYS A CG  1 
ATOM   813  C CD  . LYS A 1 103 ? -10.942 -6.268  0.761   1.00 28.41 ? 102 LYS A CD  1 
ATOM   814  C CE  . LYS A 1 103 ? -11.469 -6.939  -0.494  1.00 33.02 ? 102 LYS A CE  1 
ATOM   815  N NZ  . LYS A 1 103 ? -12.750 -7.667  -0.250  1.00 37.67 ? 102 LYS A NZ  1 
ATOM   816  N N   . VAL A 1 104 ? -6.750  -4.294  1.918   1.00 17.39 ? 103 VAL A N   1 
ATOM   817  C CA  . VAL A 1 104 ? -6.556  -3.684  3.229   1.00 16.26 ? 103 VAL A CA  1 
ATOM   818  C C   . VAL A 1 104 ? -7.657  -2.639  3.451   1.00 17.41 ? 103 VAL A C   1 
ATOM   819  O O   . VAL A 1 104 ? -7.789  -1.680  2.683   1.00 14.54 ? 103 VAL A O   1 
ATOM   820  C CB  . VAL A 1 104 ? -5.182  -2.982  3.339   1.00 18.07 ? 103 VAL A CB  1 
ATOM   821  C CG1 . VAL A 1 104 ? -5.050  -2.311  4.710   1.00 15.46 ? 103 VAL A CG1 1 
ATOM   822  C CG2 . VAL A 1 104 ? -4.057  -3.990  3.143   1.00 15.36 ? 103 VAL A CG2 1 
ATOM   823  N N   . THR A 1 105 ? -8.456  -2.828  4.494   1.00 16.41 ? 104 THR A N   1 
ATOM   824  C CA  . THR A 1 105 ? -9.524  -1.879  4.787   1.00 16.69 ? 104 THR A CA  1 
ATOM   825  C C   . THR A 1 105 ? -9.024  -0.802  5.742   1.00 15.96 ? 104 THR A C   1 
ATOM   826  O O   . THR A 1 105 ? -8.516  -1.101  6.823   1.00 16.95 ? 104 THR A O   1 
ATOM   827  C CB  . THR A 1 105 ? -10.751 -2.589  5.397   1.00 19.67 ? 104 THR A CB  1 
ATOM   828  O OG1 . THR A 1 105 ? -11.275 -3.527  4.444   1.00 21.98 ? 104 THR A OG1 1 
ATOM   829  C CG2 . THR A 1 105 ? -11.839 -1.577  5.749   1.00 18.40 ? 104 THR A CG2 1 
ATOM   830  N N   . VAL A 1 106 ? -9.162  0.454   5.327   1.00 16.46 ? 105 VAL A N   1 
ATOM   831  C CA  . VAL A 1 106 ? -8.725  1.587   6.134   1.00 16.20 ? 105 VAL A CA  1 
ATOM   832  C C   . VAL A 1 106 ? -9.888  2.258   6.864   1.00 16.33 ? 105 VAL A C   1 
ATOM   833  O O   . VAL A 1 106 ? -10.885 2.642   6.250   1.00 16.52 ? 105 VAL A O   1 
ATOM   834  C CB  . VAL A 1 106 ? -8.003  2.643   5.252   1.00 17.25 ? 105 VAL A CB  1 
ATOM   835  C CG1 . VAL A 1 106 ? -7.709  3.908   6.064   1.00 12.34 ? 105 VAL A CG1 1 
ATOM   836  C CG2 . VAL A 1 106 ? -6.706  2.051   4.710   1.00 17.25 ? 105 VAL A CG2 1 
ATOM   837  N N   . ASN A 1 107 ? -9.753  2.386   8.181   1.00 14.33 ? 106 ASN A N   1 
ATOM   838  C CA  . ASN A 1 107 ? -10.768 3.025   9.011   1.00 14.70 ? 106 ASN A CA  1 
ATOM   839  C C   . ASN A 1 107 ? -10.222 4.364   9.471   1.00 14.62 ? 106 ASN A C   1 
ATOM   840  O O   . ASN A 1 107 ? -9.043  4.469   9.806   1.00 14.47 ? 106 ASN A O   1 
ATOM   841  C CB  . ASN A 1 107 ? -11.079 2.167   10.243  1.00 14.87 ? 106 ASN A CB  1 
ATOM   842  C CG  . ASN A 1 107 ? -11.564 0.785   9.877   1.00 18.63 ? 106 ASN A CG  1 
ATOM   843  O OD1 . ASN A 1 107 ? -12.556 0.633   9.163   1.00 19.13 ? 106 ASN A OD1 1 
ATOM   844  N ND2 . ASN A 1 107 ? -10.865 -0.237  10.363  1.00 20.03 ? 106 ASN A ND2 1 
ATOM   845  N N   . ILE A 1 108 ? -11.071 5.386   9.483   1.00 16.50 ? 107 ILE A N   1 
ATOM   846  C CA  . ILE A 1 108 ? -10.648 6.708   9.926   1.00 15.79 ? 107 ILE A CA  1 
ATOM   847  C C   . ILE A 1 108 ? -11.584 7.228   11.006  1.00 17.24 ? 107 ILE A C   1 
ATOM   848  O O   . ILE A 1 108 ? -12.806 7.169   10.866  1.00 18.90 ? 107 ILE A O   1 
ATOM   849  C CB  . ILE A 1 108 ? -10.627 7.721   8.766   1.00 18.68 ? 107 ILE A CB  1 
ATOM   850  C CG1 . ILE A 1 108 ? -9.717  7.216   7.644   1.00 17.69 ? 107 ILE A CG1 1 
ATOM   851  C CG2 . ILE A 1 108 ? -10.120 9.072   9.266   1.00 16.55 ? 107 ILE A CG2 1 
ATOM   852  C CD1 . ILE A 1 108 ? -8.272  7.032   8.055   1.00 18.31 ? 107 ILE A CD1 1 
ATOM   853  N N   . GLY A 1 109 ? -11.000 7.734   12.087  1.00 18.96 ? 108 GLY A N   1 
ATOM   854  C CA  . GLY A 1 109 ? -11.795 8.262   13.180  1.00 18.47 ? 108 GLY A CA  1 
ATOM   855  C C   . GLY A 1 109 ? -11.637 9.768   13.287  1.00 19.00 ? 108 GLY A C   1 
ATOM   856  O O   . GLY A 1 109 ? -10.560 10.297  13.015  1.00 19.55 ? 108 GLY A O   1 
ATOM   857  N N   . PRO A 1 110 ? -12.695 10.486  13.695  1.00 19.49 ? 109 PRO A N   1 
ATOM   858  C CA  . PRO A 1 110 ? -12.653 11.944  13.830  1.00 20.46 ? 109 PRO A CA  1 
ATOM   859  C C   . PRO A 1 110 ? -11.860 12.354  15.059  1.00 20.28 ? 109 PRO A C   1 
ATOM   860  O O   . PRO A 1 110 ? -11.735 11.578  16.004  1.00 18.83 ? 109 PRO A O   1 
ATOM   861  C CB  . PRO A 1 110 ? -14.130 12.332  13.971  1.00 20.75 ? 109 PRO A CB  1 
ATOM   862  C CG  . PRO A 1 110 ? -14.898 11.075  13.614  1.00 23.25 ? 109 PRO A CG  1 
ATOM   863  C CD  . PRO A 1 110 ? -14.015 9.972   14.079  1.00 18.71 ? 109 PRO A CD  1 
ATOM   864  N N   . VAL A 1 111 ? -11.540 13.649  14.991  1.00 32.25 ? 110 VAL A N   1 
ATOM   865  C CA  . VAL A 1 111 ? -10.851 14.520  15.955  1.00 33.96 ? 110 VAL A CA  1 
ATOM   866  C C   . VAL A 1 111 ? -9.403  14.265  16.295  1.00 37.50 ? 110 VAL A C   1 
ATOM   867  O O   . VAL A 1 111 ? -9.087  14.578  17.471  1.00 40.71 ? 110 VAL A O   1 
ATOM   868  C CB  . VAL A 1 111 ? -11.669 14.652  17.245  1.00 30.62 ? 110 VAL A CB  1 
ATOM   869  C CG1 . VAL A 1 111 ? -13.124 14.797  16.919  1.00 22.75 ? 110 VAL A CG1 1 
ATOM   870  C CG2 . VAL A 1 111 ? -11.412 13.492  18.146  1.00 25.29 ? 110 VAL A CG2 1 
HETATM 871  O O   . HOH B 2 .   ? 7.287   -4.447  -11.628 1.00 14.02 ? 113 HOH A O   1 
HETATM 872  O O   . HOH B 2 .   ? -13.924 4.788   8.950   1.00 14.28 ? 114 HOH A O   1 
HETATM 873  O O   . HOH B 2 .   ? -12.974 14.016  4.868   1.00 14.51 ? 115 HOH A O   1 
HETATM 874  O O   . HOH B 2 .   ? -7.138  21.560  13.669  1.00 15.87 ? 116 HOH A O   1 
HETATM 875  O O   . HOH B 2 .   ? 17.624  7.939   -5.435  1.00 16.10 ? 117 HOH A O   1 
HETATM 876  O O   . HOH B 2 .   ? 10.533  -1.122  -5.020  1.00 17.02 ? 118 HOH A O   1 
HETATM 877  O O   . HOH B 2 .   ? 15.075  -12.297 -3.414  1.00 17.44 ? 119 HOH A O   1 
HETATM 878  O O   . HOH B 2 .   ? -8.144  -11.484 -9.040  1.00 17.76 ? 120 HOH A O   1 
HETATM 879  O O   . HOH B 2 .   ? 10.186  -14.931 1.261   1.00 18.32 ? 121 HOH A O   1 
HETATM 880  O O   . HOH B 2 .   ? 4.868   -16.170 -3.306  1.00 18.41 ? 122 HOH A O   1 
HETATM 881  O O   . HOH B 2 .   ? 10.950  2.157   -2.587  1.00 18.54 ? 123 HOH A O   1 
HETATM 882  O O   . HOH B 2 .   ? -0.478  -6.216  -13.923 1.00 18.82 ? 124 HOH A O   1 
HETATM 883  O O   . HOH B 2 .   ? -11.991 -4.493  -12.681 1.00 18.82 ? 125 HOH A O   1 
HETATM 884  O O   . HOH B 2 .   ? -9.970  9.465   -1.301  1.00 19.21 ? 126 HOH A O   1 
HETATM 885  O O   . HOH B 2 .   ? 0.319   -2.738  -11.662 1.00 19.45 ? 127 HOH A O   1 
HETATM 886  O O   . HOH B 2 .   ? -14.517 6.073   12.603  1.00 19.56 ? 128 HOH A O   1 
HETATM 887  O O   . HOH B 2 .   ? 6.477   4.807   3.591   1.00 22.13 ? 129 HOH A O   1 
HETATM 888  O O   . HOH B 2 .   ? -2.672  4.623   13.045  1.00 22.30 ? 130 HOH A O   1 
HETATM 889  O O   . HOH B 2 .   ? -13.680 1.956   5.928   1.00 22.67 ? 131 HOH A O   1 
HETATM 890  O O   . HOH B 2 .   ? -7.740  -1.121  12.680  1.00 22.97 ? 132 HOH A O   1 
HETATM 891  O O   . HOH B 2 .   ? -6.798  -9.680  -0.312  1.00 22.98 ? 133 HOH A O   1 
HETATM 892  O O   . HOH B 2 .   ? -6.527  8.422   0.308   1.00 23.01 ? 134 HOH A O   1 
HETATM 893  O O   . HOH B 2 .   ? 12.884  -9.876  -8.160  1.00 23.19 ? 135 HOH A O   1 
HETATM 894  O O   . HOH B 2 .   ? -4.164  9.634   1.074   1.00 23.20 ? 136 HOH A O   1 
HETATM 895  O O   . HOH B 2 .   ? 9.507   -1.270  4.705   1.00 23.59 ? 137 HOH A O   1 
HETATM 896  O O   . HOH B 2 .   ? -9.631  11.459  0.639   1.00 23.92 ? 138 HOH A O   1 
HETATM 897  O O   . HOH B 2 .   ? -15.768 1.761   2.330   1.00 24.28 ? 139 HOH A O   1 
HETATM 898  O O   . HOH B 2 .   ? -1.352  -12.351 -2.078  1.00 24.79 ? 140 HOH A O   1 
HETATM 899  O O   . HOH B 2 .   ? -0.470  3.202   11.666  1.00 25.08 ? 141 HOH A O   1 
HETATM 900  O O   . HOH B 2 .   ? -1.899  17.376  3.531   1.00 25.33 ? 142 HOH A O   1 
HETATM 901  O O   . HOH B 2 .   ? 9.115   -12.844 2.551   1.00 25.52 ? 143 HOH A O   1 
HETATM 902  O O   . HOH B 2 .   ? -14.609 15.207  8.902   1.00 26.04 ? 144 HOH A O   1 
HETATM 903  O O   . HOH B 2 .   ? 11.078  4.038   -5.788  1.00 26.22 ? 145 HOH A O   1 
HETATM 904  O O   . HOH B 2 .   ? -3.911  10.374  3.802   1.00 26.72 ? 146 HOH A O   1 
HETATM 905  O O   . HOH B 2 .   ? 3.057   -4.046  -15.850 1.00 26.77 ? 147 HOH A O   1 
HETATM 906  O O   . HOH B 2 .   ? -5.209  22.585  10.830  1.00 26.85 ? 148 HOH A O   1 
HETATM 907  O O   . HOH B 2 .   ? 4.146   7.141   -8.143  1.00 26.85 ? 149 HOH A O   1 
HETATM 908  O O   . HOH B 2 .   ? 14.750  6.637   0.487   1.00 27.06 ? 150 HOH A O   1 
HETATM 909  O O   . HOH B 2 .   ? -4.032  -2.587  -11.348 1.00 27.11 ? 151 HOH A O   1 
HETATM 910  O O   . HOH B 2 .   ? 0.506   -4.049  -14.278 1.00 27.13 ? 152 HOH A O   1 
HETATM 911  O O   . HOH B 2 .   ? -3.863  -3.169  11.859  1.00 27.25 ? 153 HOH A O   1 
HETATM 912  O O   . HOH B 2 .   ? 6.399   15.272  -2.034  1.00 27.32 ? 154 HOH A O   1 
HETATM 913  O O   . HOH B 2 .   ? -7.113  -7.121  -14.799 1.00 27.40 ? 155 HOH A O   1 
HETATM 914  O O   . HOH B 2 .   ? -13.312 -5.688  -5.675  1.00 27.60 ? 156 HOH A O   1 
HETATM 915  O O   . HOH B 2 .   ? -16.656 16.906  20.036  1.00 27.76 ? 157 HOH A O   1 
HETATM 916  O O   . HOH B 2 .   ? -2.829  -10.400 7.627   1.00 27.82 ? 158 HOH A O   1 
HETATM 917  O O   . HOH B 2 .   ? 0.220   13.787  8.847   1.00 27.93 ? 159 HOH A O   1 
HETATM 918  O O   . HOH B 2 .   ? -6.959  16.067  7.607   1.00 27.95 ? 160 HOH A O   1 
HETATM 919  O O   . HOH B 2 .   ? -11.018 6.173   0.155   1.00 28.73 ? 161 HOH A O   1 
HETATM 920  O O   . HOH B 2 .   ? -14.292 0.236   3.998   1.00 29.03 ? 162 HOH A O   1 
HETATM 921  O O   . HOH B 2 .   ? 15.870  10.568  -0.876  1.00 29.13 ? 163 HOH A O   1 
HETATM 922  O O   . HOH B 2 .   ? 17.444  -9.223  -0.288  1.00 29.75 ? 164 HOH A O   1 
HETATM 923  O O   . HOH B 2 .   ? -9.796  -2.688  12.997  1.00 29.88 ? 165 HOH A O   1 
HETATM 924  O O   . HOH B 2 .   ? -10.177 -6.034  4.668   1.00 30.09 ? 166 HOH A O   1 
HETATM 925  O O   . HOH B 2 .   ? -0.514  -12.802 -9.575  1.00 30.19 ? 167 HOH A O   1 
HETATM 926  O O   . HOH B 2 .   ? -12.021 14.981  1.783   1.00 30.25 ? 168 HOH A O   1 
HETATM 927  O O   . HOH B 2 .   ? -8.823  -10.530 -1.824  1.00 30.29 ? 169 HOH A O   1 
HETATM 928  O O   . HOH B 2 .   ? 14.724  9.036   1.476   1.00 30.42 ? 170 HOH A O   1 
HETATM 929  O O   . HOH B 2 .   ? -7.843  9.177   -4.088  1.00 31.10 ? 171 HOH A O   1 
HETATM 930  O O   . HOH B 2 .   ? -14.107 15.793  19.855  1.00 31.29 ? 172 HOH A O   1 
HETATM 931  O O   . HOH B 2 .   ? 15.395  -3.503  -8.480  1.00 31.39 ? 173 HOH A O   1 
HETATM 932  O O   . HOH B 2 .   ? -4.988  -0.027  -11.910 1.00 31.64 ? 174 HOH A O   1 
HETATM 933  O O   . HOH B 2 .   ? -3.188  11.837  15.827  1.00 31.85 ? 175 HOH A O   1 
HETATM 934  O O   . HOH B 2 .   ? -1.087  9.522   14.161  1.00 32.08 ? 176 HOH A O   1 
HETATM 935  O O   . HOH B 2 .   ? -13.838 5.351   -0.424  1.00 32.39 ? 177 HOH A O   1 
HETATM 936  O O   . HOH B 2 .   ? -16.195 13.996  21.281  1.00 32.43 ? 178 HOH A O   1 
HETATM 937  O O   . HOH B 2 .   ? -11.457 3.342   -1.092  1.00 32.55 ? 179 HOH A O   1 
HETATM 938  O O   . HOH B 2 .   ? -8.351  -4.745  -15.249 1.00 32.59 ? 180 HOH A O   1 
HETATM 939  O O   . HOH B 2 .   ? -13.892 -4.003  3.603   1.00 32.73 ? 181 HOH A O   1 
HETATM 940  O O   . HOH B 2 .   ? -12.200 -8.596  -6.701  1.00 33.45 ? 182 HOH A O   1 
HETATM 941  O O   . HOH B 2 .   ? -15.311 17.683  10.239  1.00 33.45 ? 183 HOH A O   1 
HETATM 942  O O   . HOH B 2 .   ? 17.332  0.375   -4.202  1.00 33.58 ? 184 HOH A O   1 
HETATM 943  O O   . HOH B 2 .   ? 8.775   4.755   5.191   1.00 33.67 ? 185 HOH A O   1 
HETATM 944  O O   . HOH B 2 .   ? 11.720  -8.123  -12.735 1.00 33.72 ? 186 HOH A O   1 
HETATM 945  O O   . HOH B 2 .   ? -7.874  22.186  11.056  1.00 33.91 ? 187 HOH A O   1 
HETATM 946  O O   . HOH B 2 .   ? -14.496 -1.134  8.465   1.00 33.91 ? 188 HOH A O   1 
HETATM 947  O O   . HOH B 2 .   ? -13.916 8.203   0.044   1.00 33.98 ? 189 HOH A O   1 
HETATM 948  O O   . HOH B 2 .   ? -6.285  -10.774 -5.063  1.00 34.19 ? 190 HOH A O   1 
HETATM 949  O O   . HOH B 2 .   ? -7.803  -8.997  2.984   1.00 34.74 ? 191 HOH A O   1 
HETATM 950  O O   . HOH B 2 .   ? -4.829  13.668  14.677  1.00 34.82 ? 192 HOH A O   1 
HETATM 951  O O   . HOH B 2 .   ? -5.879  18.636  8.046   1.00 35.29 ? 193 HOH A O   1 
HETATM 952  O O   . HOH B 2 .   ? 0.923   16.034  4.079   1.00 35.32 ? 194 HOH A O   1 
HETATM 953  O O   . HOH B 2 .   ? -13.520 -7.215  -8.533  1.00 35.46 ? 195 HOH A O   1 
HETATM 954  O O   . HOH B 2 .   ? -14.638 2.465   -4.659  1.00 35.90 ? 196 HOH A O   1 
HETATM 955  O O   . HOH B 2 .   ? -12.150 -6.386  6.692   1.00 36.14 ? 197 HOH A O   1 
HETATM 956  O O   . HOH B 2 .   ? 2.382   4.257   -11.210 1.00 36.43 ? 198 HOH A O   1 
HETATM 957  O O   . HOH B 2 .   ? -3.129  -12.060 -6.170  1.00 36.67 ? 199 HOH A O   1 
HETATM 958  O O   . HOH B 2 .   ? 15.407  -4.433  12.149  1.00 36.89 ? 200 HOH A O   1 
HETATM 959  O O   . HOH B 2 .   ? -6.679  11.268  -11.816 1.00 37.01 ? 201 HOH A O   1 
HETATM 960  O O   . HOH B 2 .   ? 1.493   16.288  6.998   1.00 37.28 ? 202 HOH A O   1 
HETATM 961  O O   . HOH B 2 .   ? 3.674   -12.705 1.938   1.00 37.47 ? 203 HOH A O   1 
HETATM 962  O O   . HOH B 2 .   ? 2.797   9.865   3.512   1.00 38.26 ? 204 HOH A O   1 
HETATM 963  O O   . HOH B 2 .   ? -12.126 3.040   -9.450  1.00 38.78 ? 205 HOH A O   1 
HETATM 964  O O   . HOH B 2 .   ? 2.007   6.370   -9.208  1.00 39.17 ? 206 HOH A O   1 
HETATM 965  O O   . HOH B 2 .   ? 17.339  7.498   -0.355  1.00 40.22 ? 207 HOH A O   1 
HETATM 966  O O   . HOH B 2 .   ? 3.474   15.286  -1.472  1.00 40.33 ? 208 HOH A O   1 
HETATM 967  O O   . HOH B 2 .   ? 16.717  -1.741  3.784   1.00 40.74 ? 209 HOH A O   1 
HETATM 968  O O   . HOH B 2 .   ? -0.894  -9.188  9.342   1.00 40.98 ? 210 HOH A O   1 
HETATM 969  O O   . HOH B 2 .   ? -7.949  10.163  20.882  1.00 41.26 ? 211 HOH A O   1 
HETATM 970  O O   . HOH B 2 .   ? 6.264   13.123  4.762   1.00 41.43 ? 212 HOH A O   1 
HETATM 971  O O   . HOH B 2 .   ? -11.211 12.191  20.095  1.00 41.77 ? 213 HOH A O   1 
HETATM 972  O O   . HOH B 2 .   ? -6.382  -11.495 10.103  1.00 41.87 ? 214 HOH A O   1 
HETATM 973  O O   . HOH B 2 .   ? -10.344 9.137   16.526  1.00 42.15 ? 215 HOH A O   1 
HETATM 974  O O   . HOH B 2 .   ? -3.510  -13.921 4.544   1.00 42.73 ? 216 HOH A O   1 
HETATM 975  O O   . HOH B 2 .   ? 1.812   -19.065 -3.151  1.00 43.54 ? 217 HOH A O   1 
HETATM 976  O O   . HOH B 2 .   ? -10.836 -10.074 0.321   1.00 43.58 ? 218 HOH A O   1 
HETATM 977  O O   . HOH B 2 .   ? 6.566   16.220  2.805   1.00 43.80 ? 219 HOH A O   1 
HETATM 978  O O   . HOH B 2 .   ? -8.866  -4.972  14.338  1.00 44.09 ? 220 HOH A O   1 
HETATM 979  O O   . HOH B 2 .   ? -13.930 -5.850  -2.212  1.00 44.17 ? 221 HOH A O   1 
HETATM 980  O O   . HOH B 2 .   ? 7.630   5.915   -9.470  1.00 44.50 ? 222 HOH A O   1 
HETATM 981  O O   . HOH B 2 .   ? -5.512  8.975   21.967  1.00 45.23 ? 223 HOH A O   1 
HETATM 982  O O   . HOH B 2 .   ? -14.486 2.273   -0.444  1.00 45.41 ? 224 HOH A O   1 
HETATM 983  O O   . HOH B 2 .   ? -11.083 1.100   14.263  1.00 45.66 ? 225 HOH A O   1 
HETATM 984  O O   . HOH B 2 .   ? -14.888 -6.306  5.724   1.00 46.13 ? 226 HOH A O   1 
HETATM 985  O O   . HOH B 2 .   ? 11.785  -13.710 4.618   1.00 46.42 ? 227 HOH A O   1 
HETATM 986  O O   . HOH B 2 .   ? -13.934 -2.353  10.743  1.00 46.62 ? 228 HOH A O   1 
HETATM 987  O O   . HOH B 2 .   ? -5.281  -11.277 6.432   1.00 47.25 ? 229 HOH A O   1 
HETATM 988  O O   . HOH B 2 .   ? 10.567  -2.787  6.804   1.00 47.55 ? 230 HOH A O   1 
HETATM 989  O O   . HOH B 2 .   ? 14.486  -3.929  -11.530 1.00 47.94 ? 231 HOH A O   1 
HETATM 990  O O   . HOH B 2 .   ? 4.727   -11.718 -16.132 1.00 48.94 ? 232 HOH A O   1 
HETATM 991  O O   . HOH B 2 .   ? -7.140  -11.619 4.535   1.00 49.67 ? 233 HOH A O   1 
HETATM 992  O O   . HOH B 2 .   ? -1.280  20.524  3.960   1.00 50.29 ? 234 HOH A O   1 
HETATM 993  O O   . HOH B 2 .   ? -12.509 -0.486  16.107  1.00 51.23 ? 235 HOH A O   1 
HETATM 994  O O   . HOH B 2 .   ? 5.500   -5.089  -15.625 1.00 51.54 ? 236 HOH A O   1 
HETATM 995  O O   . HOH B 2 .   ? 16.160  1.952   -10.684 1.00 52.35 ? 237 HOH A O   1 
HETATM 996  O O   . HOH B 2 .   ? -1.775  -20.417 5.213   1.00 52.60 ? 238 HOH A O   1 
HETATM 997  O O   . HOH B 2 .   ? -5.217  4.174   -14.538 1.00 53.77 ? 239 HOH A O   1 
HETATM 998  O O   . HOH B 2 .   ? 16.860  -0.447  -11.601 1.00 54.45 ? 240 HOH A O   1 
HETATM 999  O O   . HOH B 2 .   ? 18.469  0.412   3.630   1.00 54.67 ? 241 HOH A O   1 
HETATM 1000 O O   . HOH B 2 .   ? -14.142 -5.709  1.737   1.00 55.65 ? 242 HOH A O   1 
HETATM 1001 O O   . HOH B 2 .   ? -4.576  4.290   -11.609 1.00 57.55 ? 243 HOH A O   1 
HETATM 1002 O O   . HOH B 2 .   ? -10.748 5.195   -9.887  1.00 62.05 ? 244 HOH A O   1 
# 
